data_1JGS
# 
_entry.id   1JGS 
# 
_audit_conform.dict_name       mmcif_pdbx.dic 
_audit_conform.dict_version    5.386 
_audit_conform.dict_location   http://mmcif.pdb.org/dictionaries/ascii/mmcif_pdbx.dic 
# 
loop_
_database_2.database_id 
_database_2.database_code 
_database_2.pdbx_database_accession 
_database_2.pdbx_DOI 
PDB   1JGS         pdb_00001jgs 10.2210/pdb1jgs/pdb 
RCSB  RCSB013753   ?            ?                   
WWPDB D_1000013753 ?            ?                   
# 
loop_
_pdbx_audit_revision_history.ordinal 
_pdbx_audit_revision_history.data_content_type 
_pdbx_audit_revision_history.major_revision 
_pdbx_audit_revision_history.minor_revision 
_pdbx_audit_revision_history.revision_date 
1 'Structure model' 1 0 2001-12-28 
2 'Structure model' 1 1 2008-04-27 
3 'Structure model' 1 2 2011-07-13 
4 'Structure model' 1 3 2024-02-07 
# 
_pdbx_audit_revision_details.ordinal             1 
_pdbx_audit_revision_details.revision_ordinal    1 
_pdbx_audit_revision_details.data_content_type   'Structure model' 
_pdbx_audit_revision_details.provider            repository 
_pdbx_audit_revision_details.type                'Initial release' 
_pdbx_audit_revision_details.description         ? 
_pdbx_audit_revision_details.details             ? 
# 
loop_
_pdbx_audit_revision_group.ordinal 
_pdbx_audit_revision_group.revision_ordinal 
_pdbx_audit_revision_group.data_content_type 
_pdbx_audit_revision_group.group 
1 2 'Structure model' 'Version format compliance' 
2 3 'Structure model' 'Derived calculations'      
3 3 'Structure model' 'Version format compliance' 
4 4 'Structure model' 'Data collection'           
5 4 'Structure model' 'Database references'       
6 4 'Structure model' 'Derived calculations'      
# 
loop_
_pdbx_audit_revision_category.ordinal 
_pdbx_audit_revision_category.revision_ordinal 
_pdbx_audit_revision_category.data_content_type 
_pdbx_audit_revision_category.category 
1 4 'Structure model' chem_comp_atom 
2 4 'Structure model' chem_comp_bond 
3 4 'Structure model' database_2     
4 4 'Structure model' struct_site    
# 
loop_
_pdbx_audit_revision_item.ordinal 
_pdbx_audit_revision_item.revision_ordinal 
_pdbx_audit_revision_item.data_content_type 
_pdbx_audit_revision_item.item 
1 4 'Structure model' '_database_2.pdbx_DOI'                
2 4 'Structure model' '_database_2.pdbx_database_accession' 
3 4 'Structure model' '_struct_site.pdbx_auth_asym_id'      
4 4 'Structure model' '_struct_site.pdbx_auth_comp_id'      
5 4 'Structure model' '_struct_site.pdbx_auth_seq_id'       
# 
_pdbx_database_status.status_code                     REL 
_pdbx_database_status.entry_id                        1JGS 
_pdbx_database_status.recvd_initial_deposition_date   2001-06-26 
_pdbx_database_status.deposit_site                    RCSB 
_pdbx_database_status.process_site                    RCSB 
_pdbx_database_status.SG_entry                        . 
_pdbx_database_status.pdb_format_compatible           Y 
_pdbx_database_status.status_code_mr                  ? 
_pdbx_database_status.status_code_sf                  ? 
_pdbx_database_status.status_code_cs                  ? 
_pdbx_database_status.status_code_nmr_data            ? 
_pdbx_database_status.methods_development_category    ? 
# 
loop_
_audit_author.name 
_audit_author.pdbx_ordinal 
'Alekshun, M.N.' 1 
'Levy, S.B.'     2 
'Mealy, T.R.'    3 
'Seaton, B.A.'   4 
'Head, J.F.'     5 
# 
_citation.id                        primary 
_citation.title                     
'The crystal structure of MarR, a regulator of multiple antibiotic resistance, at 2.3 A resolution.' 
_citation.journal_abbrev            Nat.Struct.Biol. 
_citation.journal_volume            8 
_citation.page_first                710 
_citation.page_last                 714 
_citation.year                      2001 
_citation.journal_id_ASTM           NSBIEW 
_citation.country                   US 
_citation.journal_id_ISSN           1072-8368 
_citation.journal_id_CSD            2024 
_citation.book_publisher            ? 
_citation.pdbx_database_id_PubMed   11473263 
_citation.pdbx_database_id_DOI      10.1038/90429 
# 
loop_
_citation_author.citation_id 
_citation_author.name 
_citation_author.ordinal 
_citation_author.identifier_ORCID 
primary 'Alekshun, M.N.' 1 ? 
primary 'Levy, S.B.'     2 ? 
primary 'Mealy, T.R.'    3 ? 
primary 'Seaton, B.A.'   4 ? 
primary 'Head, J.F.'     5 ? 
# 
loop_
_entity.id 
_entity.type 
_entity.src_method 
_entity.pdbx_description 
_entity.formula_weight 
_entity.pdbx_number_of_molecules 
_entity.pdbx_ec 
_entity.pdbx_mutation 
_entity.pdbx_fragment 
_entity.details 
1 polymer     man 'MULTIPLE ANTIBIOTIC RESISTANCE PROTEIN MARR' 15436.297 1 ? ? ? ? 
2 non-polymer syn '2-HYDROXYBENZOIC ACID'                       138.121   2 ? ? ? ? 
# 
_entity_poly.entity_id                      1 
_entity_poly.type                           'polypeptide(L)' 
_entity_poly.nstd_linkage                   no 
_entity_poly.nstd_monomer                   no 
_entity_poly.pdbx_seq_one_letter_code       
;LFNEIIPLGRLIHMVNQKKDRLLNEYLSPLDITAAQFKVLCSIRCAACITPVELKKVLSVDLGALTRMLDRLVCKGWVER
LPNPNDKRGVLVKLTTGGAAICEQCHQLVGQDLHQELTKNLTADEVATLEYLLKKVLP
;
_entity_poly.pdbx_seq_one_letter_code_can   
;LFNEIIPLGRLIHMVNQKKDRLLNEYLSPLDITAAQFKVLCSIRCAACITPVELKKVLSVDLGALTRMLDRLVCKGWVER
LPNPNDKRGVLVKLTTGGAAICEQCHQLVGQDLHQELTKNLTADEVATLEYLLKKVLP
;
_entity_poly.pdbx_strand_id                 A 
_entity_poly.pdbx_target_identifier         ? 
# 
_pdbx_entity_nonpoly.entity_id   2 
_pdbx_entity_nonpoly.name        '2-HYDROXYBENZOIC ACID' 
_pdbx_entity_nonpoly.comp_id     SAL 
# 
loop_
_entity_poly_seq.entity_id 
_entity_poly_seq.num 
_entity_poly_seq.mon_id 
_entity_poly_seq.hetero 
1 1   LEU n 
1 2   PHE n 
1 3   ASN n 
1 4   GLU n 
1 5   ILE n 
1 6   ILE n 
1 7   PRO n 
1 8   LEU n 
1 9   GLY n 
1 10  ARG n 
1 11  LEU n 
1 12  ILE n 
1 13  HIS n 
1 14  MET n 
1 15  VAL n 
1 16  ASN n 
1 17  GLN n 
1 18  LYS n 
1 19  LYS n 
1 20  ASP n 
1 21  ARG n 
1 22  LEU n 
1 23  LEU n 
1 24  ASN n 
1 25  GLU n 
1 26  TYR n 
1 27  LEU n 
1 28  SER n 
1 29  PRO n 
1 30  LEU n 
1 31  ASP n 
1 32  ILE n 
1 33  THR n 
1 34  ALA n 
1 35  ALA n 
1 36  GLN n 
1 37  PHE n 
1 38  LYS n 
1 39  VAL n 
1 40  LEU n 
1 41  CYS n 
1 42  SER n 
1 43  ILE n 
1 44  ARG n 
1 45  CYS n 
1 46  ALA n 
1 47  ALA n 
1 48  CYS n 
1 49  ILE n 
1 50  THR n 
1 51  PRO n 
1 52  VAL n 
1 53  GLU n 
1 54  LEU n 
1 55  LYS n 
1 56  LYS n 
1 57  VAL n 
1 58  LEU n 
1 59  SER n 
1 60  VAL n 
1 61  ASP n 
1 62  LEU n 
1 63  GLY n 
1 64  ALA n 
1 65  LEU n 
1 66  THR n 
1 67  ARG n 
1 68  MET n 
1 69  LEU n 
1 70  ASP n 
1 71  ARG n 
1 72  LEU n 
1 73  VAL n 
1 74  CYS n 
1 75  LYS n 
1 76  GLY n 
1 77  TRP n 
1 78  VAL n 
1 79  GLU n 
1 80  ARG n 
1 81  LEU n 
1 82  PRO n 
1 83  ASN n 
1 84  PRO n 
1 85  ASN n 
1 86  ASP n 
1 87  LYS n 
1 88  ARG n 
1 89  GLY n 
1 90  VAL n 
1 91  LEU n 
1 92  VAL n 
1 93  LYS n 
1 94  LEU n 
1 95  THR n 
1 96  THR n 
1 97  GLY n 
1 98  GLY n 
1 99  ALA n 
1 100 ALA n 
1 101 ILE n 
1 102 CYS n 
1 103 GLU n 
1 104 GLN n 
1 105 CYS n 
1 106 HIS n 
1 107 GLN n 
1 108 LEU n 
1 109 VAL n 
1 110 GLY n 
1 111 GLN n 
1 112 ASP n 
1 113 LEU n 
1 114 HIS n 
1 115 GLN n 
1 116 GLU n 
1 117 LEU n 
1 118 THR n 
1 119 LYS n 
1 120 ASN n 
1 121 LEU n 
1 122 THR n 
1 123 ALA n 
1 124 ASP n 
1 125 GLU n 
1 126 VAL n 
1 127 ALA n 
1 128 THR n 
1 129 LEU n 
1 130 GLU n 
1 131 TYR n 
1 132 LEU n 
1 133 LEU n 
1 134 LYS n 
1 135 LYS n 
1 136 VAL n 
1 137 LEU n 
1 138 PRO n 
# 
_entity_src_gen.entity_id                          1 
_entity_src_gen.pdbx_src_id                        1 
_entity_src_gen.pdbx_alt_source_flag               sample 
_entity_src_gen.pdbx_seq_type                      ? 
_entity_src_gen.pdbx_beg_seq_num                   ? 
_entity_src_gen.pdbx_end_seq_num                   ? 
_entity_src_gen.gene_src_common_name               ? 
_entity_src_gen.gene_src_genus                     Escherichia 
_entity_src_gen.pdbx_gene_src_gene                 ? 
_entity_src_gen.gene_src_species                   ? 
_entity_src_gen.gene_src_strain                    ? 
_entity_src_gen.gene_src_tissue                    ? 
_entity_src_gen.gene_src_tissue_fraction           ? 
_entity_src_gen.gene_src_details                   ? 
_entity_src_gen.pdbx_gene_src_fragment             ? 
_entity_src_gen.pdbx_gene_src_scientific_name      'Escherichia coli' 
_entity_src_gen.pdbx_gene_src_ncbi_taxonomy_id     562 
_entity_src_gen.pdbx_gene_src_variant              ? 
_entity_src_gen.pdbx_gene_src_cell_line            ? 
_entity_src_gen.pdbx_gene_src_atcc                 ? 
_entity_src_gen.pdbx_gene_src_organ                ? 
_entity_src_gen.pdbx_gene_src_organelle            ? 
_entity_src_gen.pdbx_gene_src_cell                 ? 
_entity_src_gen.pdbx_gene_src_cellular_location    ? 
_entity_src_gen.host_org_common_name               ? 
_entity_src_gen.pdbx_host_org_scientific_name      'Escherichia coli BL21(DE3)' 
_entity_src_gen.pdbx_host_org_ncbi_taxonomy_id     469008 
_entity_src_gen.host_org_genus                     Escherichia 
_entity_src_gen.pdbx_host_org_gene                 ? 
_entity_src_gen.pdbx_host_org_organ                ? 
_entity_src_gen.host_org_species                   'Escherichia coli' 
_entity_src_gen.pdbx_host_org_tissue               ? 
_entity_src_gen.pdbx_host_org_tissue_fraction      ? 
_entity_src_gen.pdbx_host_org_strain               'BL21(DE3)' 
_entity_src_gen.pdbx_host_org_variant              ? 
_entity_src_gen.pdbx_host_org_cell_line            ? 
_entity_src_gen.pdbx_host_org_atcc                 ? 
_entity_src_gen.pdbx_host_org_culture_collection   ? 
_entity_src_gen.pdbx_host_org_cell                 ? 
_entity_src_gen.pdbx_host_org_organelle            ? 
_entity_src_gen.pdbx_host_org_cellular_location    ? 
_entity_src_gen.pdbx_host_org_vector_type          ? 
_entity_src_gen.pdbx_host_org_vector               ? 
_entity_src_gen.host_org_details                   ? 
_entity_src_gen.expression_system_id               ? 
_entity_src_gen.plasmid_name                       ? 
_entity_src_gen.plasmid_details                    ? 
_entity_src_gen.pdbx_description                   ? 
# 
loop_
_chem_comp.id 
_chem_comp.type 
_chem_comp.mon_nstd_flag 
_chem_comp.name 
_chem_comp.pdbx_synonyms 
_chem_comp.formula 
_chem_comp.formula_weight 
ALA 'L-peptide linking' y ALANINE                 ?                'C3 H7 N O2'     89.093  
ARG 'L-peptide linking' y ARGININE                ?                'C6 H15 N4 O2 1' 175.209 
ASN 'L-peptide linking' y ASPARAGINE              ?                'C4 H8 N2 O3'    132.118 
ASP 'L-peptide linking' y 'ASPARTIC ACID'         ?                'C4 H7 N O4'     133.103 
CYS 'L-peptide linking' y CYSTEINE                ?                'C3 H7 N O2 S'   121.158 
GLN 'L-peptide linking' y GLUTAMINE               ?                'C5 H10 N2 O3'   146.144 
GLU 'L-peptide linking' y 'GLUTAMIC ACID'         ?                'C5 H9 N O4'     147.129 
GLY 'peptide linking'   y GLYCINE                 ?                'C2 H5 N O2'     75.067  
HIS 'L-peptide linking' y HISTIDINE               ?                'C6 H10 N3 O2 1' 156.162 
ILE 'L-peptide linking' y ISOLEUCINE              ?                'C6 H13 N O2'    131.173 
LEU 'L-peptide linking' y LEUCINE                 ?                'C6 H13 N O2'    131.173 
LYS 'L-peptide linking' y LYSINE                  ?                'C6 H15 N2 O2 1' 147.195 
MET 'L-peptide linking' y METHIONINE              ?                'C5 H11 N O2 S'  149.211 
PHE 'L-peptide linking' y PHENYLALANINE           ?                'C9 H11 N O2'    165.189 
PRO 'L-peptide linking' y PROLINE                 ?                'C5 H9 N O2'     115.130 
SAL non-polymer         . '2-HYDROXYBENZOIC ACID' 'SALICYLIC ACID' 'C7 H6 O3'       138.121 
SER 'L-peptide linking' y SERINE                  ?                'C3 H7 N O3'     105.093 
THR 'L-peptide linking' y THREONINE               ?                'C4 H9 N O3'     119.119 
TRP 'L-peptide linking' y TRYPTOPHAN              ?                'C11 H12 N2 O2'  204.225 
TYR 'L-peptide linking' y TYROSINE                ?                'C9 H11 N O3'    181.189 
VAL 'L-peptide linking' y VALINE                  ?                'C5 H11 N O2'    117.146 
# 
loop_
_pdbx_poly_seq_scheme.asym_id 
_pdbx_poly_seq_scheme.entity_id 
_pdbx_poly_seq_scheme.seq_id 
_pdbx_poly_seq_scheme.mon_id 
_pdbx_poly_seq_scheme.ndb_seq_num 
_pdbx_poly_seq_scheme.pdb_seq_num 
_pdbx_poly_seq_scheme.auth_seq_num 
_pdbx_poly_seq_scheme.pdb_mon_id 
_pdbx_poly_seq_scheme.auth_mon_id 
_pdbx_poly_seq_scheme.pdb_strand_id 
_pdbx_poly_seq_scheme.pdb_ins_code 
_pdbx_poly_seq_scheme.hetero 
A 1 1   LEU 1   7   7   LEU LEU A . n 
A 1 2   PHE 2   8   8   PHE PHE A . n 
A 1 3   ASN 3   9   9   ASN ASN A . n 
A 1 4   GLU 4   10  10  GLU GLU A . n 
A 1 5   ILE 5   11  11  ILE ILE A . n 
A 1 6   ILE 6   12  12  ILE ILE A . n 
A 1 7   PRO 7   13  13  PRO PRO A . n 
A 1 8   LEU 8   14  14  LEU LEU A . n 
A 1 9   GLY 9   15  15  GLY GLY A . n 
A 1 10  ARG 10  16  16  ARG ARG A . n 
A 1 11  LEU 11  17  17  LEU LEU A . n 
A 1 12  ILE 12  18  18  ILE ILE A . n 
A 1 13  HIS 13  19  19  HIS HIS A . n 
A 1 14  MET 14  20  20  MET MET A . n 
A 1 15  VAL 15  21  21  VAL VAL A . n 
A 1 16  ASN 16  22  22  ASN ASN A . n 
A 1 17  GLN 17  23  23  GLN GLN A . n 
A 1 18  LYS 18  24  24  LYS LYS A . n 
A 1 19  LYS 19  25  25  LYS LYS A . n 
A 1 20  ASP 20  26  26  ASP ASP A . n 
A 1 21  ARG 21  27  27  ARG ARG A . n 
A 1 22  LEU 22  28  28  LEU LEU A . n 
A 1 23  LEU 23  29  29  LEU LEU A . n 
A 1 24  ASN 24  30  30  ASN ASN A . n 
A 1 25  GLU 25  31  31  GLU GLU A . n 
A 1 26  TYR 26  32  32  TYR TYR A . n 
A 1 27  LEU 27  33  33  LEU LEU A . n 
A 1 28  SER 28  34  34  SER SER A . n 
A 1 29  PRO 29  35  35  PRO PRO A . n 
A 1 30  LEU 30  36  36  LEU LEU A . n 
A 1 31  ASP 31  37  37  ASP ASP A . n 
A 1 32  ILE 32  38  38  ILE ILE A . n 
A 1 33  THR 33  39  39  THR THR A . n 
A 1 34  ALA 34  40  40  ALA ALA A . n 
A 1 35  ALA 35  41  41  ALA ALA A . n 
A 1 36  GLN 36  42  42  GLN GLN A . n 
A 1 37  PHE 37  43  43  PHE PHE A . n 
A 1 38  LYS 38  44  44  LYS LYS A . n 
A 1 39  VAL 39  45  45  VAL VAL A . n 
A 1 40  LEU 40  46  46  LEU LEU A . n 
A 1 41  CYS 41  47  47  CYS CYS A . n 
A 1 42  SER 42  48  48  SER SER A . n 
A 1 43  ILE 43  49  49  ILE ILE A . n 
A 1 44  ARG 44  50  50  ARG ARG A . n 
A 1 45  CYS 45  51  51  CYS CYS A . n 
A 1 46  ALA 46  52  52  ALA ALA A . n 
A 1 47  ALA 47  53  53  ALA ALA A . n 
A 1 48  CYS 48  54  54  CYS CYS A . n 
A 1 49  ILE 49  55  55  ILE ILE A . n 
A 1 50  THR 50  56  56  THR THR A . n 
A 1 51  PRO 51  57  57  PRO PRO A . n 
A 1 52  VAL 52  58  58  VAL VAL A . n 
A 1 53  GLU 53  59  59  GLU GLU A . n 
A 1 54  LEU 54  60  60  LEU LEU A . n 
A 1 55  LYS 55  61  61  LYS LYS A . n 
A 1 56  LYS 56  62  62  LYS LYS A . n 
A 1 57  VAL 57  63  63  VAL VAL A . n 
A 1 58  LEU 58  64  64  LEU LEU A . n 
A 1 59  SER 59  65  65  SER SER A . n 
A 1 60  VAL 60  66  66  VAL VAL A . n 
A 1 61  ASP 61  67  67  ASP ASP A . n 
A 1 62  LEU 62  68  68  LEU LEU A . n 
A 1 63  GLY 63  69  69  GLY GLY A . n 
A 1 64  ALA 64  70  70  ALA ALA A . n 
A 1 65  LEU 65  71  71  LEU LEU A . n 
A 1 66  THR 66  72  72  THR THR A . n 
A 1 67  ARG 67  73  73  ARG ARG A . n 
A 1 68  MET 68  74  74  MET MET A . n 
A 1 69  LEU 69  75  75  LEU LEU A . n 
A 1 70  ASP 70  76  76  ASP ASP A . n 
A 1 71  ARG 71  77  77  ARG ARG A . n 
A 1 72  LEU 72  78  78  LEU LEU A . n 
A 1 73  VAL 73  79  79  VAL VAL A . n 
A 1 74  CYS 74  80  80  CYS CYS A . n 
A 1 75  LYS 75  81  81  LYS LYS A . n 
A 1 76  GLY 76  82  82  GLY GLY A . n 
A 1 77  TRP 77  83  83  TRP TRP A . n 
A 1 78  VAL 78  84  84  VAL VAL A . n 
A 1 79  GLU 79  85  85  GLU GLU A . n 
A 1 80  ARG 80  86  86  ARG ARG A . n 
A 1 81  LEU 81  87  87  LEU LEU A . n 
A 1 82  PRO 82  88  88  PRO PRO A . n 
A 1 83  ASN 83  89  89  ASN ASN A . n 
A 1 84  PRO 84  90  90  PRO PRO A . n 
A 1 85  ASN 85  91  91  ASN ASN A . n 
A 1 86  ASP 86  92  92  ASP ASP A . n 
A 1 87  LYS 87  93  93  LYS LYS A . n 
A 1 88  ARG 88  94  94  ARG ARG A . n 
A 1 89  GLY 89  95  95  GLY GLY A . n 
A 1 90  VAL 90  96  96  VAL VAL A . n 
A 1 91  LEU 91  97  97  LEU LEU A . n 
A 1 92  VAL 92  98  98  VAL VAL A . n 
A 1 93  LYS 93  99  99  LYS LYS A . n 
A 1 94  LEU 94  100 100 LEU LEU A . n 
A 1 95  THR 95  101 101 THR THR A . n 
A 1 96  THR 96  102 102 THR THR A . n 
A 1 97  GLY 97  103 103 GLY GLY A . n 
A 1 98  GLY 98  104 104 GLY GLY A . n 
A 1 99  ALA 99  105 105 ALA ALA A . n 
A 1 100 ALA 100 106 106 ALA ALA A . n 
A 1 101 ILE 101 107 107 ILE ILE A . n 
A 1 102 CYS 102 108 108 CYS CYS A . n 
A 1 103 GLU 103 109 109 GLU GLU A . n 
A 1 104 GLN 104 110 110 GLN GLN A . n 
A 1 105 CYS 105 111 111 CYS CYS A . n 
A 1 106 HIS 106 112 112 HIS HIS A . n 
A 1 107 GLN 107 113 113 GLN GLN A . n 
A 1 108 LEU 108 114 114 LEU LEU A . n 
A 1 109 VAL 109 115 115 VAL VAL A . n 
A 1 110 GLY 110 116 116 GLY GLY A . n 
A 1 111 GLN 111 117 117 GLN GLN A . n 
A 1 112 ASP 112 118 118 ASP ASP A . n 
A 1 113 LEU 113 119 119 LEU LEU A . n 
A 1 114 HIS 114 120 120 HIS HIS A . n 
A 1 115 GLN 115 121 121 GLN GLN A . n 
A 1 116 GLU 116 122 122 GLU GLU A . n 
A 1 117 LEU 117 123 123 LEU LEU A . n 
A 1 118 THR 118 124 124 THR THR A . n 
A 1 119 LYS 119 125 125 LYS LYS A . n 
A 1 120 ASN 120 126 126 ASN ASN A . n 
A 1 121 LEU 121 127 127 LEU LEU A . n 
A 1 122 THR 122 128 128 THR THR A . n 
A 1 123 ALA 123 129 129 ALA ALA A . n 
A 1 124 ASP 124 130 130 ASP ASP A . n 
A 1 125 GLU 125 131 131 GLU GLU A . n 
A 1 126 VAL 126 132 132 VAL VAL A . n 
A 1 127 ALA 127 133 133 ALA ALA A . n 
A 1 128 THR 128 134 134 THR THR A . n 
A 1 129 LEU 129 135 135 LEU LEU A . n 
A 1 130 GLU 130 136 136 GLU GLU A . n 
A 1 131 TYR 131 137 137 TYR TYR A . n 
A 1 132 LEU 132 138 138 LEU LEU A . n 
A 1 133 LEU 133 139 139 LEU LEU A . n 
A 1 134 LYS 134 140 140 LYS LYS A . n 
A 1 135 LYS 135 141 141 LYS LYS A . n 
A 1 136 VAL 136 142 142 VAL VAL A . n 
A 1 137 LEU 137 143 143 LEU LEU A . n 
A 1 138 PRO 138 144 144 PRO PRO A . n 
# 
loop_
_pdbx_nonpoly_scheme.asym_id 
_pdbx_nonpoly_scheme.entity_id 
_pdbx_nonpoly_scheme.mon_id 
_pdbx_nonpoly_scheme.ndb_seq_num 
_pdbx_nonpoly_scheme.pdb_seq_num 
_pdbx_nonpoly_scheme.auth_seq_num 
_pdbx_nonpoly_scheme.pdb_mon_id 
_pdbx_nonpoly_scheme.auth_mon_id 
_pdbx_nonpoly_scheme.pdb_strand_id 
_pdbx_nonpoly_scheme.pdb_ins_code 
B 2 SAL 1 256 256 SAL SAL A . 
C 2 SAL 1 257 257 SAL SAL A . 
# 
loop_
_software.name 
_software.classification 
_software.version 
_software.citation_id 
_software.pdbx_ordinal 
DENZO     'data reduction' .   ? 1 
SCALEPACK 'data scaling'   .   ? 2 
SOLVE     phasing          .   ? 3 
CNS       refinement       1.0 ? 4 
# 
_cell.entry_id           1JGS 
_cell.length_a           62.000 
_cell.length_b           62.000 
_cell.length_c           132.890 
_cell.angle_alpha        90.00 
_cell.angle_beta         90.00 
_cell.angle_gamma        90.00 
_cell.Z_PDB              16 
_cell.pdbx_unique_axis   ? 
# 
_symmetry.entry_id                         1JGS 
_symmetry.space_group_name_H-M             'I 41 2 2' 
_symmetry.pdbx_full_space_group_name_H-M   ? 
_symmetry.cell_setting                     ? 
_symmetry.Int_Tables_number                98 
# 
_exptl.entry_id          1JGS 
_exptl.method            'X-RAY DIFFRACTION' 
_exptl.crystals_number   1 
# 
_exptl_crystal.id                    1 
_exptl_crystal.density_meas          ? 
_exptl_crystal.density_Matthews      2.07 
_exptl_crystal.density_percent_sol   40.51 
_exptl_crystal.description           ? 
# 
_exptl_crystal_grow.crystal_id      1 
_exptl_crystal_grow.method          'VAPOR DIFFUSION, HANGING DROP' 
_exptl_crystal_grow.temp            290 
_exptl_crystal_grow.temp_details    ? 
_exptl_crystal_grow.pH              5.5 
_exptl_crystal_grow.pdbx_details    
;PEG MME 5000, ammonium sulfate, sodium salicylate, heptanetriol, glycerol, DTT, pH 5.5, VAPOR DIFFUSION, HANGING DROP, temperature 290K
;
_exptl_crystal_grow.pdbx_pH_range   . 
# 
_diffrn.id                     1 
_diffrn.ambient_temp           100 
_diffrn.ambient_temp_details   ? 
_diffrn.crystal_id             1 
# 
_diffrn_detector.diffrn_id              1 
_diffrn_detector.detector               CCD 
_diffrn_detector.type                   'ADSC QUANTUM 4' 
_diffrn_detector.pdbx_collection_date   ? 
_diffrn_detector.details                ? 
# 
_diffrn_radiation.diffrn_id                        1 
_diffrn_radiation.wavelength_id                    1 
_diffrn_radiation.pdbx_monochromatic_or_laue_m_l   M 
_diffrn_radiation.monochromator                    ? 
_diffrn_radiation.pdbx_diffrn_protocol             MAD 
_diffrn_radiation.pdbx_scattering_type             x-ray 
# 
_diffrn_radiation_wavelength.id           1 
_diffrn_radiation_wavelength.wavelength   1.072 
_diffrn_radiation_wavelength.wt           1.0 
# 
_diffrn_source.diffrn_id                   1 
_diffrn_source.source                      SYNCHROTRON 
_diffrn_source.type                        'NSLS BEAMLINE X8C' 
_diffrn_source.pdbx_synchrotron_site       NSLS 
_diffrn_source.pdbx_synchrotron_beamline   X8C 
_diffrn_source.pdbx_wavelength             ? 
_diffrn_source.pdbx_wavelength_list        1.072 
# 
_reflns.entry_id                     1JGS 
_reflns.observed_criterion_sigma_I   ? 
_reflns.observed_criterion_sigma_F   ? 
_reflns.d_resolution_low             50 
_reflns.d_resolution_high            2.3 
_reflns.number_obs                   6069 
_reflns.number_all                   ? 
_reflns.percent_possible_obs         99.5 
_reflns.pdbx_Rmerge_I_obs            0.06 
_reflns.pdbx_Rsym_value              ? 
_reflns.pdbx_netI_over_sigmaI        21.1 
_reflns.B_iso_Wilson_estimate        ? 
_reflns.pdbx_redundancy              9.5 
_reflns.R_free_details               ? 
_reflns.limit_h_max                  ? 
_reflns.limit_h_min                  ? 
_reflns.limit_k_max                  ? 
_reflns.limit_k_min                  ? 
_reflns.limit_l_max                  ? 
_reflns.limit_l_min                  ? 
_reflns.observed_criterion_F_max     ? 
_reflns.observed_criterion_F_min     ? 
_reflns.pdbx_ordinal                 1 
_reflns.pdbx_diffrn_id               1 
# 
_reflns_shell.d_res_high             2.3 
_reflns_shell.d_res_low              2.38 
_reflns_shell.percent_possible_all   100 
_reflns_shell.Rmerge_I_obs           0.2 
_reflns_shell.pdbx_Rsym_value        ? 
_reflns_shell.meanI_over_sigI_obs    12 
_reflns_shell.pdbx_redundancy        ? 
_reflns_shell.percent_possible_obs   ? 
_reflns_shell.number_unique_all      ? 
_reflns_shell.pdbx_ordinal           1 
_reflns_shell.pdbx_diffrn_id         1 
# 
_refine.entry_id                                 1JGS 
_refine.ls_number_reflns_obs                     5968 
_refine.ls_number_reflns_all                     6903 
_refine.pdbx_ls_sigma_I                          ? 
_refine.pdbx_ls_sigma_F                          ? 
_refine.pdbx_data_cutoff_high_absF               ? 
_refine.pdbx_data_cutoff_low_absF                ? 
_refine.ls_d_res_low                             50 
_refine.ls_d_res_high                            2.3 
_refine.ls_percent_reflns_obs                    ? 
_refine.ls_R_factor_obs                          ? 
_refine.ls_R_factor_all                          ? 
_refine.ls_R_factor_R_work                       0.247 
_refine.ls_R_factor_R_free                       0.287 
_refine.ls_R_factor_R_free_error                 ? 
_refine.ls_R_factor_R_free_error_details         ? 
_refine.ls_percent_reflns_R_free                 ? 
_refine.ls_number_reflns_R_free                  506 
_refine.ls_number_parameters                     ? 
_refine.ls_number_restraints                     ? 
_refine.occupancy_min                            ? 
_refine.occupancy_max                            ? 
_refine.B_iso_mean                               ? 
_refine.aniso_B[1][1]                            ? 
_refine.aniso_B[2][2]                            ? 
_refine.aniso_B[3][3]                            ? 
_refine.aniso_B[1][2]                            ? 
_refine.aniso_B[1][3]                            ? 
_refine.aniso_B[2][3]                            ? 
_refine.solvent_model_details                    ? 
_refine.solvent_model_param_ksol                 ? 
_refine.solvent_model_param_bsol                 ? 
_refine.pdbx_ls_cross_valid_method               THROUGHOUT 
_refine.details                                  ? 
_refine.pdbx_starting_model                      ? 
_refine.pdbx_method_to_determine_struct          MAD 
_refine.pdbx_isotropic_thermal_model             ? 
_refine.pdbx_stereochemistry_target_values       ? 
_refine.pdbx_stereochem_target_val_spec_case     ? 
_refine.pdbx_R_Free_selection_details            random 
_refine.pdbx_overall_ESU_R_Free                  ? 
_refine.overall_SU_B                             ? 
_refine.ls_redundancy_reflns_obs                 ? 
_refine.B_iso_min                                ? 
_refine.B_iso_max                                ? 
_refine.correlation_coeff_Fo_to_Fc               ? 
_refine.correlation_coeff_Fo_to_Fc_free          ? 
_refine.overall_SU_R_Cruickshank_DPI             ? 
_refine.overall_SU_R_free                        ? 
_refine.overall_SU_ML                            ? 
_refine.pdbx_overall_ESU_R                       ? 
_refine.pdbx_data_cutoff_high_rms_absF           ? 
_refine.pdbx_solvent_vdw_probe_radii             ? 
_refine.pdbx_solvent_ion_probe_radii             ? 
_refine.pdbx_solvent_shrinkage_radii             ? 
_refine.pdbx_refine_id                           'X-RAY DIFFRACTION' 
_refine.pdbx_diffrn_id                           1 
_refine.pdbx_TLS_residual_ADP_flag               ? 
_refine.pdbx_overall_phase_error                 ? 
_refine.pdbx_overall_SU_R_free_Cruickshank_DPI   ? 
_refine.pdbx_overall_SU_R_Blow_DPI               ? 
_refine.pdbx_overall_SU_R_free_Blow_DPI          ? 
# 
_refine_hist.pdbx_refine_id                   'X-RAY DIFFRACTION' 
_refine_hist.cycle_id                         LAST 
_refine_hist.pdbx_number_atoms_protein        1078 
_refine_hist.pdbx_number_atoms_nucleic_acid   0 
_refine_hist.pdbx_number_atoms_ligand         20 
_refine_hist.number_atoms_solvent             0 
_refine_hist.number_atoms_total               1098 
_refine_hist.d_res_high                       2.3 
_refine_hist.d_res_low                        50 
# 
loop_
_refine_ls_restr.type 
_refine_ls_restr.dev_ideal 
_refine_ls_restr.dev_ideal_target 
_refine_ls_restr.weight 
_refine_ls_restr.number 
_refine_ls_restr.pdbx_refine_id 
_refine_ls_restr.pdbx_restraint_function 
c_bond_d  0.007 ? ? ? 'X-RAY DIFFRACTION' ? 
c_angle_d 1.18  ? ? ? 'X-RAY DIFFRACTION' ? 
# 
_struct.entry_id                  1JGS 
_struct.title                     'Multiple Antibiotic Resistance Repressor, MarR' 
_struct.pdbx_model_details        ? 
_struct.pdbx_CASP_flag            ? 
_struct.pdbx_model_type_details   ? 
# 
_struct_keywords.entry_id        1JGS 
_struct_keywords.pdbx_keywords   TRANSCRIPTION 
_struct_keywords.text            'Transcription regulation, DNA-binding, Repressor, Antibiotic resistance, TRANSCRIPTION' 
# 
loop_
_struct_asym.id 
_struct_asym.pdbx_blank_PDB_chainid_flag 
_struct_asym.pdbx_modified 
_struct_asym.entity_id 
_struct_asym.details 
A N N 1 ? 
B N N 2 ? 
C N N 2 ? 
# 
_struct_ref.id                         1 
_struct_ref.db_name                    UNP 
_struct_ref.db_code                    MARR_ECOLI 
_struct_ref.entity_id                  1 
_struct_ref.pdbx_seq_one_letter_code   
;LFNEIIPLGRLIHMVNQKKDRLLNEYLSPLDITAAQFKVLCSIRCAACITPVELKKVLSVDLGALTRMLDRLVCKGWVER
LPNPNDKRGVLVKLTTGGAAICEQCHQLVGQDLHQELTKNLTADEVATLEYLLKKVLP
;
_struct_ref.pdbx_align_begin           7 
_struct_ref.pdbx_db_accession          P27245 
_struct_ref.pdbx_db_isoform            ? 
# 
_struct_ref_seq.align_id                      1 
_struct_ref_seq.ref_id                        1 
_struct_ref_seq.pdbx_PDB_id_code              1JGS 
_struct_ref_seq.pdbx_strand_id                A 
_struct_ref_seq.seq_align_beg                 1 
_struct_ref_seq.pdbx_seq_align_beg_ins_code   ? 
_struct_ref_seq.seq_align_end                 138 
_struct_ref_seq.pdbx_seq_align_end_ins_code   ? 
_struct_ref_seq.pdbx_db_accession             P27245 
_struct_ref_seq.db_align_beg                  7 
_struct_ref_seq.pdbx_db_align_beg_ins_code    ? 
_struct_ref_seq.db_align_end                  144 
_struct_ref_seq.pdbx_db_align_end_ins_code    ? 
_struct_ref_seq.pdbx_auth_seq_align_beg       7 
_struct_ref_seq.pdbx_auth_seq_align_end       144 
# 
_pdbx_struct_assembly.id                   1 
_pdbx_struct_assembly.details              author_and_software_defined_assembly 
_pdbx_struct_assembly.method_details       PISA,PQS 
_pdbx_struct_assembly.oligomeric_details   dimeric 
_pdbx_struct_assembly.oligomeric_count     2 
# 
loop_
_pdbx_struct_assembly_prop.biol_id 
_pdbx_struct_assembly_prop.type 
_pdbx_struct_assembly_prop.value 
_pdbx_struct_assembly_prop.details 
1 'ABSA (A^2)' 5290  ? 
1 MORE         -24   ? 
1 'SSA (A^2)'  15490 ? 
# 
_pdbx_struct_assembly_gen.assembly_id       1 
_pdbx_struct_assembly_gen.oper_expression   1,2 
_pdbx_struct_assembly_gen.asym_id_list      A,B,C 
# 
loop_
_pdbx_struct_oper_list.id 
_pdbx_struct_oper_list.type 
_pdbx_struct_oper_list.name 
_pdbx_struct_oper_list.symmetry_operation 
_pdbx_struct_oper_list.matrix[1][1] 
_pdbx_struct_oper_list.matrix[1][2] 
_pdbx_struct_oper_list.matrix[1][3] 
_pdbx_struct_oper_list.vector[1] 
_pdbx_struct_oper_list.matrix[2][1] 
_pdbx_struct_oper_list.matrix[2][2] 
_pdbx_struct_oper_list.matrix[2][3] 
_pdbx_struct_oper_list.vector[2] 
_pdbx_struct_oper_list.matrix[3][1] 
_pdbx_struct_oper_list.matrix[3][2] 
_pdbx_struct_oper_list.matrix[3][3] 
_pdbx_struct_oper_list.vector[3] 
1 'identity operation'         1_555 x,y,z           1.0000000000  0.0000000000 0.0000000000  0.0000000000 0.0000000000 1.0000000000 0.0000000000  0.0000000000 0.0000000000  0.0000000000  1.0000000000  0.0000000000  
2 'crystal symmetry operation' 6_555 x,-y+1/2,-z+1/4 -0.9853009707 0.1559031433 -0.0698298438 3.5370992250 0.1559031433 0.6535642971 -0.7406402092 7.2091288780 -0.0698298438 -0.7406402092 -0.6682633264 16.8397595195 
# 
_struct_biol.id                    1 
_struct_biol.details               'Dimer generated by crystallographic two fold rotation around an axis parallel to the x-axis.' 
_struct_biol.pdbx_parent_biol_id   ? 
# 
loop_
_struct_conf.conf_type_id 
_struct_conf.id 
_struct_conf.pdbx_PDB_helix_id 
_struct_conf.beg_label_comp_id 
_struct_conf.beg_label_asym_id 
_struct_conf.beg_label_seq_id 
_struct_conf.pdbx_beg_PDB_ins_code 
_struct_conf.end_label_comp_id 
_struct_conf.end_label_asym_id 
_struct_conf.end_label_seq_id 
_struct_conf.pdbx_end_PDB_ins_code 
_struct_conf.beg_auth_comp_id 
_struct_conf.beg_auth_asym_id 
_struct_conf.beg_auth_seq_id 
_struct_conf.end_auth_comp_id 
_struct_conf.end_auth_asym_id 
_struct_conf.end_auth_seq_id 
_struct_conf.pdbx_PDB_helix_class 
_struct_conf.details 
_struct_conf.pdbx_PDB_helix_length 
HELX_P HELX_P1 1 PRO A 7   ? SER A 28  ? PRO A 13  SER A 34  1 ? 22 
HELX_P HELX_P2 2 THR A 33  ? ALA A 47  ? THR A 39  ALA A 53  1 ? 15 
HELX_P HELX_P3 3 THR A 50  ? SER A 59  ? THR A 56  SER A 65  1 ? 10 
HELX_P HELX_P4 4 ASP A 61  ? LYS A 75  ? ASP A 67  LYS A 81  1 ? 15 
HELX_P HELX_P5 5 THR A 95  ? LYS A 119 ? THR A 101 LYS A 125 1 ? 25 
HELX_P HELX_P6 6 GLU A 125 ? LYS A 135 ? GLU A 131 LYS A 141 1 ? 11 
# 
_struct_conf_type.id          HELX_P 
_struct_conf_type.criteria    ? 
_struct_conf_type.reference   ? 
# 
_struct_sheet.id               A 
_struct_sheet.type             ? 
_struct_sheet.number_strands   2 
_struct_sheet.details          ? 
# 
_struct_sheet_order.sheet_id     A 
_struct_sheet_order.range_id_1   1 
_struct_sheet_order.range_id_2   2 
_struct_sheet_order.offset       ? 
_struct_sheet_order.sense        anti-parallel 
# 
loop_
_struct_sheet_range.sheet_id 
_struct_sheet_range.id 
_struct_sheet_range.beg_label_comp_id 
_struct_sheet_range.beg_label_asym_id 
_struct_sheet_range.beg_label_seq_id 
_struct_sheet_range.pdbx_beg_PDB_ins_code 
_struct_sheet_range.end_label_comp_id 
_struct_sheet_range.end_label_asym_id 
_struct_sheet_range.end_label_seq_id 
_struct_sheet_range.pdbx_end_PDB_ins_code 
_struct_sheet_range.beg_auth_comp_id 
_struct_sheet_range.beg_auth_asym_id 
_struct_sheet_range.beg_auth_seq_id 
_struct_sheet_range.end_auth_comp_id 
_struct_sheet_range.end_auth_asym_id 
_struct_sheet_range.end_auth_seq_id 
A 1 VAL A 78 ? PRO A 82 ? VAL A 84 PRO A 88  
A 2 VAL A 90 ? LEU A 94 ? VAL A 96 LEU A 100 
# 
_pdbx_struct_sheet_hbond.sheet_id                A 
_pdbx_struct_sheet_hbond.range_id_1              1 
_pdbx_struct_sheet_hbond.range_id_2              2 
_pdbx_struct_sheet_hbond.range_1_label_atom_id   O 
_pdbx_struct_sheet_hbond.range_1_label_comp_id   LEU 
_pdbx_struct_sheet_hbond.range_1_label_asym_id   A 
_pdbx_struct_sheet_hbond.range_1_label_seq_id    81 
_pdbx_struct_sheet_hbond.range_1_PDB_ins_code    ? 
_pdbx_struct_sheet_hbond.range_1_auth_atom_id    O 
_pdbx_struct_sheet_hbond.range_1_auth_comp_id    LEU 
_pdbx_struct_sheet_hbond.range_1_auth_asym_id    A 
_pdbx_struct_sheet_hbond.range_1_auth_seq_id     87 
_pdbx_struct_sheet_hbond.range_2_label_atom_id   N 
_pdbx_struct_sheet_hbond.range_2_label_comp_id   LEU 
_pdbx_struct_sheet_hbond.range_2_label_asym_id   A 
_pdbx_struct_sheet_hbond.range_2_label_seq_id    91 
_pdbx_struct_sheet_hbond.range_2_PDB_ins_code    ? 
_pdbx_struct_sheet_hbond.range_2_auth_atom_id    N 
_pdbx_struct_sheet_hbond.range_2_auth_comp_id    LEU 
_pdbx_struct_sheet_hbond.range_2_auth_asym_id    A 
_pdbx_struct_sheet_hbond.range_2_auth_seq_id     97 
# 
loop_
_struct_site.id 
_struct_site.pdbx_evidence_code 
_struct_site.pdbx_auth_asym_id 
_struct_site.pdbx_auth_comp_id 
_struct_site.pdbx_auth_seq_id 
_struct_site.pdbx_auth_ins_code 
_struct_site.pdbx_num_residues 
_struct_site.details 
AC1 Software A SAL 256 ? 7 'BINDING SITE FOR RESIDUE SAL A 256' 
AC2 Software A SAL 257 ? 5 'BINDING SITE FOR RESIDUE SAL A 257' 
# 
loop_
_struct_site_gen.id 
_struct_site_gen.site_id 
_struct_site_gen.pdbx_num_res 
_struct_site_gen.label_comp_id 
_struct_site_gen.label_asym_id 
_struct_site_gen.label_seq_id 
_struct_site_gen.pdbx_auth_ins_code 
_struct_site_gen.auth_comp_id 
_struct_site_gen.auth_asym_id 
_struct_site_gen.auth_seq_id 
_struct_site_gen.label_atom_id 
_struct_site_gen.label_alt_id 
_struct_site_gen.symmetry 
_struct_site_gen.details 
1  AC1 7 PRO A 51 ? PRO A 57 . ? 1_555  ? 
2  AC1 7 LEU A 62 ? LEU A 68 . ? 1_555  ? 
3  AC1 7 THR A 66 ? THR A 72 . ? 1_555  ? 
4  AC1 7 ARG A 80 ? ARG A 86 . ? 10_565 ? 
5  AC1 7 ARG A 80 ? ARG A 86 . ? 1_555  ? 
6  AC1 7 ARG A 88 ? ARG A 94 . ? 10_565 ? 
7  AC1 7 VAL A 90 ? VAL A 96 . ? 10_565 ? 
8  AC2 5 THR A 33 ? THR A 39 . ? 1_555  ? 
9  AC2 5 ALA A 35 ? ALA A 41 . ? 1_555  ? 
10 AC2 5 GLN A 36 ? GLN A 42 . ? 1_555  ? 
11 AC2 5 ALA A 64 ? ALA A 70 . ? 1_555  ? 
12 AC2 5 MET A 68 ? MET A 74 . ? 1_555  ? 
# 
loop_
_pdbx_validate_torsion.id 
_pdbx_validate_torsion.PDB_model_num 
_pdbx_validate_torsion.auth_comp_id 
_pdbx_validate_torsion.auth_asym_id 
_pdbx_validate_torsion.auth_seq_id 
_pdbx_validate_torsion.PDB_ins_code 
_pdbx_validate_torsion.label_alt_id 
_pdbx_validate_torsion.phi 
_pdbx_validate_torsion.psi 
1 1 ALA A 53  ? ? 70.65   -60.18  
2 1 ASN A 91  ? ? -65.70  9.05    
3 1 ASP A 92  ? ? -142.66 -142.86 
4 1 LYS A 93  ? ? 173.42  -14.49  
5 1 GLU A 131 ? ? 85.39   100.26  
6 1 VAL A 132 ? ? -39.87  -28.95  
# 
loop_
_chem_comp_atom.comp_id 
_chem_comp_atom.atom_id 
_chem_comp_atom.type_symbol 
_chem_comp_atom.pdbx_aromatic_flag 
_chem_comp_atom.pdbx_stereo_config 
_chem_comp_atom.pdbx_ordinal 
ALA N      N N N 1   
ALA CA     C N S 2   
ALA C      C N N 3   
ALA O      O N N 4   
ALA CB     C N N 5   
ALA OXT    O N N 6   
ALA H      H N N 7   
ALA H2     H N N 8   
ALA HA     H N N 9   
ALA HB1    H N N 10  
ALA HB2    H N N 11  
ALA HB3    H N N 12  
ALA HXT    H N N 13  
ARG N      N N N 14  
ARG CA     C N S 15  
ARG C      C N N 16  
ARG O      O N N 17  
ARG CB     C N N 18  
ARG CG     C N N 19  
ARG CD     C N N 20  
ARG NE     N N N 21  
ARG CZ     C N N 22  
ARG NH1    N N N 23  
ARG NH2    N N N 24  
ARG OXT    O N N 25  
ARG H      H N N 26  
ARG H2     H N N 27  
ARG HA     H N N 28  
ARG HB2    H N N 29  
ARG HB3    H N N 30  
ARG HG2    H N N 31  
ARG HG3    H N N 32  
ARG HD2    H N N 33  
ARG HD3    H N N 34  
ARG HE     H N N 35  
ARG HH11   H N N 36  
ARG HH12   H N N 37  
ARG HH21   H N N 38  
ARG HH22   H N N 39  
ARG HXT    H N N 40  
ASN N      N N N 41  
ASN CA     C N S 42  
ASN C      C N N 43  
ASN O      O N N 44  
ASN CB     C N N 45  
ASN CG     C N N 46  
ASN OD1    O N N 47  
ASN ND2    N N N 48  
ASN OXT    O N N 49  
ASN H      H N N 50  
ASN H2     H N N 51  
ASN HA     H N N 52  
ASN HB2    H N N 53  
ASN HB3    H N N 54  
ASN HD21   H N N 55  
ASN HD22   H N N 56  
ASN HXT    H N N 57  
ASP N      N N N 58  
ASP CA     C N S 59  
ASP C      C N N 60  
ASP O      O N N 61  
ASP CB     C N N 62  
ASP CG     C N N 63  
ASP OD1    O N N 64  
ASP OD2    O N N 65  
ASP OXT    O N N 66  
ASP H      H N N 67  
ASP H2     H N N 68  
ASP HA     H N N 69  
ASP HB2    H N N 70  
ASP HB3    H N N 71  
ASP HD2    H N N 72  
ASP HXT    H N N 73  
CYS N      N N N 74  
CYS CA     C N R 75  
CYS C      C N N 76  
CYS O      O N N 77  
CYS CB     C N N 78  
CYS SG     S N N 79  
CYS OXT    O N N 80  
CYS H      H N N 81  
CYS H2     H N N 82  
CYS HA     H N N 83  
CYS HB2    H N N 84  
CYS HB3    H N N 85  
CYS HG     H N N 86  
CYS HXT    H N N 87  
GLN N      N N N 88  
GLN CA     C N S 89  
GLN C      C N N 90  
GLN O      O N N 91  
GLN CB     C N N 92  
GLN CG     C N N 93  
GLN CD     C N N 94  
GLN OE1    O N N 95  
GLN NE2    N N N 96  
GLN OXT    O N N 97  
GLN H      H N N 98  
GLN H2     H N N 99  
GLN HA     H N N 100 
GLN HB2    H N N 101 
GLN HB3    H N N 102 
GLN HG2    H N N 103 
GLN HG3    H N N 104 
GLN HE21   H N N 105 
GLN HE22   H N N 106 
GLN HXT    H N N 107 
GLU N      N N N 108 
GLU CA     C N S 109 
GLU C      C N N 110 
GLU O      O N N 111 
GLU CB     C N N 112 
GLU CG     C N N 113 
GLU CD     C N N 114 
GLU OE1    O N N 115 
GLU OE2    O N N 116 
GLU OXT    O N N 117 
GLU H      H N N 118 
GLU H2     H N N 119 
GLU HA     H N N 120 
GLU HB2    H N N 121 
GLU HB3    H N N 122 
GLU HG2    H N N 123 
GLU HG3    H N N 124 
GLU HE2    H N N 125 
GLU HXT    H N N 126 
GLY N      N N N 127 
GLY CA     C N N 128 
GLY C      C N N 129 
GLY O      O N N 130 
GLY OXT    O N N 131 
GLY H      H N N 132 
GLY H2     H N N 133 
GLY HA2    H N N 134 
GLY HA3    H N N 135 
GLY HXT    H N N 136 
HIS N      N N N 137 
HIS CA     C N S 138 
HIS C      C N N 139 
HIS O      O N N 140 
HIS CB     C N N 141 
HIS CG     C Y N 142 
HIS ND1    N Y N 143 
HIS CD2    C Y N 144 
HIS CE1    C Y N 145 
HIS NE2    N Y N 146 
HIS OXT    O N N 147 
HIS H      H N N 148 
HIS H2     H N N 149 
HIS HA     H N N 150 
HIS HB2    H N N 151 
HIS HB3    H N N 152 
HIS HD1    H N N 153 
HIS HD2    H N N 154 
HIS HE1    H N N 155 
HIS HE2    H N N 156 
HIS HXT    H N N 157 
ILE N      N N N 158 
ILE CA     C N S 159 
ILE C      C N N 160 
ILE O      O N N 161 
ILE CB     C N S 162 
ILE CG1    C N N 163 
ILE CG2    C N N 164 
ILE CD1    C N N 165 
ILE OXT    O N N 166 
ILE H      H N N 167 
ILE H2     H N N 168 
ILE HA     H N N 169 
ILE HB     H N N 170 
ILE HG12   H N N 171 
ILE HG13   H N N 172 
ILE HG21   H N N 173 
ILE HG22   H N N 174 
ILE HG23   H N N 175 
ILE HD11   H N N 176 
ILE HD12   H N N 177 
ILE HD13   H N N 178 
ILE HXT    H N N 179 
LEU N      N N N 180 
LEU CA     C N S 181 
LEU C      C N N 182 
LEU O      O N N 183 
LEU CB     C N N 184 
LEU CG     C N N 185 
LEU CD1    C N N 186 
LEU CD2    C N N 187 
LEU OXT    O N N 188 
LEU H      H N N 189 
LEU H2     H N N 190 
LEU HA     H N N 191 
LEU HB2    H N N 192 
LEU HB3    H N N 193 
LEU HG     H N N 194 
LEU HD11   H N N 195 
LEU HD12   H N N 196 
LEU HD13   H N N 197 
LEU HD21   H N N 198 
LEU HD22   H N N 199 
LEU HD23   H N N 200 
LEU HXT    H N N 201 
LYS N      N N N 202 
LYS CA     C N S 203 
LYS C      C N N 204 
LYS O      O N N 205 
LYS CB     C N N 206 
LYS CG     C N N 207 
LYS CD     C N N 208 
LYS CE     C N N 209 
LYS NZ     N N N 210 
LYS OXT    O N N 211 
LYS H      H N N 212 
LYS H2     H N N 213 
LYS HA     H N N 214 
LYS HB2    H N N 215 
LYS HB3    H N N 216 
LYS HG2    H N N 217 
LYS HG3    H N N 218 
LYS HD2    H N N 219 
LYS HD3    H N N 220 
LYS HE2    H N N 221 
LYS HE3    H N N 222 
LYS HZ1    H N N 223 
LYS HZ2    H N N 224 
LYS HZ3    H N N 225 
LYS HXT    H N N 226 
MET N      N N N 227 
MET CA     C N S 228 
MET C      C N N 229 
MET O      O N N 230 
MET CB     C N N 231 
MET CG     C N N 232 
MET SD     S N N 233 
MET CE     C N N 234 
MET OXT    O N N 235 
MET H      H N N 236 
MET H2     H N N 237 
MET HA     H N N 238 
MET HB2    H N N 239 
MET HB3    H N N 240 
MET HG2    H N N 241 
MET HG3    H N N 242 
MET HE1    H N N 243 
MET HE2    H N N 244 
MET HE3    H N N 245 
MET HXT    H N N 246 
PHE N      N N N 247 
PHE CA     C N S 248 
PHE C      C N N 249 
PHE O      O N N 250 
PHE CB     C N N 251 
PHE CG     C Y N 252 
PHE CD1    C Y N 253 
PHE CD2    C Y N 254 
PHE CE1    C Y N 255 
PHE CE2    C Y N 256 
PHE CZ     C Y N 257 
PHE OXT    O N N 258 
PHE H      H N N 259 
PHE H2     H N N 260 
PHE HA     H N N 261 
PHE HB2    H N N 262 
PHE HB3    H N N 263 
PHE HD1    H N N 264 
PHE HD2    H N N 265 
PHE HE1    H N N 266 
PHE HE2    H N N 267 
PHE HZ     H N N 268 
PHE HXT    H N N 269 
PRO N      N N N 270 
PRO CA     C N S 271 
PRO C      C N N 272 
PRO O      O N N 273 
PRO CB     C N N 274 
PRO CG     C N N 275 
PRO CD     C N N 276 
PRO OXT    O N N 277 
PRO H      H N N 278 
PRO HA     H N N 279 
PRO HB2    H N N 280 
PRO HB3    H N N 281 
PRO HG2    H N N 282 
PRO HG3    H N N 283 
PRO HD2    H N N 284 
PRO HD3    H N N 285 
PRO HXT    H N N 286 
SAL "C1'"  C N N 287 
SAL "O1'"  O N N 288 
SAL "O2'"  O N N 289 
SAL C1     C Y N 290 
SAL C2     C Y N 291 
SAL C3     C Y N 292 
SAL C4     C Y N 293 
SAL C5     C Y N 294 
SAL C6     C Y N 295 
SAL O2     O N N 296 
SAL "HO2'" H N N 297 
SAL H3     H N N 298 
SAL H4     H N N 299 
SAL H5     H N N 300 
SAL H6     H N N 301 
SAL HO2    H N N 302 
SER N      N N N 303 
SER CA     C N S 304 
SER C      C N N 305 
SER O      O N N 306 
SER CB     C N N 307 
SER OG     O N N 308 
SER OXT    O N N 309 
SER H      H N N 310 
SER H2     H N N 311 
SER HA     H N N 312 
SER HB2    H N N 313 
SER HB3    H N N 314 
SER HG     H N N 315 
SER HXT    H N N 316 
THR N      N N N 317 
THR CA     C N S 318 
THR C      C N N 319 
THR O      O N N 320 
THR CB     C N R 321 
THR OG1    O N N 322 
THR CG2    C N N 323 
THR OXT    O N N 324 
THR H      H N N 325 
THR H2     H N N 326 
THR HA     H N N 327 
THR HB     H N N 328 
THR HG1    H N N 329 
THR HG21   H N N 330 
THR HG22   H N N 331 
THR HG23   H N N 332 
THR HXT    H N N 333 
TRP N      N N N 334 
TRP CA     C N S 335 
TRP C      C N N 336 
TRP O      O N N 337 
TRP CB     C N N 338 
TRP CG     C Y N 339 
TRP CD1    C Y N 340 
TRP CD2    C Y N 341 
TRP NE1    N Y N 342 
TRP CE2    C Y N 343 
TRP CE3    C Y N 344 
TRP CZ2    C Y N 345 
TRP CZ3    C Y N 346 
TRP CH2    C Y N 347 
TRP OXT    O N N 348 
TRP H      H N N 349 
TRP H2     H N N 350 
TRP HA     H N N 351 
TRP HB2    H N N 352 
TRP HB3    H N N 353 
TRP HD1    H N N 354 
TRP HE1    H N N 355 
TRP HE3    H N N 356 
TRP HZ2    H N N 357 
TRP HZ3    H N N 358 
TRP HH2    H N N 359 
TRP HXT    H N N 360 
TYR N      N N N 361 
TYR CA     C N S 362 
TYR C      C N N 363 
TYR O      O N N 364 
TYR CB     C N N 365 
TYR CG     C Y N 366 
TYR CD1    C Y N 367 
TYR CD2    C Y N 368 
TYR CE1    C Y N 369 
TYR CE2    C Y N 370 
TYR CZ     C Y N 371 
TYR OH     O N N 372 
TYR OXT    O N N 373 
TYR H      H N N 374 
TYR H2     H N N 375 
TYR HA     H N N 376 
TYR HB2    H N N 377 
TYR HB3    H N N 378 
TYR HD1    H N N 379 
TYR HD2    H N N 380 
TYR HE1    H N N 381 
TYR HE2    H N N 382 
TYR HH     H N N 383 
TYR HXT    H N N 384 
VAL N      N N N 385 
VAL CA     C N S 386 
VAL C      C N N 387 
VAL O      O N N 388 
VAL CB     C N N 389 
VAL CG1    C N N 390 
VAL CG2    C N N 391 
VAL OXT    O N N 392 
VAL H      H N N 393 
VAL H2     H N N 394 
VAL HA     H N N 395 
VAL HB     H N N 396 
VAL HG11   H N N 397 
VAL HG12   H N N 398 
VAL HG13   H N N 399 
VAL HG21   H N N 400 
VAL HG22   H N N 401 
VAL HG23   H N N 402 
VAL HXT    H N N 403 
# 
loop_
_chem_comp_bond.comp_id 
_chem_comp_bond.atom_id_1 
_chem_comp_bond.atom_id_2 
_chem_comp_bond.value_order 
_chem_comp_bond.pdbx_aromatic_flag 
_chem_comp_bond.pdbx_stereo_config 
_chem_comp_bond.pdbx_ordinal 
ALA N     CA     sing N N 1   
ALA N     H      sing N N 2   
ALA N     H2     sing N N 3   
ALA CA    C      sing N N 4   
ALA CA    CB     sing N N 5   
ALA CA    HA     sing N N 6   
ALA C     O      doub N N 7   
ALA C     OXT    sing N N 8   
ALA CB    HB1    sing N N 9   
ALA CB    HB2    sing N N 10  
ALA CB    HB3    sing N N 11  
ALA OXT   HXT    sing N N 12  
ARG N     CA     sing N N 13  
ARG N     H      sing N N 14  
ARG N     H2     sing N N 15  
ARG CA    C      sing N N 16  
ARG CA    CB     sing N N 17  
ARG CA    HA     sing N N 18  
ARG C     O      doub N N 19  
ARG C     OXT    sing N N 20  
ARG CB    CG     sing N N 21  
ARG CB    HB2    sing N N 22  
ARG CB    HB3    sing N N 23  
ARG CG    CD     sing N N 24  
ARG CG    HG2    sing N N 25  
ARG CG    HG3    sing N N 26  
ARG CD    NE     sing N N 27  
ARG CD    HD2    sing N N 28  
ARG CD    HD3    sing N N 29  
ARG NE    CZ     sing N N 30  
ARG NE    HE     sing N N 31  
ARG CZ    NH1    sing N N 32  
ARG CZ    NH2    doub N N 33  
ARG NH1   HH11   sing N N 34  
ARG NH1   HH12   sing N N 35  
ARG NH2   HH21   sing N N 36  
ARG NH2   HH22   sing N N 37  
ARG OXT   HXT    sing N N 38  
ASN N     CA     sing N N 39  
ASN N     H      sing N N 40  
ASN N     H2     sing N N 41  
ASN CA    C      sing N N 42  
ASN CA    CB     sing N N 43  
ASN CA    HA     sing N N 44  
ASN C     O      doub N N 45  
ASN C     OXT    sing N N 46  
ASN CB    CG     sing N N 47  
ASN CB    HB2    sing N N 48  
ASN CB    HB3    sing N N 49  
ASN CG    OD1    doub N N 50  
ASN CG    ND2    sing N N 51  
ASN ND2   HD21   sing N N 52  
ASN ND2   HD22   sing N N 53  
ASN OXT   HXT    sing N N 54  
ASP N     CA     sing N N 55  
ASP N     H      sing N N 56  
ASP N     H2     sing N N 57  
ASP CA    C      sing N N 58  
ASP CA    CB     sing N N 59  
ASP CA    HA     sing N N 60  
ASP C     O      doub N N 61  
ASP C     OXT    sing N N 62  
ASP CB    CG     sing N N 63  
ASP CB    HB2    sing N N 64  
ASP CB    HB3    sing N N 65  
ASP CG    OD1    doub N N 66  
ASP CG    OD2    sing N N 67  
ASP OD2   HD2    sing N N 68  
ASP OXT   HXT    sing N N 69  
CYS N     CA     sing N N 70  
CYS N     H      sing N N 71  
CYS N     H2     sing N N 72  
CYS CA    C      sing N N 73  
CYS CA    CB     sing N N 74  
CYS CA    HA     sing N N 75  
CYS C     O      doub N N 76  
CYS C     OXT    sing N N 77  
CYS CB    SG     sing N N 78  
CYS CB    HB2    sing N N 79  
CYS CB    HB3    sing N N 80  
CYS SG    HG     sing N N 81  
CYS OXT   HXT    sing N N 82  
GLN N     CA     sing N N 83  
GLN N     H      sing N N 84  
GLN N     H2     sing N N 85  
GLN CA    C      sing N N 86  
GLN CA    CB     sing N N 87  
GLN CA    HA     sing N N 88  
GLN C     O      doub N N 89  
GLN C     OXT    sing N N 90  
GLN CB    CG     sing N N 91  
GLN CB    HB2    sing N N 92  
GLN CB    HB3    sing N N 93  
GLN CG    CD     sing N N 94  
GLN CG    HG2    sing N N 95  
GLN CG    HG3    sing N N 96  
GLN CD    OE1    doub N N 97  
GLN CD    NE2    sing N N 98  
GLN NE2   HE21   sing N N 99  
GLN NE2   HE22   sing N N 100 
GLN OXT   HXT    sing N N 101 
GLU N     CA     sing N N 102 
GLU N     H      sing N N 103 
GLU N     H2     sing N N 104 
GLU CA    C      sing N N 105 
GLU CA    CB     sing N N 106 
GLU CA    HA     sing N N 107 
GLU C     O      doub N N 108 
GLU C     OXT    sing N N 109 
GLU CB    CG     sing N N 110 
GLU CB    HB2    sing N N 111 
GLU CB    HB3    sing N N 112 
GLU CG    CD     sing N N 113 
GLU CG    HG2    sing N N 114 
GLU CG    HG3    sing N N 115 
GLU CD    OE1    doub N N 116 
GLU CD    OE2    sing N N 117 
GLU OE2   HE2    sing N N 118 
GLU OXT   HXT    sing N N 119 
GLY N     CA     sing N N 120 
GLY N     H      sing N N 121 
GLY N     H2     sing N N 122 
GLY CA    C      sing N N 123 
GLY CA    HA2    sing N N 124 
GLY CA    HA3    sing N N 125 
GLY C     O      doub N N 126 
GLY C     OXT    sing N N 127 
GLY OXT   HXT    sing N N 128 
HIS N     CA     sing N N 129 
HIS N     H      sing N N 130 
HIS N     H2     sing N N 131 
HIS CA    C      sing N N 132 
HIS CA    CB     sing N N 133 
HIS CA    HA     sing N N 134 
HIS C     O      doub N N 135 
HIS C     OXT    sing N N 136 
HIS CB    CG     sing N N 137 
HIS CB    HB2    sing N N 138 
HIS CB    HB3    sing N N 139 
HIS CG    ND1    sing Y N 140 
HIS CG    CD2    doub Y N 141 
HIS ND1   CE1    doub Y N 142 
HIS ND1   HD1    sing N N 143 
HIS CD2   NE2    sing Y N 144 
HIS CD2   HD2    sing N N 145 
HIS CE1   NE2    sing Y N 146 
HIS CE1   HE1    sing N N 147 
HIS NE2   HE2    sing N N 148 
HIS OXT   HXT    sing N N 149 
ILE N     CA     sing N N 150 
ILE N     H      sing N N 151 
ILE N     H2     sing N N 152 
ILE CA    C      sing N N 153 
ILE CA    CB     sing N N 154 
ILE CA    HA     sing N N 155 
ILE C     O      doub N N 156 
ILE C     OXT    sing N N 157 
ILE CB    CG1    sing N N 158 
ILE CB    CG2    sing N N 159 
ILE CB    HB     sing N N 160 
ILE CG1   CD1    sing N N 161 
ILE CG1   HG12   sing N N 162 
ILE CG1   HG13   sing N N 163 
ILE CG2   HG21   sing N N 164 
ILE CG2   HG22   sing N N 165 
ILE CG2   HG23   sing N N 166 
ILE CD1   HD11   sing N N 167 
ILE CD1   HD12   sing N N 168 
ILE CD1   HD13   sing N N 169 
ILE OXT   HXT    sing N N 170 
LEU N     CA     sing N N 171 
LEU N     H      sing N N 172 
LEU N     H2     sing N N 173 
LEU CA    C      sing N N 174 
LEU CA    CB     sing N N 175 
LEU CA    HA     sing N N 176 
LEU C     O      doub N N 177 
LEU C     OXT    sing N N 178 
LEU CB    CG     sing N N 179 
LEU CB    HB2    sing N N 180 
LEU CB    HB3    sing N N 181 
LEU CG    CD1    sing N N 182 
LEU CG    CD2    sing N N 183 
LEU CG    HG     sing N N 184 
LEU CD1   HD11   sing N N 185 
LEU CD1   HD12   sing N N 186 
LEU CD1   HD13   sing N N 187 
LEU CD2   HD21   sing N N 188 
LEU CD2   HD22   sing N N 189 
LEU CD2   HD23   sing N N 190 
LEU OXT   HXT    sing N N 191 
LYS N     CA     sing N N 192 
LYS N     H      sing N N 193 
LYS N     H2     sing N N 194 
LYS CA    C      sing N N 195 
LYS CA    CB     sing N N 196 
LYS CA    HA     sing N N 197 
LYS C     O      doub N N 198 
LYS C     OXT    sing N N 199 
LYS CB    CG     sing N N 200 
LYS CB    HB2    sing N N 201 
LYS CB    HB3    sing N N 202 
LYS CG    CD     sing N N 203 
LYS CG    HG2    sing N N 204 
LYS CG    HG3    sing N N 205 
LYS CD    CE     sing N N 206 
LYS CD    HD2    sing N N 207 
LYS CD    HD3    sing N N 208 
LYS CE    NZ     sing N N 209 
LYS CE    HE2    sing N N 210 
LYS CE    HE3    sing N N 211 
LYS NZ    HZ1    sing N N 212 
LYS NZ    HZ2    sing N N 213 
LYS NZ    HZ3    sing N N 214 
LYS OXT   HXT    sing N N 215 
MET N     CA     sing N N 216 
MET N     H      sing N N 217 
MET N     H2     sing N N 218 
MET CA    C      sing N N 219 
MET CA    CB     sing N N 220 
MET CA    HA     sing N N 221 
MET C     O      doub N N 222 
MET C     OXT    sing N N 223 
MET CB    CG     sing N N 224 
MET CB    HB2    sing N N 225 
MET CB    HB3    sing N N 226 
MET CG    SD     sing N N 227 
MET CG    HG2    sing N N 228 
MET CG    HG3    sing N N 229 
MET SD    CE     sing N N 230 
MET CE    HE1    sing N N 231 
MET CE    HE2    sing N N 232 
MET CE    HE3    sing N N 233 
MET OXT   HXT    sing N N 234 
PHE N     CA     sing N N 235 
PHE N     H      sing N N 236 
PHE N     H2     sing N N 237 
PHE CA    C      sing N N 238 
PHE CA    CB     sing N N 239 
PHE CA    HA     sing N N 240 
PHE C     O      doub N N 241 
PHE C     OXT    sing N N 242 
PHE CB    CG     sing N N 243 
PHE CB    HB2    sing N N 244 
PHE CB    HB3    sing N N 245 
PHE CG    CD1    doub Y N 246 
PHE CG    CD2    sing Y N 247 
PHE CD1   CE1    sing Y N 248 
PHE CD1   HD1    sing N N 249 
PHE CD2   CE2    doub Y N 250 
PHE CD2   HD2    sing N N 251 
PHE CE1   CZ     doub Y N 252 
PHE CE1   HE1    sing N N 253 
PHE CE2   CZ     sing Y N 254 
PHE CE2   HE2    sing N N 255 
PHE CZ    HZ     sing N N 256 
PHE OXT   HXT    sing N N 257 
PRO N     CA     sing N N 258 
PRO N     CD     sing N N 259 
PRO N     H      sing N N 260 
PRO CA    C      sing N N 261 
PRO CA    CB     sing N N 262 
PRO CA    HA     sing N N 263 
PRO C     O      doub N N 264 
PRO C     OXT    sing N N 265 
PRO CB    CG     sing N N 266 
PRO CB    HB2    sing N N 267 
PRO CB    HB3    sing N N 268 
PRO CG    CD     sing N N 269 
PRO CG    HG2    sing N N 270 
PRO CG    HG3    sing N N 271 
PRO CD    HD2    sing N N 272 
PRO CD    HD3    sing N N 273 
PRO OXT   HXT    sing N N 274 
SAL "C1'" "O1'"  doub N N 275 
SAL "C1'" "O2'"  sing N N 276 
SAL "C1'" C1     sing N N 277 
SAL "O2'" "HO2'" sing N N 278 
SAL C1    C2     sing Y N 279 
SAL C1    C6     doub Y N 280 
SAL C2    C3     doub Y N 281 
SAL C2    O2     sing N N 282 
SAL C3    C4     sing Y N 283 
SAL C3    H3     sing N N 284 
SAL C4    C5     doub Y N 285 
SAL C4    H4     sing N N 286 
SAL C5    C6     sing Y N 287 
SAL C5    H5     sing N N 288 
SAL C6    H6     sing N N 289 
SAL O2    HO2    sing N N 290 
SER N     CA     sing N N 291 
SER N     H      sing N N 292 
SER N     H2     sing N N 293 
SER CA    C      sing N N 294 
SER CA    CB     sing N N 295 
SER CA    HA     sing N N 296 
SER C     O      doub N N 297 
SER C     OXT    sing N N 298 
SER CB    OG     sing N N 299 
SER CB    HB2    sing N N 300 
SER CB    HB3    sing N N 301 
SER OG    HG     sing N N 302 
SER OXT   HXT    sing N N 303 
THR N     CA     sing N N 304 
THR N     H      sing N N 305 
THR N     H2     sing N N 306 
THR CA    C      sing N N 307 
THR CA    CB     sing N N 308 
THR CA    HA     sing N N 309 
THR C     O      doub N N 310 
THR C     OXT    sing N N 311 
THR CB    OG1    sing N N 312 
THR CB    CG2    sing N N 313 
THR CB    HB     sing N N 314 
THR OG1   HG1    sing N N 315 
THR CG2   HG21   sing N N 316 
THR CG2   HG22   sing N N 317 
THR CG2   HG23   sing N N 318 
THR OXT   HXT    sing N N 319 
TRP N     CA     sing N N 320 
TRP N     H      sing N N 321 
TRP N     H2     sing N N 322 
TRP CA    C      sing N N 323 
TRP CA    CB     sing N N 324 
TRP CA    HA     sing N N 325 
TRP C     O      doub N N 326 
TRP C     OXT    sing N N 327 
TRP CB    CG     sing N N 328 
TRP CB    HB2    sing N N 329 
TRP CB    HB3    sing N N 330 
TRP CG    CD1    doub Y N 331 
TRP CG    CD2    sing Y N 332 
TRP CD1   NE1    sing Y N 333 
TRP CD1   HD1    sing N N 334 
TRP CD2   CE2    doub Y N 335 
TRP CD2   CE3    sing Y N 336 
TRP NE1   CE2    sing Y N 337 
TRP NE1   HE1    sing N N 338 
TRP CE2   CZ2    sing Y N 339 
TRP CE3   CZ3    doub Y N 340 
TRP CE3   HE3    sing N N 341 
TRP CZ2   CH2    doub Y N 342 
TRP CZ2   HZ2    sing N N 343 
TRP CZ3   CH2    sing Y N 344 
TRP CZ3   HZ3    sing N N 345 
TRP CH2   HH2    sing N N 346 
TRP OXT   HXT    sing N N 347 
TYR N     CA     sing N N 348 
TYR N     H      sing N N 349 
TYR N     H2     sing N N 350 
TYR CA    C      sing N N 351 
TYR CA    CB     sing N N 352 
TYR CA    HA     sing N N 353 
TYR C     O      doub N N 354 
TYR C     OXT    sing N N 355 
TYR CB    CG     sing N N 356 
TYR CB    HB2    sing N N 357 
TYR CB    HB3    sing N N 358 
TYR CG    CD1    doub Y N 359 
TYR CG    CD2    sing Y N 360 
TYR CD1   CE1    sing Y N 361 
TYR CD1   HD1    sing N N 362 
TYR CD2   CE2    doub Y N 363 
TYR CD2   HD2    sing N N 364 
TYR CE1   CZ     doub Y N 365 
TYR CE1   HE1    sing N N 366 
TYR CE2   CZ     sing Y N 367 
TYR CE2   HE2    sing N N 368 
TYR CZ    OH     sing N N 369 
TYR OH    HH     sing N N 370 
TYR OXT   HXT    sing N N 371 
VAL N     CA     sing N N 372 
VAL N     H      sing N N 373 
VAL N     H2     sing N N 374 
VAL CA    C      sing N N 375 
VAL CA    CB     sing N N 376 
VAL CA    HA     sing N N 377 
VAL C     O      doub N N 378 
VAL C     OXT    sing N N 379 
VAL CB    CG1    sing N N 380 
VAL CB    CG2    sing N N 381 
VAL CB    HB     sing N N 382 
VAL CG1   HG11   sing N N 383 
VAL CG1   HG12   sing N N 384 
VAL CG1   HG13   sing N N 385 
VAL CG2   HG21   sing N N 386 
VAL CG2   HG22   sing N N 387 
VAL CG2   HG23   sing N N 388 
VAL OXT   HXT    sing N N 389 
# 
_atom_sites.entry_id                    1JGS 
_atom_sites.fract_transf_matrix[1][1]   -0.00138273 
_atom_sites.fract_transf_matrix[1][2]   -0.01466571 
_atom_sites.fract_transf_matrix[1][3]   0.00656885 
_atom_sites.fract_transf_matrix[2][1]   -0.01019149 
_atom_sites.fract_transf_matrix[2][2]   -0.00429723 
_atom_sites.fract_transf_matrix[2][3]   -0.01173934 
_atom_sites.fract_transf_matrix[3][1]   0.00579663 
_atom_sites.fract_transf_matrix[3][2]   -0.00240604 
_atom_sites.fract_transf_matrix[3][3]   -0.00415159 
_atom_sites.fract_transf_vector[1]      0.317954 
_atom_sites.fract_transf_vector[2]      0.382357 
_atom_sites.fract_transf_vector[3]      0.158377 
# 
loop_
_atom_type.symbol 
C 
N 
O 
S 
# 
loop_
_atom_site.group_PDB 
_atom_site.id 
_atom_site.type_symbol 
_atom_site.label_atom_id 
_atom_site.label_alt_id 
_atom_site.label_comp_id 
_atom_site.label_asym_id 
_atom_site.label_entity_id 
_atom_site.label_seq_id 
_atom_site.pdbx_PDB_ins_code 
_atom_site.Cartn_x 
_atom_site.Cartn_y 
_atom_site.Cartn_z 
_atom_site.occupancy 
_atom_site.B_iso_or_equiv 
_atom_site.pdbx_formal_charge 
_atom_site.auth_seq_id 
_atom_site.auth_comp_id 
_atom_site.auth_asym_id 
_atom_site.auth_atom_id 
_atom_site.pdbx_PDB_model_num 
ATOM   1    N N     . LEU A 1 1   ? 15.018  -9.852  23.504  1.00 63.50  ? 7   LEU A N     1 
ATOM   2    C CA    . LEU A 1 1   ? 13.740  -9.519  22.813  1.00 63.50  ? 7   LEU A CA    1 
ATOM   3    C C     . LEU A 1 1   ? 12.636  -10.417 23.356  1.00 63.50  ? 7   LEU A C     1 
ATOM   4    O O     . LEU A 1 1   ? 11.507  -9.968  23.565  1.00 63.50  ? 7   LEU A O     1 
ATOM   5    C CB    . LEU A 1 1   ? 13.883  -9.717  21.299  1.00 65.57  ? 7   LEU A CB    1 
ATOM   6    C CG    . LEU A 1 1   ? 12.855  -9.017  20.397  1.00 65.57  ? 7   LEU A CG    1 
ATOM   7    C CD1   . LEU A 1 1   ? 12.971  -7.517  20.565  1.00 65.57  ? 7   LEU A CD1   1 
ATOM   8    C CD2   . LEU A 1 1   ? 13.087  -9.396  18.938  1.00 65.57  ? 7   LEU A CD2   1 
ATOM   9    N N     . PHE A 1 2   ? 12.964  -11.688 23.581  1.00 68.87  ? 8   PHE A N     1 
ATOM   10   C CA    . PHE A 1 2   ? 11.996  -12.642 24.121  1.00 68.87  ? 8   PHE A CA    1 
ATOM   11   C C     . PHE A 1 2   ? 12.102  -12.677 25.637  1.00 68.87  ? 8   PHE A C     1 
ATOM   12   O O     . PHE A 1 2   ? 11.543  -13.557 26.291  1.00 68.87  ? 8   PHE A O     1 
ATOM   13   C CB    . PHE A 1 2   ? 12.234  -14.049 23.560  1.00 79.70  ? 8   PHE A CB    1 
ATOM   14   C CG    . PHE A 1 2   ? 11.861  -14.198 22.111  1.00 79.70  ? 8   PHE A CG    1 
ATOM   15   C CD1   . PHE A 1 2   ? 12.608  -13.571 21.113  1.00 79.70  ? 8   PHE A CD1   1 
ATOM   16   C CD2   . PHE A 1 2   ? 10.756  -14.961 21.740  1.00 79.70  ? 8   PHE A CD2   1 
ATOM   17   C CE1   . PHE A 1 2   ? 12.262  -13.704 19.770  1.00 79.70  ? 8   PHE A CE1   1 
ATOM   18   C CE2   . PHE A 1 2   ? 10.402  -15.099 20.397  1.00 79.70  ? 8   PHE A CE2   1 
ATOM   19   C CZ    . PHE A 1 2   ? 11.156  -14.470 19.412  1.00 79.70  ? 8   PHE A CZ    1 
ATOM   20   N N     . ASN A 1 3   ? 12.839  -11.719 26.187  1.00 96.16  ? 9   ASN A N     1 
ATOM   21   C CA    . ASN A 1 3   ? 13.009  -11.620 27.629  1.00 96.16  ? 9   ASN A CA    1 
ATOM   22   C C     . ASN A 1 3   ? 12.454  -10.281 28.098  1.00 96.16  ? 9   ASN A C     1 
ATOM   23   O O     . ASN A 1 3   ? 12.673  -9.864  29.236  1.00 96.16  ? 9   ASN A O     1 
ATOM   24   C CB    . ASN A 1 3   ? 14.489  -11.739 28.007  1.00 93.11  ? 9   ASN A CB    1 
ATOM   25   C CG    . ASN A 1 3   ? 15.058  -13.121 27.721  1.00 93.11  ? 9   ASN A CG    1 
ATOM   26   O OD1   . ASN A 1 3   ? 16.234  -13.391 27.983  1.00 93.11  ? 9   ASN A OD1   1 
ATOM   27   N ND2   . ASN A 1 3   ? 14.224  -14.005 27.180  1.00 93.11  ? 9   ASN A ND2   1 
ATOM   28   N N     . GLU A 1 4   ? 11.726  -9.614  27.207  1.00 59.45  ? 10  GLU A N     1 
ATOM   29   C CA    . GLU A 1 4   ? 11.138  -8.315  27.514  1.00 59.45  ? 10  GLU A CA    1 
ATOM   30   C C     . GLU A 1 4   ? 9.649   -8.310  27.181  1.00 59.45  ? 10  GLU A C     1 
ATOM   31   O O     . GLU A 1 4   ? 9.238   -8.835  26.149  1.00 59.45  ? 10  GLU A O     1 
ATOM   32   C CB    . GLU A 1 4   ? 11.854  -7.220  26.716  1.00 65.56  ? 10  GLU A CB    1 
ATOM   33   C CG    . GLU A 1 4   ? 12.011  -5.920  27.476  1.00 65.56  ? 10  GLU A CG    1 
ATOM   34   C CD    . GLU A 1 4   ? 12.727  -6.109  28.804  1.00 65.56  ? 10  GLU A CD    1 
ATOM   35   O OE1   . GLU A 1 4   ? 13.842  -6.672  28.819  1.00 65.56  ? 10  GLU A OE1   1 
ATOM   36   O OE2   . GLU A 1 4   ? 12.170  -5.689  29.839  1.00 65.56  ? 10  GLU A OE2   1 
ATOM   37   N N     . ILE A 1 5   ? 8.843   -7.721  28.059  1.00 60.35  ? 11  ILE A N     1 
ATOM   38   C CA    . ILE A 1 5   ? 7.405   -7.665  27.832  1.00 60.35  ? 11  ILE A CA    1 
ATOM   39   C C     . ILE A 1 5   ? 7.015   -6.412  27.058  1.00 60.35  ? 11  ILE A C     1 
ATOM   40   O O     . ILE A 1 5   ? 6.713   -5.365  27.635  1.00 60.35  ? 11  ILE A O     1 
ATOM   41   C CB    . ILE A 1 5   ? 6.617   -7.698  29.157  1.00 49.41  ? 11  ILE A CB    1 
ATOM   42   C CG1   . ILE A 1 5   ? 6.907   -9.005  29.897  1.00 49.41  ? 11  ILE A CG1   1 
ATOM   43   C CG2   . ILE A 1 5   ? 5.116   -7.575  28.882  1.00 49.41  ? 11  ILE A CG2   1 
ATOM   44   C CD1   . ILE A 1 5   ? 6.361   -9.035  31.306  1.00 49.41  ? 11  ILE A CD1   1 
ATOM   45   N N     . ILE A 1 6   ? 7.035   -6.538  25.737  1.00 57.24  ? 12  ILE A N     1 
ATOM   46   C CA    . ILE A 1 6   ? 6.681   -5.448  24.846  1.00 57.24  ? 12  ILE A CA    1 
ATOM   47   C C     . ILE A 1 6   ? 5.192   -5.599  24.561  1.00 57.24  ? 12  ILE A C     1 
ATOM   48   O O     . ILE A 1 6   ? 4.732   -6.673  24.148  1.00 57.24  ? 12  ILE A O     1 
ATOM   49   C CB    . ILE A 1 6   ? 7.489   -5.547  23.527  1.00 44.12  ? 12  ILE A CB    1 
ATOM   50   C CG1   . ILE A 1 6   ? 8.990   -5.559  23.851  1.00 44.12  ? 12  ILE A CG1   1 
ATOM   51   C CG2   . ILE A 1 6   ? 7.145   -4.385  22.605  1.00 44.12  ? 12  ILE A CG2   1 
ATOM   52   C CD1   . ILE A 1 6   ? 9.875   -6.058  22.710  1.00 44.12  ? 12  ILE A CD1   1 
ATOM   53   N N     . PRO A 1 7   ? 4.409   -4.533  24.804  1.00 56.35  ? 13  PRO A N     1 
ATOM   54   C CA    . PRO A 1 7   ? 2.960   -4.554  24.570  1.00 56.35  ? 13  PRO A CA    1 
ATOM   55   C C     . PRO A 1 7   ? 2.616   -4.713  23.083  1.00 56.35  ? 13  PRO A C     1 
ATOM   56   O O     . PRO A 1 7   ? 3.312   -4.180  22.215  1.00 56.35  ? 13  PRO A O     1 
ATOM   57   C CB    . PRO A 1 7   ? 2.507   -3.213  25.142  1.00 44.76  ? 13  PRO A CB    1 
ATOM   58   C CG    . PRO A 1 7   ? 3.689   -2.320  24.852  1.00 44.76  ? 13  PRO A CG    1 
ATOM   59   C CD    . PRO A 1 7   ? 4.848   -3.202  25.261  1.00 44.76  ? 13  PRO A CD    1 
ATOM   60   N N     . LEU A 1 8   ? 1.535   -5.438  22.810  1.00 50.54  ? 14  LEU A N     1 
ATOM   61   C CA    . LEU A 1 8   ? 1.073   -5.708  21.449  1.00 50.54  ? 14  LEU A CA    1 
ATOM   62   C C     . LEU A 1 8   ? 1.176   -4.506  20.504  1.00 50.54  ? 14  LEU A C     1 
ATOM   63   O O     . LEU A 1 8   ? 1.793   -4.597  19.428  1.00 50.54  ? 14  LEU A O     1 
ATOM   64   C CB    . LEU A 1 8   ? -0.375  -6.206  21.501  1.00 41.30  ? 14  LEU A CB    1 
ATOM   65   C CG    . LEU A 1 8   ? -1.111  -6.560  20.214  1.00 41.30  ? 14  LEU A CG    1 
ATOM   66   C CD1   . LEU A 1 8   ? -0.431  -7.725  19.507  1.00 41.30  ? 14  LEU A CD1   1 
ATOM   67   C CD2   . LEU A 1 8   ? -2.543  -6.922  20.571  1.00 41.30  ? 14  LEU A CD2   1 
ATOM   68   N N     . GLY A 1 9   ? 0.572   -3.387  20.910  1.00 49.82  ? 15  GLY A N     1 
ATOM   69   C CA    . GLY A 1 9   ? 0.600   -2.178  20.102  1.00 49.82  ? 15  GLY A CA    1 
ATOM   70   C C     . GLY A 1 9   ? 1.958   -1.861  19.503  1.00 49.82  ? 15  GLY A C     1 
ATOM   71   O O     . GLY A 1 9   ? 2.074   -1.653  18.294  1.00 49.82  ? 15  GLY A O     1 
ATOM   72   N N     . ARG A 1 10  ? 2.990   -1.813  20.340  1.00 56.39  ? 16  ARG A N     1 
ATOM   73   C CA    . ARG A 1 10  ? 4.332   -1.518  19.851  1.00 56.39  ? 16  ARG A CA    1 
ATOM   74   C C     . ARG A 1 10  ? 4.848   -2.632  18.943  1.00 56.39  ? 16  ARG A C     1 
ATOM   75   O O     . ARG A 1 10  ? 5.527   -2.361  17.953  1.00 56.39  ? 16  ARG A O     1 
ATOM   76   C CB    . ARG A 1 10  ? 5.295   -1.311  21.022  1.00 100.64 ? 16  ARG A CB    1 
ATOM   77   C CG    . ARG A 1 10  ? 5.202   0.059   21.682  1.00 100.64 ? 16  ARG A CG    1 
ATOM   78   C CD    . ARG A 1 10  ? 6.011   0.087   22.975  1.00 100.64 ? 16  ARG A CD    1 
ATOM   79   N NE    . ARG A 1 10  ? 7.409   -0.297  22.769  1.00 100.64 ? 16  ARG A NE    1 
ATOM   80   C CZ    . ARG A 1 10  ? 8.236   -0.662  23.746  1.00 100.64 ? 16  ARG A CZ    1 
ATOM   81   N NH1   . ARG A 1 10  ? 7.811   -0.698  25.004  1.00 100.64 ? 16  ARG A NH1   1 
ATOM   82   N NH2   . ARG A 1 10  ? 9.490   -0.993  23.468  1.00 100.64 ? 16  ARG A NH2   1 
ATOM   83   N N     . LEU A 1 11  ? 4.530   -3.886  19.271  1.00 42.87  ? 17  LEU A N     1 
ATOM   84   C CA    . LEU A 1 11  ? 4.983   -4.997  18.442  1.00 42.87  ? 17  LEU A CA    1 
ATOM   85   C C     . LEU A 1 11  ? 4.367   -4.898  17.047  1.00 42.87  ? 17  LEU A C     1 
ATOM   86   O O     . LEU A 1 11  ? 5.056   -5.101  16.053  1.00 42.87  ? 17  LEU A O     1 
ATOM   87   C CB    . LEU A 1 11  ? 4.627   -6.348  19.079  1.00 41.77  ? 17  LEU A CB    1 
ATOM   88   C CG    . LEU A 1 11  ? 5.442   -6.782  20.305  1.00 41.77  ? 17  LEU A CG    1 
ATOM   89   C CD1   . LEU A 1 11  ? 4.941   -8.132  20.827  1.00 41.77  ? 17  LEU A CD1   1 
ATOM   90   C CD2   . LEU A 1 11  ? 6.902   -6.876  19.922  1.00 41.77  ? 17  LEU A CD2   1 
ATOM   91   N N     . ILE A 1 12  ? 3.070   -4.610  16.983  1.00 40.19  ? 18  ILE A N     1 
ATOM   92   C CA    . ILE A 1 12  ? 2.380   -4.459  15.702  1.00 40.19  ? 18  ILE A CA    1 
ATOM   93   C C     . ILE A 1 12  ? 3.071   -3.325  14.938  1.00 40.19  ? 18  ILE A C     1 
ATOM   94   O O     . ILE A 1 12  ? 3.257   -3.399  13.721  1.00 40.19  ? 18  ILE A O     1 
ATOM   95   C CB    . ILE A 1 12  ? 0.892   -4.082  15.894  1.00 50.02  ? 18  ILE A CB    1 
ATOM   96   C CG1   . ILE A 1 12  ? 0.126   -5.254  16.508  1.00 50.02  ? 18  ILE A CG1   1 
ATOM   97   C CG2   . ILE A 1 12  ? 0.265   -3.725  14.561  1.00 50.02  ? 18  ILE A CG2   1 
ATOM   98   C CD1   . ILE A 1 12  ? -1.333  -4.923  16.825  1.00 50.02  ? 18  ILE A CD1   1 
ATOM   99   N N     . HIS A 1 13  ? 3.454   -2.283  15.671  1.00 61.33  ? 19  HIS A N     1 
ATOM   100  C CA    . HIS A 1 13  ? 4.125   -1.132  15.089  1.00 61.33  ? 19  HIS A CA    1 
ATOM   101  C C     . HIS A 1 13  ? 5.435   -1.593  14.479  1.00 61.33  ? 19  HIS A C     1 
ATOM   102  O O     . HIS A 1 13  ? 5.617   -1.560  13.259  1.00 61.33  ? 19  HIS A O     1 
ATOM   103  C CB    . HIS A 1 13  ? 4.387   -0.091  16.174  1.00 71.93  ? 19  HIS A CB    1 
ATOM   104  C CG    . HIS A 1 13  ? 5.167   1.098   15.709  1.00 71.93  ? 19  HIS A CG    1 
ATOM   105  N ND1   . HIS A 1 13  ? 4.765   1.888   14.654  1.00 71.93  ? 19  HIS A ND1   1 
ATOM   106  C CD2   . HIS A 1 13  ? 6.305   1.657   16.184  1.00 71.93  ? 19  HIS A CD2   1 
ATOM   107  C CE1   . HIS A 1 13  ? 5.620   2.883   14.500  1.00 71.93  ? 19  HIS A CE1   1 
ATOM   108  N NE2   . HIS A 1 13  ? 6.564   2.768   15.417  1.00 71.93  ? 19  HIS A NE2   1 
ATOM   109  N N     . MET A 1 14  ? 6.342   -2.030  15.343  1.00 42.03  ? 20  MET A N     1 
ATOM   110  C CA    . MET A 1 14  ? 7.653   -2.518  14.928  1.00 42.03  ? 20  MET A CA    1 
ATOM   111  C C     . MET A 1 14  ? 7.579   -3.454  13.730  1.00 42.03  ? 20  MET A C     1 
ATOM   112  O O     . MET A 1 14  ? 8.434   -3.397  12.859  1.00 42.03  ? 20  MET A O     1 
ATOM   113  C CB    . MET A 1 14  ? 8.329   -3.263  16.081  1.00 67.14  ? 20  MET A CB    1 
ATOM   114  C CG    . MET A 1 14  ? 8.782   -2.395  17.238  1.00 67.14  ? 20  MET A CG    1 
ATOM   115  S SD    . MET A 1 14  ? 9.360   -3.417  18.623  1.00 67.14  ? 20  MET A SD    1 
ATOM   116  C CE    . MET A 1 14  ? 10.978  -3.961  18.006  1.00 67.14  ? 20  MET A CE    1 
ATOM   117  N N     . VAL A 1 15  ? 6.575   -4.328  13.698  1.00 52.70  ? 21  VAL A N     1 
ATOM   118  C CA    . VAL A 1 15  ? 6.424   -5.278  12.597  1.00 52.70  ? 21  VAL A CA    1 
ATOM   119  C C     . VAL A 1 15  ? 5.955   -4.616  11.301  1.00 52.70  ? 21  VAL A C     1 
ATOM   120  O O     . VAL A 1 15  ? 6.374   -5.010  10.197  1.00 52.70  ? 21  VAL A O     1 
ATOM   121  C CB    . VAL A 1 15  ? 5.431   -6.408  12.945  1.00 37.15  ? 21  VAL A CB    1 
ATOM   122  C CG1   . VAL A 1 15  ? 5.294   -7.347  11.754  1.00 37.15  ? 21  VAL A CG1   1 
ATOM   123  C CG2   . VAL A 1 15  ? 5.925   -7.189  14.181  1.00 37.15  ? 21  VAL A CG2   1 
ATOM   124  N N     . ASN A 1 16  ? 5.074   -3.628  11.428  1.00 51.65  ? 22  ASN A N     1 
ATOM   125  C CA    . ASN A 1 16  ? 4.586   -2.933  10.248  1.00 51.65  ? 22  ASN A CA    1 
ATOM   126  C C     . ASN A 1 16  ? 5.788   -2.177  9.725   1.00 51.65  ? 22  ASN A C     1 
ATOM   127  O O     . ASN A 1 16  ? 6.030   -2.119  8.515   1.00 51.65  ? 22  ASN A O     1 
ATOM   128  C CB    . ASN A 1 16  ? 3.469   -1.948  10.594  1.00 36.79  ? 22  ASN A CB    1 
ATOM   129  C CG    . ASN A 1 16  ? 2.750   -1.444  9.356   1.00 36.79  ? 22  ASN A CG    1 
ATOM   130  O OD1   . ASN A 1 16  ? 2.127   -2.222  8.633   1.00 36.79  ? 22  ASN A OD1   1 
ATOM   131  N ND2   . ASN A 1 16  ? 2.838   -0.140  9.101   1.00 36.79  ? 22  ASN A ND2   1 
ATOM   132  N N     . GLN A 1 17  ? 6.546   -1.610  10.659  1.00 53.66  ? 23  GLN A N     1 
ATOM   133  C CA    . GLN A 1 17  ? 7.749   -0.862  10.330  1.00 53.66  ? 23  GLN A CA    1 
ATOM   134  C C     . GLN A 1 17  ? 8.576   -1.763  9.423   1.00 53.66  ? 23  GLN A C     1 
ATOM   135  O O     . GLN A 1 17  ? 8.782   -1.462  8.249   1.00 53.66  ? 23  GLN A O     1 
ATOM   136  C CB    . GLN A 1 17  ? 8.526   -0.544  11.608  1.00 84.11  ? 23  GLN A CB    1 
ATOM   137  C CG    . GLN A 1 17  ? 9.619   0.501   11.459  1.00 84.11  ? 23  GLN A CG    1 
ATOM   138  C CD    . GLN A 1 17  ? 9.305   1.784   12.219  1.00 84.11  ? 23  GLN A CD    1 
ATOM   139  O OE1   . GLN A 1 17  ? 9.150   1.777   13.445  1.00 84.11  ? 23  GLN A OE1   1 
ATOM   140  N NE2   . GLN A 1 17  ? 9.210   2.894   11.491  1.00 84.11  ? 23  GLN A NE2   1 
ATOM   141  N N     . LYS A 1 18  ? 9.015   -2.890  9.976   1.00 47.08  ? 24  LYS A N     1 
ATOM   142  C CA    . LYS A 1 18  ? 9.821   -3.856  9.242   1.00 47.08  ? 24  LYS A CA    1 
ATOM   143  C C     . LYS A 1 18  ? 9.235   -4.123  7.865   1.00 47.08  ? 24  LYS A C     1 
ATOM   144  O O     . LYS A 1 18  ? 9.936   -4.055  6.859   1.00 47.08  ? 24  LYS A O     1 
ATOM   145  C CB    . LYS A 1 18  ? 9.911   -5.182  10.008  1.00 49.11  ? 24  LYS A CB    1 
ATOM   146  C CG    . LYS A 1 18  ? 10.827  -6.190  9.331   1.00 49.11  ? 24  LYS A CG    1 
ATOM   147  C CD    . LYS A 1 18  ? 10.630  -7.598  9.856   1.00 49.11  ? 24  LYS A CD    1 
ATOM   148  C CE    . LYS A 1 18  ? 11.574  -8.596  9.172   1.00 49.11  ? 24  LYS A CE    1 
ATOM   149  N NZ    . LYS A 1 18  ? 12.849  -8.814  9.926   1.00 49.11  ? 24  LYS A NZ    1 
ATOM   150  N N     . LYS A 1 19  ? 7.946   -4.431  7.838   1.00 49.08  ? 25  LYS A N     1 
ATOM   151  C CA    . LYS A 1 19  ? 7.234   -4.730  6.599   1.00 49.08  ? 25  LYS A CA    1 
ATOM   152  C C     . LYS A 1 19  ? 7.428   -3.650  5.537   1.00 49.08  ? 25  LYS A C     1 
ATOM   153  O O     . LYS A 1 19  ? 7.606   -3.952  4.354   1.00 49.08  ? 25  LYS A O     1 
ATOM   154  C CB    . LYS A 1 19  ? 5.742   -4.918  6.902   1.00 88.21  ? 25  LYS A CB    1 
ATOM   155  C CG    . LYS A 1 19  ? 4.897   -5.387  5.728   1.00 88.21  ? 25  LYS A CG    1 
ATOM   156  C CD    . LYS A 1 19  ? 4.183   -4.230  5.048   1.00 88.21  ? 25  LYS A CD    1 
ATOM   157  C CE    . LYS A 1 19  ? 3.209   -4.739  3.991   1.00 88.21  ? 25  LYS A CE    1 
ATOM   158  N NZ    . LYS A 1 19  ? 2.381   -3.651  3.399   1.00 88.21  ? 25  LYS A NZ    1 
ATOM   159  N N     . ASP A 1 20  ? 7.402   -2.390  5.956   1.00 49.82  ? 26  ASP A N     1 
ATOM   160  C CA    . ASP A 1 20  ? 7.569   -1.310  4.998   1.00 49.82  ? 26  ASP A CA    1 
ATOM   161  C C     . ASP A 1 20  ? 9.014   -1.226  4.548   1.00 49.82  ? 26  ASP A C     1 
ATOM   162  O O     . ASP A 1 20  ? 9.289   -0.992  3.368   1.00 49.82  ? 26  ASP A O     1 
ATOM   163  C CB    . ASP A 1 20  ? 7.111   0.027   5.590   1.00 69.22  ? 26  ASP A CB    1 
ATOM   164  C CG    . ASP A 1 20  ? 5.592   0.133   5.688   1.00 69.22  ? 26  ASP A CG    1 
ATOM   165  O OD1   . ASP A 1 20  ? 4.890   -0.425  4.813   1.00 69.22  ? 26  ASP A OD1   1 
ATOM   166  O OD2   . ASP A 1 20  ? 5.102   0.790   6.633   1.00 69.22  ? 26  ASP A OD2   1 
ATOM   167  N N     . ARG A 1 21  ? 9.932   -1.437  5.488   1.00 55.02  ? 27  ARG A N     1 
ATOM   168  C CA    . ARG A 1 21  ? 11.361  -1.391  5.187   1.00 55.02  ? 27  ARG A CA    1 
ATOM   169  C C     . ARG A 1 21  ? 11.698  -2.406  4.106   1.00 55.02  ? 27  ARG A C     1 
ATOM   170  O O     . ARG A 1 21  ? 12.512  -2.142  3.226   1.00 55.02  ? 27  ARG A O     1 
ATOM   171  C CB    . ARG A 1 21  ? 12.193  -1.686  6.438   1.00 107.80 ? 27  ARG A CB    1 
ATOM   172  C CG    . ARG A 1 21  ? 13.678  -1.807  6.146   1.00 107.80 ? 27  ARG A CG    1 
ATOM   173  C CD    . ARG A 1 21  ? 14.494  -2.080  7.391   1.00 107.80 ? 27  ARG A CD    1 
ATOM   174  N NE    . ARG A 1 21  ? 15.883  -2.373  7.050   1.00 107.80 ? 27  ARG A NE    1 
ATOM   175  C CZ    . ARG A 1 21  ? 16.830  -2.665  7.937   1.00 107.80 ? 27  ARG A CZ    1 
ATOM   176  N NH1   . ARG A 1 21  ? 16.540  -2.703  9.232   1.00 107.80 ? 27  ARG A NH1   1 
ATOM   177  N NH2   . ARG A 1 21  ? 18.071  -2.918  7.529   1.00 107.80 ? 27  ARG A NH2   1 
ATOM   178  N N     . LEU A 1 22  ? 11.071  -3.572  4.181   1.00 41.40  ? 28  LEU A N     1 
ATOM   179  C CA    . LEU A 1 22  ? 11.308  -4.606  3.193   1.00 41.40  ? 28  LEU A CA    1 
ATOM   180  C C     . LEU A 1 22  ? 10.731  -4.139  1.860   1.00 41.40  ? 28  LEU A C     1 
ATOM   181  O O     . LEU A 1 22  ? 11.341  -4.323  0.806   1.00 41.40  ? 28  LEU A O     1 
ATOM   182  C CB    . LEU A 1 22  ? 10.650  -5.921  3.629   1.00 54.85  ? 28  LEU A CB    1 
ATOM   183  C CG    . LEU A 1 22  ? 11.185  -6.492  4.947   1.00 54.85  ? 28  LEU A CG    1 
ATOM   184  C CD1   . LEU A 1 22  ? 10.564  -7.851  5.225   1.00 54.85  ? 28  LEU A CD1   1 
ATOM   185  C CD2   . LEU A 1 22  ? 12.691  -6.625  4.861   1.00 54.85  ? 28  LEU A CD2   1 
ATOM   186  N N     . LEU A 1 23  ? 9.554   -3.528  1.926   1.00 46.97  ? 29  LEU A N     1 
ATOM   187  C CA    . LEU A 1 23  ? 8.872   -3.017  0.749   1.00 46.97  ? 29  LEU A CA    1 
ATOM   188  C C     . LEU A 1 23  ? 9.799   -2.047  0.009   1.00 46.97  ? 29  LEU A C     1 
ATOM   189  O O     . LEU A 1 23  ? 10.075  -2.232  -1.179  1.00 46.97  ? 29  LEU A O     1 
ATOM   190  C CB    . LEU A 1 23  ? 7.589   -2.307  1.175   1.00 54.42  ? 29  LEU A CB    1 
ATOM   191  C CG    . LEU A 1 23  ? 6.709   -1.745  0.065   1.00 54.42  ? 29  LEU A CG    1 
ATOM   192  C CD1   . LEU A 1 23  ? 6.319   -2.863  -0.887  1.00 54.42  ? 29  LEU A CD1   1 
ATOM   193  C CD2   . LEU A 1 23  ? 5.485   -1.092  0.672   1.00 54.42  ? 29  LEU A CD2   1 
ATOM   194  N N     . ASN A 1 24  ? 10.283  -1.016  0.706   1.00 36.87  ? 30  ASN A N     1 
ATOM   195  C CA    . ASN A 1 24  ? 11.201  -0.067  0.087   1.00 36.87  ? 30  ASN A CA    1 
ATOM   196  C C     . ASN A 1 24  ? 12.376  -0.819  -0.548  1.00 36.87  ? 30  ASN A C     1 
ATOM   197  O O     . ASN A 1 24  ? 12.787  -0.508  -1.670  1.00 36.87  ? 30  ASN A O     1 
ATOM   198  C CB    . ASN A 1 24  ? 11.755  0.941   1.110   1.00 52.27  ? 30  ASN A CB    1 
ATOM   199  C CG    . ASN A 1 24  ? 10.749  2.019   1.484   1.00 52.27  ? 30  ASN A CG    1 
ATOM   200  O OD1   . ASN A 1 24  ? 9.996   1.876   2.450   1.00 52.27  ? 30  ASN A OD1   1 
ATOM   201  N ND2   . ASN A 1 24  ? 10.727  3.106   0.711   1.00 52.27  ? 30  ASN A ND2   1 
ATOM   202  N N     . GLU A 1 25  ? 12.910  -1.807  0.172   1.00 57.43  ? 31  GLU A N     1 
ATOM   203  C CA    . GLU A 1 25  ? 14.044  -2.592  -0.326  1.00 57.43  ? 31  GLU A CA    1 
ATOM   204  C C     . GLU A 1 25  ? 13.734  -3.369  -1.603  1.00 57.43  ? 31  GLU A C     1 
ATOM   205  O O     . GLU A 1 25  ? 14.597  -3.522  -2.463  1.00 57.43  ? 31  GLU A O     1 
ATOM   206  C CB    . GLU A 1 25  ? 14.556  -3.555  0.752   1.00 80.57  ? 31  GLU A CB    1 
ATOM   207  C CG    . GLU A 1 25  ? 15.480  -2.897  1.773   1.00 80.57  ? 31  GLU A CG    1 
ATOM   208  C CD    . GLU A 1 25  ? 16.038  -3.877  2.802   1.00 80.57  ? 31  GLU A CD    1 
ATOM   209  O OE1   . GLU A 1 25  ? 16.590  -4.924  2.391   1.00 80.57  ? 31  GLU A OE1   1 
ATOM   210  O OE2   . GLU A 1 25  ? 15.933  -3.596  4.018   1.00 80.57  ? 31  GLU A OE2   1 
ATOM   211  N N     . TYR A 1 26  ? 12.503  -3.848  -1.730  1.00 46.41  ? 32  TYR A N     1 
ATOM   212  C CA    . TYR A 1 26  ? 12.099  -4.604  -2.913  1.00 46.41  ? 32  TYR A CA    1 
ATOM   213  C C     . TYR A 1 26  ? 11.840  -3.710  -4.121  1.00 46.41  ? 32  TYR A C     1 
ATOM   214  O O     . TYR A 1 26  ? 11.990  -4.152  -5.258  1.00 46.41  ? 32  TYR A O     1 
ATOM   215  C CB    . TYR A 1 26  ? 10.827  -5.399  -2.632  1.00 77.48  ? 32  TYR A CB    1 
ATOM   216  C CG    . TYR A 1 26  ? 10.927  -6.364  -1.482  1.00 77.48  ? 32  TYR A CG    1 
ATOM   217  C CD1   . TYR A 1 26  ? 9.832   -6.579  -0.645  1.00 77.48  ? 32  TYR A CD1   1 
ATOM   218  C CD2   . TYR A 1 26  ? 12.097  -7.082  -1.242  1.00 77.48  ? 32  TYR A CD2   1 
ATOM   219  C CE1   . TYR A 1 26  ? 9.894   -7.483  0.404   1.00 77.48  ? 32  TYR A CE1   1 
ATOM   220  C CE2   . TYR A 1 26  ? 12.175  -7.994  -0.195  1.00 77.48  ? 32  TYR A CE2   1 
ATOM   221  C CZ    . TYR A 1 26  ? 11.066  -8.189  0.625   1.00 77.48  ? 32  TYR A CZ    1 
ATOM   222  O OH    . TYR A 1 26  ? 11.118  -9.091  1.661   1.00 77.48  ? 32  TYR A OH    1 
ATOM   223  N N     . LEU A 1 27  ? 11.439  -2.462  -3.876  1.00 41.53  ? 33  LEU A N     1 
ATOM   224  C CA    . LEU A 1 27  ? 11.145  -1.523  -4.966  1.00 41.53  ? 33  LEU A CA    1 
ATOM   225  C C     . LEU A 1 27  ? 12.333  -0.630  -5.330  1.00 41.53  ? 33  LEU A C     1 
ATOM   226  O O     . LEU A 1 27  ? 12.279  0.125   -6.303  1.00 41.53  ? 33  LEU A O     1 
ATOM   227  C CB    . LEU A 1 27  ? 9.951   -0.635  -4.594  1.00 35.85  ? 33  LEU A CB    1 
ATOM   228  C CG    . LEU A 1 27  ? 8.665   -1.349  -4.185  1.00 35.85  ? 33  LEU A CG    1 
ATOM   229  C CD1   . LEU A 1 27  ? 7.553   -0.328  -4.039  1.00 35.85  ? 33  LEU A CD1   1 
ATOM   230  C CD2   . LEU A 1 27  ? 8.292   -2.381  -5.229  1.00 35.85  ? 33  LEU A CD2   1 
ATOM   231  N N     . SER A 1 28  ? 13.394  -0.734  -4.536  1.00 49.29  ? 34  SER A N     1 
ATOM   232  C CA    . SER A 1 28  ? 14.609  0.042   -4.721  1.00 49.29  ? 34  SER A CA    1 
ATOM   233  C C     . SER A 1 28  ? 15.182  -0.013  -6.136  1.00 49.29  ? 34  SER A C     1 
ATOM   234  O O     . SER A 1 28  ? 15.658  0.998   -6.650  1.00 49.29  ? 34  SER A O     1 
ATOM   235  C CB    . SER A 1 28  ? 15.670  -0.423  -3.718  1.00 54.11  ? 34  SER A CB    1 
ATOM   236  O OG    . SER A 1 28  ? 16.843  0.363   -3.801  1.00 54.11  ? 34  SER A OG    1 
ATOM   237  N N     . PRO A 1 29  ? 15.169  -1.190  -6.781  1.00 36.68  ? 35  PRO A N     1 
ATOM   238  C CA    . PRO A 1 29  ? 15.712  -1.284  -8.145  1.00 36.68  ? 35  PRO A CA    1 
ATOM   239  C C     . PRO A 1 29  ? 14.726  -0.850  -9.240  1.00 36.68  ? 35  PRO A C     1 
ATOM   240  O O     . PRO A 1 29  ? 15.120  -0.649  -10.398 1.00 36.68  ? 35  PRO A O     1 
ATOM   241  C CB    . PRO A 1 29  ? 16.064  -2.774  -8.293  1.00 44.90  ? 35  PRO A CB    1 
ATOM   242  C CG    . PRO A 1 29  ? 16.088  -3.298  -6.883  1.00 44.90  ? 35  PRO A CG    1 
ATOM   243  C CD    . PRO A 1 29  ? 14.983  -2.533  -6.208  1.00 44.90  ? 35  PRO A CD    1 
ATOM   244  N N     . LEU A 1 30  ? 13.450  -0.741  -8.879  1.00 37.76  ? 36  LEU A N     1 
ATOM   245  C CA    . LEU A 1 30  ? 12.404  -0.364  -9.829  1.00 37.76  ? 36  LEU A CA    1 
ATOM   246  C C     . LEU A 1 30  ? 12.173  1.151   -9.853  1.00 37.76  ? 36  LEU A C     1 
ATOM   247  O O     . LEU A 1 30  ? 12.365  1.844   -8.845  1.00 37.76  ? 36  LEU A O     1 
ATOM   248  C CB    . LEU A 1 30  ? 11.096  -1.085  -9.477  1.00 41.54  ? 36  LEU A CB    1 
ATOM   249  C CG    . LEU A 1 30  ? 11.143  -2.601  -9.235  1.00 41.54  ? 36  LEU A CG    1 
ATOM   250  C CD1   . LEU A 1 30  ? 9.729   -3.133  -8.942  1.00 41.54  ? 36  LEU A CD1   1 
ATOM   251  C CD2   . LEU A 1 30  ? 11.723  -3.301  -10.456 1.00 41.54  ? 36  LEU A CD2   1 
ATOM   252  N N     . ASP A 1 31  ? 11.738  1.655   -11.003 1.00 31.59  ? 37  ASP A N     1 
ATOM   253  C CA    . ASP A 1 31  ? 11.501  3.084   -11.183 1.00 31.59  ? 37  ASP A CA    1 
ATOM   254  C C     . ASP A 1 31  ? 10.146  3.483   -10.575 1.00 31.59  ? 37  ASP A C     1 
ATOM   255  O O     . ASP A 1 31  ? 9.231   3.946   -11.262 1.00 31.59  ? 37  ASP A O     1 
ATOM   256  C CB    . ASP A 1 31  ? 11.553  3.398   -12.680 1.00 32.69  ? 37  ASP A CB    1 
ATOM   257  C CG    . ASP A 1 31  ? 11.663  4.882   -12.974 1.00 32.69  ? 37  ASP A CG    1 
ATOM   258  O OD1   . ASP A 1 31  ? 11.452  5.263   -14.142 1.00 32.69  ? 37  ASP A OD1   1 
ATOM   259  O OD2   . ASP A 1 31  ? 11.958  5.670   -12.064 1.00 32.69  ? 37  ASP A OD2   1 
ATOM   260  N N     . ILE A 1 32  ? 10.023  3.287   -9.271  1.00 37.25  ? 38  ILE A N     1 
ATOM   261  C CA    . ILE A 1 32  ? 8.799   3.629   -8.570  1.00 37.25  ? 38  ILE A CA    1 
ATOM   262  C C     . ILE A 1 32  ? 9.076   3.646   -7.085  1.00 37.25  ? 38  ILE A C     1 
ATOM   263  O O     . ILE A 1 32  ? 9.906   2.871   -6.603  1.00 37.25  ? 38  ILE A O     1 
ATOM   264  C CB    . ILE A 1 32  ? 7.700   2.594   -8.826  1.00 29.59  ? 38  ILE A CB    1 
ATOM   265  C CG1   . ILE A 1 32  ? 6.395   3.067   -8.174  1.00 29.59  ? 38  ILE A CG1   1 
ATOM   266  C CG2   . ILE A 1 32  ? 8.147   1.218   -8.277  1.00 29.59  ? 38  ILE A CG2   1 
ATOM   267  C CD1   . ILE A 1 32  ? 5.200   2.223   -8.506  1.00 29.59  ? 38  ILE A CD1   1 
ATOM   268  N N     . THR A 1 33  ? 8.369   4.508   -6.357  1.00 37.34  ? 39  THR A N     1 
ATOM   269  C CA    . THR A 1 33  ? 8.550   4.597   -4.915  1.00 37.34  ? 39  THR A CA    1 
ATOM   270  C C     . THR A 1 33  ? 7.423   3.895   -4.133  1.00 37.34  ? 39  THR A C     1 
ATOM   271  O O     . THR A 1 33  ? 6.309   3.724   -4.629  1.00 37.34  ? 39  THR A O     1 
ATOM   272  C CB    . THR A 1 33  ? 8.621   6.056   -4.468  1.00 28.45  ? 39  THR A CB    1 
ATOM   273  O OG1   . THR A 1 33  ? 7.330   6.655   -4.620  1.00 28.45  ? 39  THR A OG1   1 
ATOM   274  C CG2   . THR A 1 33  ? 9.641   6.835   -5.328  1.00 28.45  ? 39  THR A CG2   1 
ATOM   275  N N     . ALA A 1 34  ? 7.734   3.492   -2.902  1.00 40.45  ? 40  ALA A N     1 
ATOM   276  C CA    . ALA A 1 34  ? 6.780   2.821   -2.029  1.00 40.45  ? 40  ALA A CA    1 
ATOM   277  C C     . ALA A 1 34  ? 5.495   3.631   -1.957  1.00 40.45  ? 40  ALA A C     1 
ATOM   278  O O     . ALA A 1 34  ? 4.400   3.086   -2.087  1.00 40.45  ? 40  ALA A O     1 
ATOM   279  C CB    . ALA A 1 34  ? 7.381   2.661   -0.626  1.00 37.38  ? 40  ALA A CB    1 
ATOM   280  N N     . ALA A 1 35  ? 5.630   4.939   -1.757  1.00 36.96  ? 41  ALA A N     1 
ATOM   281  C CA    . ALA A 1 35  ? 4.463   5.805   -1.680  1.00 36.96  ? 41  ALA A CA    1 
ATOM   282  C C     . ALA A 1 35  ? 3.644   5.767   -2.968  1.00 36.96  ? 41  ALA A C     1 
ATOM   283  O O     . ALA A 1 35  ? 2.415   5.712   -2.910  1.00 36.96  ? 41  ALA A O     1 
ATOM   284  C CB    . ALA A 1 35  ? 4.880   7.237   -1.350  1.00 24.45  ? 41  ALA A CB    1 
ATOM   285  N N     . GLN A 1 36  ? 4.316   5.805   -4.123  1.00 35.44  ? 42  GLN A N     1 
ATOM   286  C CA    . GLN A 1 36  ? 3.604   5.741   -5.409  1.00 35.44  ? 42  GLN A CA    1 
ATOM   287  C C     . GLN A 1 36  ? 2.862   4.410   -5.496  1.00 35.44  ? 42  GLN A C     1 
ATOM   288  O O     . GLN A 1 36  ? 1.711   4.359   -5.938  1.00 35.44  ? 42  GLN A O     1 
ATOM   289  C CB    . GLN A 1 36  ? 4.577   5.865   -6.592  1.00 33.78  ? 42  GLN A CB    1 
ATOM   290  C CG    . GLN A 1 36  ? 5.122   7.273   -6.845  1.00 33.78  ? 42  GLN A CG    1 
ATOM   291  C CD    . GLN A 1 36  ? 6.243   7.306   -7.885  1.00 33.78  ? 42  GLN A CD    1 
ATOM   292  O OE1   . GLN A 1 36  ? 6.417   6.372   -8.670  1.00 33.78  ? 42  GLN A OE1   1 
ATOM   293  N NE2   . GLN A 1 36  ? 6.995   8.387   -7.899  1.00 33.78  ? 42  GLN A NE2   1 
ATOM   294  N N     . PHE A 1 37  ? 3.518   3.336   -5.064  1.00 35.55  ? 43  PHE A N     1 
ATOM   295  C CA    . PHE A 1 37  ? 2.899   2.007   -5.102  1.00 35.55  ? 43  PHE A CA    1 
ATOM   296  C C     . PHE A 1 37  ? 1.634   1.965   -4.234  1.00 35.55  ? 43  PHE A C     1 
ATOM   297  O O     . PHE A 1 37  ? 0.590   1.465   -4.664  1.00 35.55  ? 43  PHE A O     1 
ATOM   298  C CB    . PHE A 1 37  ? 3.894   0.946   -4.632  1.00 45.48  ? 43  PHE A CB    1 
ATOM   299  C CG    . PHE A 1 37  ? 3.347   -0.448  -4.657  1.00 45.48  ? 43  PHE A CG    1 
ATOM   300  C CD1   . PHE A 1 37  ? 2.680   -0.929  -5.784  1.00 45.48  ? 43  PHE A CD1   1 
ATOM   301  C CD2   . PHE A 1 37  ? 3.508   -1.290  -3.563  1.00 45.48  ? 43  PHE A CD2   1 
ATOM   302  C CE1   . PHE A 1 37  ? 2.179   -2.228  -5.826  1.00 45.48  ? 43  PHE A CE1   1 
ATOM   303  C CE2   . PHE A 1 37  ? 3.011   -2.595  -3.593  1.00 45.48  ? 43  PHE A CE2   1 
ATOM   304  C CZ    . PHE A 1 37  ? 2.342   -3.064  -4.731  1.00 45.48  ? 43  PHE A CZ    1 
ATOM   305  N N     . LYS A 1 38  ? 1.725   2.512   -3.025  1.00 38.60  ? 44  LYS A N     1 
ATOM   306  C CA    . LYS A 1 38  ? 0.585   2.557   -2.110  1.00 38.60  ? 44  LYS A CA    1 
ATOM   307  C C     . LYS A 1 38  ? -0.569  3.347   -2.748  1.00 38.60  ? 44  LYS A C     1 
ATOM   308  O O     . LYS A 1 38  ? -1.722  2.906   -2.730  1.00 38.60  ? 44  LYS A O     1 
ATOM   309  C CB    . LYS A 1 38  ? 0.997   3.219   -0.791  1.00 82.69  ? 44  LYS A CB    1 
ATOM   310  C CG    . LYS A 1 38  ? 2.089   2.482   -0.026  1.00 82.69  ? 44  LYS A CG    1 
ATOM   311  C CD    . LYS A 1 38  ? 2.547   3.284   1.191   1.00 82.69  ? 44  LYS A CD    1 
ATOM   312  C CE    . LYS A 1 38  ? 3.590   2.532   2.015   1.00 82.69  ? 44  LYS A CE    1 
ATOM   313  N NZ    . LYS A 1 38  ? 3.033   1.304   2.654   1.00 82.69  ? 44  LYS A NZ    1 
ATOM   314  N N     . VAL A 1 39  ? -0.267  4.515   -3.306  1.00 34.06  ? 45  VAL A N     1 
ATOM   315  C CA    . VAL A 1 39  ? -1.314  5.303   -3.948  1.00 34.06  ? 45  VAL A CA    1 
ATOM   316  C C     . VAL A 1 39  ? -1.980  4.516   -5.075  1.00 34.06  ? 45  VAL A C     1 
ATOM   317  O O     . VAL A 1 39  ? -3.187  4.640   -5.276  1.00 34.06  ? 45  VAL A O     1 
ATOM   318  C CB    . VAL A 1 39  ? -0.764  6.629   -4.514  1.00 30.26  ? 45  VAL A CB    1 
ATOM   319  C CG1   . VAL A 1 39  ? -1.779  7.272   -5.449  1.00 30.26  ? 45  VAL A CG1   1 
ATOM   320  C CG2   . VAL A 1 39  ? -0.441  7.580   -3.360  1.00 30.26  ? 45  VAL A CG2   1 
ATOM   321  N N     . LEU A 1 40  ? -1.214  3.705   -5.803  1.00 42.08  ? 46  LEU A N     1 
ATOM   322  C CA    . LEU A 1 40  ? -1.802  2.916   -6.895  1.00 42.08  ? 46  LEU A CA    1 
ATOM   323  C C     . LEU A 1 40  ? -2.708  1.794   -6.366  1.00 42.08  ? 46  LEU A C     1 
ATOM   324  O O     . LEU A 1 40  ? -3.798  1.559   -6.888  1.00 42.08  ? 46  LEU A O     1 
ATOM   325  C CB    . LEU A 1 40  ? -0.724  2.280   -7.792  1.00 33.35  ? 46  LEU A CB    1 
ATOM   326  C CG    . LEU A 1 40  ? 0.142   3.105   -8.746  1.00 33.35  ? 46  LEU A CG    1 
ATOM   327  C CD1   . LEU A 1 40  ? 0.994   2.146   -9.588  1.00 33.35  ? 46  LEU A CD1   1 
ATOM   328  C CD2   . LEU A 1 40  ? -0.711  3.962   -9.646  1.00 33.35  ? 46  LEU A CD2   1 
ATOM   329  N N     . CYS A 1 41  ? -2.253  1.099   -5.335  1.00 47.51  ? 47  CYS A N     1 
ATOM   330  C CA    . CYS A 1 41  ? -3.043  0.014   -4.778  1.00 47.51  ? 47  CYS A CA    1 
ATOM   331  C C     . CYS A 1 41  ? -4.351  0.549   -4.207  1.00 47.51  ? 47  CYS A C     1 
ATOM   332  O O     . CYS A 1 41  ? -5.391  -0.103  -4.307  1.00 47.51  ? 47  CYS A O     1 
ATOM   333  C CB    . CYS A 1 41  ? -2.250  -0.707  -3.693  1.00 47.01  ? 47  CYS A CB    1 
ATOM   334  S SG    . CYS A 1 41  ? -0.760  -1.518  -4.300  1.00 47.01  ? 47  CYS A SG    1 
ATOM   335  N N     . SER A 1 42  ? -4.297  1.738   -3.616  1.00 42.18  ? 48  SER A N     1 
ATOM   336  C CA    . SER A 1 42  ? -5.486  2.351   -3.024  1.00 42.18  ? 48  SER A CA    1 
ATOM   337  C C     . SER A 1 42  ? -6.510  2.817   -4.052  1.00 42.18  ? 48  SER A C     1 
ATOM   338  O O     . SER A 1 42  ? -7.705  2.709   -3.826  1.00 42.18  ? 48  SER A O     1 
ATOM   339  C CB    . SER A 1 42  ? -5.091  3.547   -2.155  1.00 30.64  ? 48  SER A CB    1 
ATOM   340  O OG    . SER A 1 42  ? -4.238  3.146   -1.098  1.00 30.64  ? 48  SER A OG    1 
ATOM   341  N N     . ILE A 1 43  ? -6.040  3.362   -5.170  1.00 41.78  ? 49  ILE A N     1 
ATOM   342  C CA    . ILE A 1 43  ? -6.943  3.843   -6.205  1.00 41.78  ? 49  ILE A CA    1 
ATOM   343  C C     . ILE A 1 43  ? -7.566  2.621   -6.870  1.00 41.78  ? 49  ILE A C     1 
ATOM   344  O O     . ILE A 1 43  ? -8.757  2.602   -7.173  1.00 41.78  ? 49  ILE A O     1 
ATOM   345  C CB    . ILE A 1 43  ? -6.181  4.672   -7.258  1.00 41.13  ? 49  ILE A CB    1 
ATOM   346  C CG1   . ILE A 1 43  ? -5.679  5.975   -6.628  1.00 41.13  ? 49  ILE A CG1   1 
ATOM   347  C CG2   . ILE A 1 43  ? -7.078  4.964   -8.454  1.00 41.13  ? 49  ILE A CG2   1 
ATOM   348  C CD1   . ILE A 1 43  ? -4.996  6.923   -7.612  1.00 41.13  ? 49  ILE A CD1   1 
ATOM   349  N N     . ARG A 1 44  ? -6.737  1.603   -7.084  1.00 49.26  ? 50  ARG A N     1 
ATOM   350  C CA    . ARG A 1 44  ? -7.180  0.369   -7.697  1.00 49.26  ? 50  ARG A CA    1 
ATOM   351  C C     . ARG A 1 44  ? -8.418  -0.194  -6.987  1.00 49.26  ? 50  ARG A C     1 
ATOM   352  O O     . ARG A 1 44  ? -9.515  -0.259  -7.573  1.00 49.26  ? 50  ARG A O     1 
ATOM   353  C CB    . ARG A 1 44  ? -6.047  -0.661  -7.661  1.00 66.71  ? 50  ARG A CB    1 
ATOM   354  C CG    . ARG A 1 44  ? -6.452  -2.051  -8.133  1.00 66.71  ? 50  ARG A CG    1 
ATOM   355  C CD    . ARG A 1 44  ? -5.275  -3.000  -8.167  1.00 66.71  ? 50  ARG A CD    1 
ATOM   356  N NE    . ARG A 1 44  ? -5.742  -4.375  -8.263  1.00 66.71  ? 50  ARG A NE    1 
ATOM   357  C CZ    . ARG A 1 44  ? -4.962  -5.446  -8.175  1.00 66.71  ? 50  ARG A CZ    1 
ATOM   358  N NH1   . ARG A 1 44  ? -3.652  -5.318  -7.993  1.00 66.71  ? 50  ARG A NH1   1 
ATOM   359  N NH2   . ARG A 1 44  ? -5.500  -6.655  -8.242  1.00 66.71  ? 50  ARG A NH2   1 
ATOM   360  N N     . CYS A 1 45  ? -8.225  -0.595  -5.729  1.00 56.95  ? 51  CYS A N     1 
ATOM   361  C CA    . CYS A 1 45  ? -9.274  -1.174  -4.888  1.00 56.95  ? 51  CYS A CA    1 
ATOM   362  C C     . CYS A 1 45  ? -10.593 -0.456  -4.998  1.00 56.95  ? 51  CYS A C     1 
ATOM   363  O O     . CYS A 1 45  ? -11.657 -1.078  -5.082  1.00 56.95  ? 51  CYS A O     1 
ATOM   364  C CB    . CYS A 1 45  ? -8.840  -1.158  -3.428  1.00 55.83  ? 51  CYS A CB    1 
ATOM   365  S SG    . CYS A 1 45  ? -7.389  -2.133  -3.112  1.00 55.83  ? 51  CYS A SG    1 
ATOM   366  N N     . ALA A 1 46  ? -10.513 0.864   -4.983  1.00 43.02  ? 52  ALA A N     1 
ATOM   367  C CA    . ALA A 1 46  ? -11.689 1.699   -5.067  1.00 43.02  ? 52  ALA A CA    1 
ATOM   368  C C     . ALA A 1 46  ? -12.207 1.882   -6.501  1.00 43.02  ? 52  ALA A C     1 
ATOM   369  O O     . ALA A 1 46  ? -13.287 2.460   -6.694  1.00 43.02  ? 52  ALA A O     1 
ATOM   370  C CB    . ALA A 1 46  ? -11.379 3.040   -4.450  1.00 30.40  ? 52  ALA A CB    1 
ATOM   371  N N     . ALA A 1 47  ? -11.451 1.396   -7.495  1.00 45.66  ? 53  ALA A N     1 
ATOM   372  C CA    . ALA A 1 47  ? -11.828 1.527   -8.908  1.00 45.66  ? 53  ALA A CA    1 
ATOM   373  C C     . ALA A 1 47  ? -11.694 2.979   -9.357  1.00 45.66  ? 53  ALA A C     1 
ATOM   374  O O     . ALA A 1 47  ? -10.938 3.298   -10.281 1.00 45.66  ? 53  ALA A O     1 
ATOM   375  C CB    . ALA A 1 47  ? -13.262 1.063   -9.127  1.00 34.46  ? 53  ALA A CB    1 
ATOM   376  N N     . CYS A 1 48  ? -12.453 3.841   -8.691  1.00 42.13  ? 54  CYS A N     1 
ATOM   377  C CA    . CYS A 1 48  ? -12.472 5.272   -8.941  1.00 42.13  ? 54  CYS A CA    1 
ATOM   378  C C     . CYS A 1 48  ? -12.619 5.957   -7.583  1.00 42.13  ? 54  CYS A C     1 
ATOM   379  O O     . CYS A 1 48  ? -13.475 5.579   -6.784  1.00 42.13  ? 54  CYS A O     1 
ATOM   380  C CB    . CYS A 1 48  ? -13.670 5.662   -9.811  1.00 63.33  ? 54  CYS A CB    1 
ATOM   381  S SG    . CYS A 1 48  ? -13.548 5.221   -11.546 1.00 63.33  ? 54  CYS A SG    1 
ATOM   382  N N     . ILE A 1 49  ? -11.803 6.969   -7.321  1.00 45.27  ? 55  ILE A N     1 
ATOM   383  C CA    . ILE A 1 49  ? -11.893 7.665   -6.047  1.00 45.27  ? 55  ILE A CA    1 
ATOM   384  C C     . ILE A 1 49  ? -11.501 9.123   -6.194  1.00 45.27  ? 55  ILE A C     1 
ATOM   385  O O     . ILE A 1 49  ? -10.680 9.476   -7.053  1.00 45.27  ? 55  ILE A O     1 
ATOM   386  C CB    . ILE A 1 49  ? -10.978 7.014   -4.993  1.00 41.76  ? 55  ILE A CB    1 
ATOM   387  C CG1   . ILE A 1 49  ? -11.122 7.751   -3.655  1.00 41.76  ? 55  ILE A CG1   1 
ATOM   388  C CG2   . ILE A 1 49  ? -9.531  7.033   -5.483  1.00 41.76  ? 55  ILE A CG2   1 
ATOM   389  C CD1   . ILE A 1 49  ? -10.372 7.104   -2.514  1.00 41.76  ? 55  ILE A CD1   1 
ATOM   390  N N     . THR A 1 50  ? -12.096 9.971   -5.363  1.00 37.37  ? 56  THR A N     1 
ATOM   391  C CA    . THR A 1 50  ? -11.788 11.397  -5.401  1.00 37.37  ? 56  THR A CA    1 
ATOM   392  C C     . THR A 1 50  ? -10.437 11.648  -4.726  1.00 37.37  ? 56  THR A C     1 
ATOM   393  O O     . THR A 1 50  ? -10.011 10.891  -3.845  1.00 37.37  ? 56  THR A O     1 
ATOM   394  C CB    . THR A 1 50  ? -12.867 12.219  -4.681  1.00 68.07  ? 56  THR A CB    1 
ATOM   395  O OG1   . THR A 1 50  ? -12.892 11.868  -3.291  1.00 68.07  ? 56  THR A OG1   1 
ATOM   396  C CG2   . THR A 1 50  ? -14.228 11.957  -5.303  1.00 68.07  ? 56  THR A CG2   1 
ATOM   397  N N     . PRO A 1 51  ? -9.730  12.702  -5.141  1.00 37.02  ? 57  PRO A N     1 
ATOM   398  C CA    . PRO A 1 51  ? -8.441  12.943  -4.496  1.00 37.02  ? 57  PRO A CA    1 
ATOM   399  C C     . PRO A 1 51  ? -8.596  13.150  -2.990  1.00 37.02  ? 57  PRO A C     1 
ATOM   400  O O     . PRO A 1 51  ? -7.808  12.614  -2.192  1.00 37.02  ? 57  PRO A O     1 
ATOM   401  C CB    . PRO A 1 51  ? -7.928  14.172  -5.223  1.00 39.03  ? 57  PRO A CB    1 
ATOM   402  C CG    . PRO A 1 51  ? -8.463  13.971  -6.611  1.00 39.03  ? 57  PRO A CG    1 
ATOM   403  C CD    . PRO A 1 51  ? -9.887  13.546  -6.338  1.00 39.03  ? 57  PRO A CD    1 
ATOM   404  N N     . VAL A 1 52  ? -9.626  13.896  -2.593  1.00 50.69  ? 58  VAL A N     1 
ATOM   405  C CA    . VAL A 1 52  ? -9.856  14.146  -1.173  1.00 50.69  ? 58  VAL A CA    1 
ATOM   406  C C     . VAL A 1 52  ? -10.160 12.858  -0.410  1.00 50.69  ? 58  VAL A C     1 
ATOM   407  O O     . VAL A 1 52  ? -9.644  12.650  0.688   1.00 50.69  ? 58  VAL A O     1 
ATOM   408  C CB    . VAL A 1 52  ? -10.998 15.134  -0.963  1.00 56.43  ? 58  VAL A CB    1 
ATOM   409  C CG1   . VAL A 1 52  ? -11.192 15.370  0.521   1.00 56.43  ? 58  VAL A CG1   1 
ATOM   410  C CG2   . VAL A 1 52  ? -10.691 16.445  -1.687  1.00 56.43  ? 58  VAL A CG2   1 
ATOM   411  N N     . GLU A 1 53  ? -10.999 11.996  -0.982  1.00 44.74  ? 59  GLU A N     1 
ATOM   412  C CA    . GLU A 1 53  ? -11.318 10.722  -0.339  1.00 44.74  ? 59  GLU A CA    1 
ATOM   413  C C     . GLU A 1 53  ? -10.010 9.927   -0.249  1.00 44.74  ? 59  GLU A C     1 
ATOM   414  O O     . GLU A 1 53  ? -9.713  9.286   0.760   1.00 44.74  ? 59  GLU A O     1 
ATOM   415  C CB    . GLU A 1 53  ? -12.340 9.945   -1.172  1.00 89.17  ? 59  GLU A CB    1 
ATOM   416  C CG    . GLU A 1 53  ? -12.776 8.612   -0.570  1.00 89.17  ? 59  GLU A CG    1 
ATOM   417  C CD    . GLU A 1 53  ? -13.786 8.765   0.555   1.00 89.17  ? 59  GLU A CD    1 
ATOM   418  O OE1   . GLU A 1 53  ? -13.458 9.409   1.575   1.00 89.17  ? 59  GLU A OE1   1 
ATOM   419  O OE2   . GLU A 1 53  ? -14.912 8.238   0.417   1.00 89.17  ? 59  GLU A OE2   1 
ATOM   420  N N     . LEU A 1 54  ? -9.225  9.980   -1.320  1.00 41.66  ? 60  LEU A N     1 
ATOM   421  C CA    . LEU A 1 54  ? -7.949  9.281   -1.353  1.00 41.66  ? 60  LEU A CA    1 
ATOM   422  C C     . LEU A 1 54  ? -7.032  9.883   -0.281  1.00 41.66  ? 60  LEU A C     1 
ATOM   423  O O     . LEU A 1 54  ? -6.254  9.181   0.373   1.00 41.66  ? 60  LEU A O     1 
ATOM   424  C CB    . LEU A 1 54  ? -7.320  9.428   -2.744  1.00 44.47  ? 60  LEU A CB    1 
ATOM   425  C CG    . LEU A 1 54  ? -5.968  8.757   -2.992  1.00 44.47  ? 60  LEU A CG    1 
ATOM   426  C CD1   . LEU A 1 54  ? -6.040  7.272   -2.665  1.00 44.47  ? 60  LEU A CD1   1 
ATOM   427  C CD2   . LEU A 1 54  ? -5.581  8.975   -4.450  1.00 44.47  ? 60  LEU A CD2   1 
ATOM   428  N N     . LYS A 1 55  ? -7.139  11.195  -0.109  1.00 54.28  ? 61  LYS A N     1 
ATOM   429  C CA    . LYS A 1 55  ? -6.346  11.918  0.878   1.00 54.28  ? 61  LYS A CA    1 
ATOM   430  C C     . LYS A 1 55  ? -6.654  11.373  2.278   1.00 54.28  ? 61  LYS A C     1 
ATOM   431  O O     . LYS A 1 55  ? -5.758  11.193  3.106   1.00 54.28  ? 61  LYS A O     1 
ATOM   432  C CB    . LYS A 1 55  ? -6.683  13.418  0.804   1.00 53.54  ? 61  LYS A CB    1 
ATOM   433  C CG    . LYS A 1 55  ? -5.908  14.297  1.775   1.00 53.54  ? 61  LYS A CG    1 
ATOM   434  C CD    . LYS A 1 55  ? -6.826  15.323  2.432   1.00 53.54  ? 61  LYS A CD    1 
ATOM   435  C CE    . LYS A 1 55  ? -6.113  16.089  3.557   1.00 53.54  ? 61  LYS A CE    1 
ATOM   436  N NZ    . LYS A 1 55  ? -5.566  15.207  4.657   1.00 53.54  ? 61  LYS A NZ    1 
ATOM   437  N N     . LYS A 1 56  ? -7.931  11.106  2.527   1.00 55.89  ? 62  LYS A N     1 
ATOM   438  C CA    . LYS A 1 56  ? -8.377  10.587  3.816   1.00 55.89  ? 62  LYS A CA    1 
ATOM   439  C C     . LYS A 1 56  ? -7.940  9.148   4.026   1.00 55.89  ? 62  LYS A C     1 
ATOM   440  O O     . LYS A 1 56  ? -7.521  8.773   5.119   1.00 55.89  ? 62  LYS A O     1 
ATOM   441  C CB    . LYS A 1 56  ? -9.905  10.656  3.928   1.00 90.82  ? 62  LYS A CB    1 
ATOM   442  C CG    . LYS A 1 56  ? -10.488 12.059  3.911   1.00 90.82  ? 62  LYS A CG    1 
ATOM   443  C CD    . LYS A 1 56  ? -11.996 12.033  4.177   1.00 90.82  ? 62  LYS A CD    1 
ATOM   444  C CE    . LYS A 1 56  ? -12.320 11.542  5.589   1.00 90.82  ? 62  LYS A CE    1 
ATOM   445  N NZ    . LYS A 1 56  ? -11.780 12.452  6.645   1.00 90.82  ? 62  LYS A NZ    1 
ATOM   446  N N     . VAL A 1 57  ? -8.048  8.337   2.977   1.00 51.21  ? 63  VAL A N     1 
ATOM   447  C CA    . VAL A 1 57  ? -7.671  6.932   3.069   1.00 51.21  ? 63  VAL A CA    1 
ATOM   448  C C     . VAL A 1 57  ? -6.184  6.729   3.317   1.00 51.21  ? 63  VAL A C     1 
ATOM   449  O O     . VAL A 1 57  ? -5.790  5.789   3.995   1.00 51.21  ? 63  VAL A O     1 
ATOM   450  C CB    . VAL A 1 57  ? -8.032  6.182   1.787   1.00 72.29  ? 63  VAL A CB    1 
ATOM   451  C CG1   . VAL A 1 57  ? -7.607  4.729   1.904   1.00 72.29  ? 63  VAL A CG1   1 
ATOM   452  C CG2   . VAL A 1 57  ? -9.523  6.297   1.529   1.00 72.29  ? 63  VAL A CG2   1 
ATOM   453  N N     . LEU A 1 58  ? -5.360  7.605   2.753   1.00 55.82  ? 64  LEU A N     1 
ATOM   454  C CA    . LEU A 1 58  ? -3.917  7.491   2.901   1.00 55.82  ? 64  LEU A CA    1 
ATOM   455  C C     . LEU A 1 58  ? -3.368  8.224   4.123   1.00 55.82  ? 64  LEU A C     1 
ATOM   456  O O     . LEU A 1 58  ? -2.261  7.921   4.574   1.00 55.82  ? 64  LEU A O     1 
ATOM   457  C CB    . LEU A 1 58  ? -3.228  8.027   1.641   1.00 42.64  ? 64  LEU A CB    1 
ATOM   458  C CG    . LEU A 1 58  ? -3.401  7.248   0.332   1.00 42.64  ? 64  LEU A CG    1 
ATOM   459  C CD1   . LEU A 1 58  ? -2.899  8.105   -0.826  1.00 42.64  ? 64  LEU A CD1   1 
ATOM   460  C CD2   . LEU A 1 58  ? -2.641  5.914   0.405   1.00 42.64  ? 64  LEU A CD2   1 
ATOM   461  N N     . SER A 1 59  ? -4.138  9.179   4.651   1.00 57.55  ? 65  SER A N     1 
ATOM   462  C CA    . SER A 1 59  ? -3.712  9.981   5.805   1.00 57.55  ? 65  SER A CA    1 
ATOM   463  C C     . SER A 1 59  ? -2.436  10.685  5.384   1.00 57.55  ? 65  SER A C     1 
ATOM   464  O O     . SER A 1 59  ? -1.359  10.400  5.894   1.00 57.55  ? 65  SER A O     1 
ATOM   465  C CB    . SER A 1 59  ? -3.425  9.096   7.022   1.00 69.01  ? 65  SER A CB    1 
ATOM   466  O OG    . SER A 1 59  ? -4.604  8.467   7.497   1.00 69.01  ? 65  SER A OG    1 
ATOM   467  N N     . VAL A 1 60  ? -2.569  11.614  4.448   1.00 48.95  ? 66  VAL A N     1 
ATOM   468  C CA    . VAL A 1 60  ? -1.418  12.329  3.920   1.00 48.95  ? 66  VAL A CA    1 
ATOM   469  C C     . VAL A 1 60  ? -1.744  13.793  3.681   1.00 48.95  ? 66  VAL A C     1 
ATOM   470  O O     . VAL A 1 60  ? -2.918  14.192  3.639   1.00 48.95  ? 66  VAL A O     1 
ATOM   471  C CB    . VAL A 1 60  ? -0.968  11.677  2.580   1.00 70.40  ? 66  VAL A CB    1 
ATOM   472  C CG1   . VAL A 1 60  ? 0.065   12.537  1.881   1.00 70.40  ? 66  VAL A CG1   1 
ATOM   473  C CG2   . VAL A 1 60  ? -0.406  10.277  2.843   1.00 70.40  ? 66  VAL A CG2   1 
ATOM   474  N N     . ASP A 1 61  ? -0.698  14.598  3.547   1.00 54.83  ? 67  ASP A N     1 
ATOM   475  C CA    . ASP A 1 61  ? -0.857  16.018  3.281   1.00 54.83  ? 67  ASP A CA    1 
ATOM   476  C C     . ASP A 1 61  ? -1.456  16.127  1.880   1.00 54.83  ? 67  ASP A C     1 
ATOM   477  O O     . ASP A 1 61  ? -1.010  15.447  0.948   1.00 54.83  ? 67  ASP A O     1 
ATOM   478  C CB    . ASP A 1 61  ? 0.506   16.718  3.320   1.00 69.23  ? 67  ASP A CB    1 
ATOM   479  C CG    . ASP A 1 61  ? 0.428   18.174  2.904   1.00 69.23  ? 67  ASP A CG    1 
ATOM   480  O OD1   . ASP A 1 61  ? 1.468   18.737  2.508   1.00 69.23  ? 67  ASP A OD1   1 
ATOM   481  O OD2   . ASP A 1 61  ? -0.667  18.763  2.977   1.00 69.23  ? 67  ASP A OD2   1 
ATOM   482  N N     . LEU A 1 62  ? -2.459  16.983  1.732   1.00 57.37  ? 68  LEU A N     1 
ATOM   483  C CA    . LEU A 1 62  ? -3.100  17.147  0.441   1.00 57.37  ? 68  LEU A CA    1 
ATOM   484  C C     . LEU A 1 62  ? -2.086  17.635  -0.583  1.00 57.37  ? 68  LEU A C     1 
ATOM   485  O O     . LEU A 1 62  ? -2.070  17.173  -1.725  1.00 57.37  ? 68  LEU A O     1 
ATOM   486  C CB    . LEU A 1 62  ? -4.261  18.144  0.535   1.00 70.92  ? 68  LEU A CB    1 
ATOM   487  C CG    . LEU A 1 62  ? -5.143  18.218  -0.717  1.00 70.92  ? 68  LEU A CG    1 
ATOM   488  C CD1   . LEU A 1 62  ? -5.788  16.868  -0.939  1.00 70.92  ? 68  LEU A CD1   1 
ATOM   489  C CD2   . LEU A 1 62  ? -6.206  19.292  -0.566  1.00 70.92  ? 68  LEU A CD2   1 
ATOM   490  N N     . GLY A 1 63  ? -1.236  18.565  -0.165  1.00 42.69  ? 69  GLY A N     1 
ATOM   491  C CA    . GLY A 1 63  ? -0.238  19.112  -1.067  1.00 42.69  ? 69  GLY A CA    1 
ATOM   492  C C     . GLY A 1 63  ? 0.653   18.056  -1.693  1.00 42.69  ? 69  GLY A C     1 
ATOM   493  O O     . GLY A 1 63  ? 0.935   18.096  -2.892  1.00 42.69  ? 69  GLY A O     1 
ATOM   494  N N     . ALA A 1 64  ? 1.089   17.097  -0.885  1.00 34.08  ? 70  ALA A N     1 
ATOM   495  C CA    . ALA A 1 64  ? 1.974   16.042  -1.367  1.00 34.08  ? 70  ALA A CA    1 
ATOM   496  C C     . ALA A 1 64  ? 1.222   15.053  -2.243  1.00 34.08  ? 70  ALA A C     1 
ATOM   497  O O     . ALA A 1 64  ? 1.822   14.373  -3.071  1.00 34.08  ? 70  ALA A O     1 
ATOM   498  C CB    . ALA A 1 64  ? 2.602   15.318  -0.191  1.00 29.39  ? 70  ALA A CB    1 
ATOM   499  N N     . LEU A 1 65  ? -0.094  14.978  -2.057  1.00 36.90  ? 71  LEU A N     1 
ATOM   500  C CA    . LEU A 1 65  ? -0.924  14.068  -2.835  1.00 36.90  ? 71  LEU A CA    1 
ATOM   501  C C     . LEU A 1 65  ? -1.085  14.612  -4.248  1.00 36.90  ? 71  LEU A C     1 
ATOM   502  O O     . LEU A 1 65  ? -0.949  13.876  -5.236  1.00 36.90  ? 71  LEU A O     1 
ATOM   503  C CB    . LEU A 1 65  ? -2.299  13.916  -2.182  1.00 46.47  ? 71  LEU A CB    1 
ATOM   504  C CG    . LEU A 1 65  ? -3.180  12.862  -2.859  1.00 46.47  ? 71  LEU A CG    1 
ATOM   505  C CD1   . LEU A 1 65  ? -2.546  11.505  -2.641  1.00 46.47  ? 71  LEU A CD1   1 
ATOM   506  C CD2   . LEU A 1 65  ? -4.592  12.897  -2.299  1.00 46.47  ? 71  LEU A CD2   1 
ATOM   507  N N     . THR A 1 66  ? -1.363  15.909  -4.325  1.00 33.18  ? 72  THR A N     1 
ATOM   508  C CA    . THR A 1 66  ? -1.551  16.613  -5.582  1.00 33.18  ? 72  THR A CA    1 
ATOM   509  C C     . THR A 1 66  ? -0.329  16.464  -6.460  1.00 33.18  ? 72  THR A C     1 
ATOM   510  O O     . THR A 1 66  ? -0.443  16.146  -7.646  1.00 33.18  ? 72  THR A O     1 
ATOM   511  C CB    . THR A 1 66  ? -1.785  18.124  -5.344  1.00 64.50  ? 72  THR A CB    1 
ATOM   512  O OG1   . THR A 1 66  ? -2.750  18.304  -4.300  1.00 64.50  ? 72  THR A OG1   1 
ATOM   513  C CG2   . THR A 1 66  ? -2.295  18.791  -6.616  1.00 64.50  ? 72  THR A CG2   1 
ATOM   514  N N     . ARG A 1 67  ? 0.844   16.712  -5.885  1.00 32.09  ? 73  ARG A N     1 
ATOM   515  C CA    . ARG A 1 67  ? 2.087   16.585  -6.642  1.00 32.09  ? 73  ARG A CA    1 
ATOM   516  C C     . ARG A 1 67  ? 2.246   15.122  -7.007  1.00 32.09  ? 73  ARG A C     1 
ATOM   517  O O     . ARG A 1 67  ? 2.654   14.792  -8.107  1.00 32.09  ? 73  ARG A O     1 
ATOM   518  C CB    . ARG A 1 67  ? 3.299   17.052  -5.813  1.00 47.77  ? 73  ARG A CB    1 
ATOM   519  C CG    . ARG A 1 67  ? 3.258   18.518  -5.409  1.00 47.77  ? 73  ARG A CG    1 
ATOM   520  C CD    . ARG A 1 67  ? 4.651   19.059  -5.079  1.00 47.77  ? 73  ARG A CD    1 
ATOM   521  N NE    . ARG A 1 67  ? 5.316   18.322  -4.007  1.00 47.77  ? 73  ARG A NE    1 
ATOM   522  C CZ    . ARG A 1 67  ? 4.985   18.402  -2.721  1.00 47.77  ? 73  ARG A CZ    1 
ATOM   523  N NH1   . ARG A 1 67  ? 3.991   19.191  -2.328  1.00 47.77  ? 73  ARG A NH1   1 
ATOM   524  N NH2   . ARG A 1 67  ? 5.652   17.693  -1.822  1.00 47.77  ? 73  ARG A NH2   1 
ATOM   525  N N     . MET A 1 68  ? 1.915   14.250  -6.065  1.00 37.17  ? 74  MET A N     1 
ATOM   526  C CA    . MET A 1 68  ? 1.999   12.807  -6.276  1.00 37.17  ? 74  MET A CA    1 
ATOM   527  C C     . MET A 1 68  ? 1.105   12.380  -7.449  1.00 37.17  ? 74  MET A C     1 
ATOM   528  O O     . MET A 1 68  ? 1.533   11.642  -8.344  1.00 37.17  ? 74  MET A O     1 
ATOM   529  C CB    . MET A 1 68  ? 1.550   12.070  -5.007  1.00 41.38  ? 74  MET A CB    1 
ATOM   530  C CG    . MET A 1 68  ? 1.243   10.593  -5.212  1.00 41.38  ? 74  MET A CG    1 
ATOM   531  S SD    . MET A 1 68  ? 2.710   9.642   -5.573  1.00 41.38  ? 74  MET A SD    1 
ATOM   532  C CE    . MET A 1 68  ? 3.198   9.171   -3.869  1.00 41.38  ? 74  MET A CE    1 
ATOM   533  N N     . LEU A 1 69  ? -0.142  12.841  -7.436  1.00 30.84  ? 75  LEU A N     1 
ATOM   534  C CA    . LEU A 1 69  ? -1.062  12.473  -8.499  1.00 30.84  ? 75  LEU A CA    1 
ATOM   535  C C     . LEU A 1 69  ? -0.546  12.982  -9.851  1.00 30.84  ? 75  LEU A C     1 
ATOM   536  O O     . LEU A 1 69  ? -0.634  12.274  -10.864 1.00 30.84  ? 75  LEU A O     1 
ATOM   537  C CB    . LEU A 1 69  ? -2.464  13.001  -8.183  1.00 25.28  ? 75  LEU A CB    1 
ATOM   538  C CG    . LEU A 1 69  ? -3.205  12.276  -7.037  1.00 25.28  ? 75  LEU A CG    1 
ATOM   539  C CD1   . LEU A 1 69  ? -4.541  12.959  -6.762  1.00 25.28  ? 75  LEU A CD1   1 
ATOM   540  C CD2   . LEU A 1 69  ? -3.482  10.820  -7.424  1.00 25.28  ? 75  LEU A CD2   1 
ATOM   541  N N     . ASP A 1 70  ? 0.028   14.188  -9.859  1.00 31.28  ? 76  ASP A N     1 
ATOM   542  C CA    . ASP A 1 70  ? 0.562   14.749  -11.099 1.00 31.28  ? 76  ASP A CA    1 
ATOM   543  C C     . ASP A 1 70  ? 1.746   13.913  -11.563 1.00 31.28  ? 76  ASP A C     1 
ATOM   544  O O     . ASP A 1 70  ? 1.882   13.644  -12.748 1.00 31.28  ? 76  ASP A O     1 
ATOM   545  C CB    . ASP A 1 70  ? 1.002   16.206  -10.919 1.00 35.21  ? 76  ASP A CB    1 
ATOM   546  C CG    . ASP A 1 70  ? -0.152  17.205  -11.086 1.00 35.21  ? 76  ASP A CG    1 
ATOM   547  O OD1   . ASP A 1 70  ? -1.283  16.806  -11.461 1.00 35.21  ? 76  ASP A OD1   1 
ATOM   548  O OD2   . ASP A 1 70  ? 0.085   18.409  -10.848 1.00 35.21  ? 76  ASP A OD2   1 
ATOM   549  N N     . ARG A 1 71  ? 2.616   13.504  -10.647 1.00 31.46  ? 77  ARG A N     1 
ATOM   550  C CA    . ARG A 1 71  ? 3.748   12.683  -11.059 1.00 31.46  ? 77  ARG A CA    1 
ATOM   551  C C     . ARG A 1 71  ? 3.224   11.372  -11.651 1.00 31.46  ? 77  ARG A C     1 
ATOM   552  O O     . ARG A 1 71  ? 3.728   10.893  -12.663 1.00 31.46  ? 77  ARG A O     1 
ATOM   553  C CB    . ARG A 1 71  ? 4.673   12.384  -9.873  1.00 37.99  ? 77  ARG A CB    1 
ATOM   554  C CG    . ARG A 1 71  ? 5.828   11.427  -10.178 1.00 37.99  ? 77  ARG A CG    1 
ATOM   555  C CD    . ARG A 1 71  ? 6.640   11.879  -11.398 1.00 37.99  ? 77  ARG A CD    1 
ATOM   556  N NE    . ARG A 1 71  ? 7.236   13.210  -11.241 1.00 37.99  ? 77  ARG A NE    1 
ATOM   557  C CZ    . ARG A 1 71  ? 8.261   13.487  -10.440 1.00 37.99  ? 77  ARG A CZ    1 
ATOM   558  N NH1   . ARG A 1 71  ? 8.815   12.521  -9.712  1.00 37.99  ? 77  ARG A NH1   1 
ATOM   559  N NH2   . ARG A 1 71  ? 8.744   14.721  -10.374 1.00 37.99  ? 77  ARG A NH2   1 
ATOM   560  N N     . LEU A 1 72  ? 2.207   10.791  -11.027 1.00 29.78  ? 78  LEU A N     1 
ATOM   561  C CA    . LEU A 1 72  ? 1.666   9.523   -11.528 1.00 29.78  ? 78  LEU A CA    1 
ATOM   562  C C     . LEU A 1 72  ? 1.050   9.676   -12.919 1.00 29.78  ? 78  LEU A C     1 
ATOM   563  O O     . LEU A 1 72  ? 1.127   8.761   -13.741 1.00 29.78  ? 78  LEU A O     1 
ATOM   564  C CB    . LEU A 1 72  ? 0.650   8.953   -10.530 1.00 25.32  ? 78  LEU A CB    1 
ATOM   565  C CG    . LEU A 1 72  ? 1.320   8.428   -9.246  1.00 25.32  ? 78  LEU A CG    1 
ATOM   566  C CD1   . LEU A 1 72  ? 0.314   8.039   -8.186  1.00 25.32  ? 78  LEU A CD1   1 
ATOM   567  C CD2   . LEU A 1 72  ? 2.188   7.253   -9.628  1.00 25.32  ? 78  LEU A CD2   1 
ATOM   568  N N     . VAL A 1 73  ? 0.438   10.826  -13.189 1.00 31.60  ? 79  VAL A N     1 
ATOM   569  C CA    . VAL A 1 73  ? -0.139  11.058  -14.515 1.00 31.60  ? 79  VAL A CA    1 
ATOM   570  C C     . VAL A 1 73  ? 1.014   11.162  -15.508 1.00 31.60  ? 79  VAL A C     1 
ATOM   571  O O     . VAL A 1 73  ? 0.938   10.593  -16.591 1.00 31.60  ? 79  VAL A O     1 
ATOM   572  C CB    . VAL A 1 73  ? -0.979  12.351  -14.549 1.00 28.89  ? 79  VAL A CB    1 
ATOM   573  C CG1   . VAL A 1 73  ? -1.423  12.666  -15.965 1.00 28.89  ? 79  VAL A CG1   1 
ATOM   574  C CG2   . VAL A 1 73  ? -2.192  12.185  -13.630 1.00 28.89  ? 79  VAL A CG2   1 
ATOM   575  N N     . CYS A 1 74  ? 2.093   11.860  -15.129 1.00 35.75  ? 80  CYS A N     1 
ATOM   576  C CA    . CYS A 1 74  ? 3.271   11.993  -16.002 1.00 35.75  ? 80  CYS A CA    1 
ATOM   577  C C     . CYS A 1 74  ? 3.842   10.622  -16.345 1.00 35.75  ? 80  CYS A C     1 
ATOM   578  O O     . CYS A 1 74  ? 4.408   10.422  -17.423 1.00 35.75  ? 80  CYS A O     1 
ATOM   579  C CB    . CYS A 1 74  ? 4.382   12.806  -15.334 1.00 46.08  ? 80  CYS A CB    1 
ATOM   580  S SG    . CYS A 1 74  ? 4.200   14.584  -15.408 1.00 46.08  ? 80  CYS A SG    1 
ATOM   581  N N     . LYS A 1 75  ? 3.728   9.680   -15.421 1.00 40.46  ? 81  LYS A N     1 
ATOM   582  C CA    . LYS A 1 75  ? 4.244   8.348   -15.683 1.00 40.46  ? 81  LYS A CA    1 
ATOM   583  C C     . LYS A 1 75  ? 3.223   7.531   -16.480 1.00 40.46  ? 81  LYS A C     1 
ATOM   584  O O     . LYS A 1 75  ? 3.499   6.397   -16.887 1.00 40.46  ? 81  LYS A O     1 
ATOM   585  C CB    . LYS A 1 75  ? 4.580   7.645   -14.368 1.00 28.93  ? 81  LYS A CB    1 
ATOM   586  C CG    . LYS A 1 75  ? 5.831   8.172   -13.691 1.00 28.93  ? 81  LYS A CG    1 
ATOM   587  C CD    . LYS A 1 75  ? 6.096   7.405   -12.393 1.00 28.93  ? 81  LYS A CD    1 
ATOM   588  C CE    . LYS A 1 75  ? 7.495   7.658   -11.851 1.00 28.93  ? 81  LYS A CE    1 
ATOM   589  N NZ    . LYS A 1 75  ? 7.921   6.573   -10.936 1.00 28.93  ? 81  LYS A NZ    1 
ATOM   590  N N     . GLY A 1 76  ? 2.049   8.121   -16.704 1.00 34.82  ? 82  GLY A N     1 
ATOM   591  C CA    . GLY A 1 76  ? 1.006   7.438   -17.456 1.00 34.82  ? 82  GLY A CA    1 
ATOM   592  C C     . GLY A 1 76  ? 0.321   6.325   -16.668 1.00 34.82  ? 82  GLY A C     1 
ATOM   593  O O     . GLY A 1 76  ? -0.291  5.427   -17.250 1.00 34.82  ? 82  GLY A O     1 
ATOM   594  N N     . TRP A 1 77  ? 0.409   6.377   -15.340 1.00 32.56  ? 83  TRP A N     1 
ATOM   595  C CA    . TRP A 1 77  ? -0.202  5.342   -14.528 1.00 32.56  ? 83  TRP A CA    1 
ATOM   596  C C     . TRP A 1 77  ? -1.574  5.706   -13.994 1.00 32.56  ? 83  TRP A C     1 
ATOM   597  O O     . TRP A 1 77  ? -2.337  4.829   -13.606 1.00 32.56  ? 83  TRP A O     1 
ATOM   598  C CB    . TRP A 1 77  ? 0.708   4.984   -13.352 1.00 37.53  ? 83  TRP A CB    1 
ATOM   599  C CG    . TRP A 1 77  ? 2.037   4.425   -13.741 1.00 37.53  ? 83  TRP A CG    1 
ATOM   600  C CD1   . TRP A 1 77  ? 2.387   3.919   -14.957 1.00 37.53  ? 83  TRP A CD1   1 
ATOM   601  C CD2   . TRP A 1 77  ? 3.201   4.329   -12.914 1.00 37.53  ? 83  TRP A CD2   1 
ATOM   602  N NE1   . TRP A 1 77  ? 3.701   3.518   -14.944 1.00 37.53  ? 83  TRP A NE1   1 
ATOM   603  C CE2   . TRP A 1 77  ? 4.227   3.759   -13.701 1.00 37.53  ? 83  TRP A CE2   1 
ATOM   604  C CE3   . TRP A 1 77  ? 3.479   4.672   -11.586 1.00 37.53  ? 83  TRP A CE3   1 
ATOM   605  C CZ2   . TRP A 1 77  ? 5.513   3.523   -13.208 1.00 37.53  ? 83  TRP A CZ2   1 
ATOM   606  C CZ3   . TRP A 1 77  ? 4.764   4.437   -11.088 1.00 37.53  ? 83  TRP A CZ3   1 
ATOM   607  C CH2   . TRP A 1 77  ? 5.765   3.867   -11.901 1.00 37.53  ? 83  TRP A CH2   1 
ATOM   608  N N     . VAL A 1 78  ? -1.898  6.994   -13.981 1.00 30.33  ? 84  VAL A N     1 
ATOM   609  C CA    . VAL A 1 78  ? -3.175  7.455   -13.454 1.00 30.33  ? 84  VAL A CA    1 
ATOM   610  C C     . VAL A 1 78  ? -3.815  8.481   -14.379 1.00 30.33  ? 84  VAL A C     1 
ATOM   611  O O     . VAL A 1 78  ? -3.116  9.195   -15.095 1.00 30.33  ? 84  VAL A O     1 
ATOM   612  C CB    . VAL A 1 78  ? -2.966  8.090   -12.053 1.00 28.67  ? 84  VAL A CB    1 
ATOM   613  C CG1   . VAL A 1 78  ? -4.225  8.785   -11.583 1.00 28.67  ? 84  VAL A CG1   1 
ATOM   614  C CG2   . VAL A 1 78  ? -2.539  7.015   -11.053 1.00 28.67  ? 84  VAL A CG2   1 
ATOM   615  N N     . GLU A 1 79  ? -5.142  8.541   -14.378 1.00 32.27  ? 85  GLU A N     1 
ATOM   616  C CA    . GLU A 1 79  ? -5.845  9.512   -15.204 1.00 32.27  ? 85  GLU A CA    1 
ATOM   617  C C     . GLU A 1 79  ? -7.032  10.042  -14.417 1.00 32.27  ? 85  GLU A C     1 
ATOM   618  O O     . GLU A 1 79  ? -7.561  9.357   -13.528 1.00 32.27  ? 85  GLU A O     1 
ATOM   619  C CB    . GLU A 1 79  ? -6.303  8.898   -16.537 1.00 48.71  ? 85  GLU A CB    1 
ATOM   620  C CG    . GLU A 1 79  ? -7.507  7.980   -16.488 1.00 48.71  ? 85  GLU A CG    1 
ATOM   621  C CD    . GLU A 1 79  ? -7.754  7.310   -17.839 1.00 48.71  ? 85  GLU A CD    1 
ATOM   622  O OE1   . GLU A 1 79  ? -6.859  6.588   -18.300 1.00 48.71  ? 85  GLU A OE1   1 
ATOM   623  O OE2   . GLU A 1 79  ? -8.828  7.500   -18.456 1.00 48.71  ? 85  GLU A OE2   1 
ATOM   624  N N     . ARG A 1 80  ? -7.424  11.265  -14.747 1.00 41.63  ? 86  ARG A N     1 
ATOM   625  C CA    . ARG A 1 80  ? -8.516  11.966  -14.093 1.00 41.63  ? 86  ARG A CA    1 
ATOM   626  C C     . ARG A 1 80  ? -9.777  12.046  -14.952 1.00 41.63  ? 86  ARG A C     1 
ATOM   627  O O     . ARG A 1 80  ? -9.713  12.348  -16.148 1.00 41.63  ? 86  ARG A O     1 
ATOM   628  C CB    . ARG A 1 80  ? -8.059  13.385  -13.770 1.00 42.32  ? 86  ARG A CB    1 
ATOM   629  C CG    . ARG A 1 80  ? -8.278  13.820  -12.352 1.00 42.32  ? 86  ARG A CG    1 
ATOM   630  C CD    . ARG A 1 80  ? -7.629  15.157  -12.168 1.00 42.32  ? 86  ARG A CD    1 
ATOM   631  N NE    . ARG A 1 80  ? -6.237  15.069  -12.577 1.00 42.32  ? 86  ARG A NE    1 
ATOM   632  C CZ    . ARG A 1 80  ? -5.195  15.175  -11.757 1.00 42.32  ? 86  ARG A CZ    1 
ATOM   633  N NH1   . ARG A 1 80  ? -5.385  15.385  -10.465 1.00 42.32  ? 86  ARG A NH1   1 
ATOM   634  N NH2   . ARG A 1 80  ? -3.962  15.058  -12.238 1.00 42.32  ? 86  ARG A NH2   1 
ATOM   635  N N     . LEU A 1 81  ? -10.926 11.783  -14.341 1.00 39.77  ? 87  LEU A N     1 
ATOM   636  C CA    . LEU A 1 81  ? -12.183 11.872  -15.069 1.00 39.77  ? 87  LEU A CA    1 
ATOM   637  C C     . LEU A 1 81  ? -13.162 12.679  -14.227 1.00 39.77  ? 87  LEU A C     1 
ATOM   638  O O     . LEU A 1 81  ? -12.976 12.834  -13.021 1.00 39.77  ? 87  LEU A O     1 
ATOM   639  C CB    . LEU A 1 81  ? -12.762 10.488  -15.354 1.00 48.09  ? 87  LEU A CB    1 
ATOM   640  C CG    . LEU A 1 81  ? -13.148 9.654   -14.135 1.00 48.09  ? 87  LEU A CG    1 
ATOM   641  C CD1   . LEU A 1 81  ? -14.349 8.784   -14.475 1.00 48.09  ? 87  LEU A CD1   1 
ATOM   642  C CD2   . LEU A 1 81  ? -11.956 8.803   -13.696 1.00 48.09  ? 87  LEU A CD2   1 
ATOM   643  N N     . PRO A 1 82  ? -14.214 13.218  -14.862 1.00 54.80  ? 88  PRO A N     1 
ATOM   644  C CA    . PRO A 1 82  ? -15.205 14.012  -14.129 1.00 54.80  ? 88  PRO A CA    1 
ATOM   645  C C     . PRO A 1 82  ? -15.957 13.136  -13.140 1.00 54.80  ? 88  PRO A C     1 
ATOM   646  O O     . PRO A 1 82  ? -16.237 11.970  -13.425 1.00 54.80  ? 88  PRO A O     1 
ATOM   647  C CB    . PRO A 1 82  ? -16.111 14.547  -15.238 1.00 66.77  ? 88  PRO A CB    1 
ATOM   648  C CG    . PRO A 1 82  ? -15.191 14.593  -16.444 1.00 66.77  ? 88  PRO A CG    1 
ATOM   649  C CD    . PRO A 1 82  ? -14.462 13.279  -16.313 1.00 66.77  ? 88  PRO A CD    1 
ATOM   650  N N     . ASN A 1 83  ? -16.261 13.689  -11.970 1.00 61.50  ? 89  ASN A N     1 
ATOM   651  C CA    . ASN A 1 83  ? -16.991 12.947  -10.950 1.00 61.50  ? 89  ASN A CA    1 
ATOM   652  C C     . ASN A 1 83  ? -18.478 13.091  -11.259 1.00 61.50  ? 89  ASN A C     1 
ATOM   653  O O     . ASN A 1 83  ? -19.008 14.198  -11.281 1.00 61.50  ? 89  ASN A O     1 
ATOM   654  C CB    . ASN A 1 83  ? -16.694 13.506  -9.553  1.00 63.20  ? 89  ASN A CB    1 
ATOM   655  C CG    . ASN A 1 83  ? -17.334 12.681  -8.444  1.00 63.20  ? 89  ASN A CG    1 
ATOM   656  O OD1   . ASN A 1 83  ? -18.493 12.291  -8.544  1.00 63.20  ? 89  ASN A OD1   1 
ATOM   657  N ND2   . ASN A 1 83  ? -16.585 12.419  -7.381  1.00 63.20  ? 89  ASN A ND2   1 
ATOM   658  N N     . PRO A 1 84  ? -19.165 11.969  -11.525 1.00 66.40  ? 90  PRO A N     1 
ATOM   659  C CA    . PRO A 1 84  ? -20.597 11.984  -11.835 1.00 66.40  ? 90  PRO A CA    1 
ATOM   660  C C     . PRO A 1 84  ? -21.455 12.522  -10.692 1.00 66.40  ? 90  PRO A C     1 
ATOM   661  O O     . PRO A 1 84  ? -22.257 13.433  -10.886 1.00 66.40  ? 90  PRO A O     1 
ATOM   662  C CB    . PRO A 1 84  ? -20.894 10.520  -12.144 1.00 66.93  ? 90  PRO A CB    1 
ATOM   663  C CG    . PRO A 1 84  ? -19.600 10.042  -12.727 1.00 66.93  ? 90  PRO A CG    1 
ATOM   664  C CD    . PRO A 1 84  ? -18.603 10.630  -11.758 1.00 66.93  ? 90  PRO A CD    1 
ATOM   665  N N     . ASN A 1 85  ? -21.278 11.959  -9.502  1.00 79.71  ? 91  ASN A N     1 
ATOM   666  C CA    . ASN A 1 85  ? -22.036 12.390  -8.329  1.00 79.71  ? 91  ASN A CA    1 
ATOM   667  C C     . ASN A 1 85  ? -21.702 13.827  -7.907  1.00 79.71  ? 91  ASN A C     1 
ATOM   668  O O     . ASN A 1 85  ? -22.119 14.279  -6.839  1.00 79.71  ? 91  ASN A O     1 
ATOM   669  C CB    . ASN A 1 85  ? -21.782 11.439  -7.153  1.00 119.06 ? 91  ASN A CB    1 
ATOM   670  C CG    . ASN A 1 85  ? -22.191 10.009  -7.458  1.00 119.06 ? 91  ASN A CG    1 
ATOM   671  O OD1   . ASN A 1 85  ? -23.345 9.738   -7.796  1.00 119.06 ? 91  ASN A OD1   1 
ATOM   672  N ND2   . ASN A 1 85  ? -21.244 9.086   -7.339  1.00 119.06 ? 91  ASN A ND2   1 
ATOM   673  N N     . ASP A 1 86  ? -20.941 14.530  -8.742  1.00 89.89  ? 92  ASP A N     1 
ATOM   674  C CA    . ASP A 1 86  ? -20.566 15.917  -8.477  1.00 89.89  ? 92  ASP A CA    1 
ATOM   675  C C     . ASP A 1 86  ? -20.575 16.661  -9.810  1.00 89.89  ? 92  ASP A C     1 
ATOM   676  O O     . ASP A 1 86  ? -21.424 16.396  -10.662 1.00 89.89  ? 92  ASP A O     1 
ATOM   677  C CB    . ASP A 1 86  ? -19.175 15.991  -7.831  1.00 66.82  ? 92  ASP A CB    1 
ATOM   678  C CG    . ASP A 1 86  ? -18.869 17.369  -7.245  1.00 66.82  ? 92  ASP A CG    1 
ATOM   679  O OD1   . ASP A 1 86  ? -17.902 17.487  -6.460  1.00 66.82  ? 92  ASP A OD1   1 
ATOM   680  O OD2   . ASP A 1 86  ? -19.588 18.335  -7.571  1.00 66.82  ? 92  ASP A OD2   1 
ATOM   681  N N     . LYS A 1 87  ? -19.634 17.583  -9.992  1.00 72.63  ? 93  LYS A N     1 
ATOM   682  C CA    . LYS A 1 87  ? -19.544 18.357  -11.228 1.00 72.63  ? 93  LYS A CA    1 
ATOM   683  C C     . LYS A 1 87  ? -18.475 19.424  -11.049 1.00 72.63  ? 93  LYS A C     1 
ATOM   684  O O     . LYS A 1 87  ? -18.019 20.038  -12.012 1.00 72.63  ? 93  LYS A O     1 
ATOM   685  C CB    . LYS A 1 87  ? -20.893 19.012  -11.547 1.00 83.15  ? 93  LYS A CB    1 
ATOM   686  C CG    . LYS A 1 87  ? -20.972 19.722  -12.894 1.00 83.15  ? 93  LYS A CG    1 
ATOM   687  C CD    . LYS A 1 87  ? -20.768 18.772  -14.074 1.00 83.15  ? 93  LYS A CD    1 
ATOM   688  C CE    . LYS A 1 87  ? -19.290 18.518  -14.364 1.00 83.15  ? 93  LYS A CE    1 
ATOM   689  N NZ    . LYS A 1 87  ? -19.082 17.633  -15.546 1.00 83.15  ? 93  LYS A NZ    1 
ATOM   690  N N     . ARG A 1 88  ? -18.088 19.636  -9.797  1.00 58.78  ? 94  ARG A N     1 
ATOM   691  C CA    . ARG A 1 88  ? -17.065 20.610  -9.453  1.00 58.78  ? 94  ARG A CA    1 
ATOM   692  C C     . ARG A 1 88  ? -15.813 19.815  -9.092  1.00 58.78  ? 94  ARG A C     1 
ATOM   693  O O     . ARG A 1 88  ? -14.804 20.371  -8.670  1.00 58.78  ? 94  ARG A O     1 
ATOM   694  C CB    . ARG A 1 88  ? -17.519 21.441  -8.247  1.00 92.71  ? 94  ARG A CB    1 
ATOM   695  C CG    . ARG A 1 88  ? -16.612 22.617  -7.914  1.00 92.71  ? 94  ARG A CG    1 
ATOM   696  C CD    . ARG A 1 88  ? -16.836 23.781  -8.874  1.00 92.71  ? 94  ARG A CD    1 
ATOM   697  N NE    . ARG A 1 88  ? -18.092 24.473  -8.604  1.00 92.71  ? 94  ARG A NE    1 
ATOM   698  C CZ    . ARG A 1 88  ? -18.301 25.246  -7.544  1.00 92.71  ? 94  ARG A CZ    1 
ATOM   699  N NH1   . ARG A 1 88  ? -17.333 25.429  -6.656  1.00 92.71  ? 94  ARG A NH1   1 
ATOM   700  N NH2   . ARG A 1 88  ? -19.484 25.819  -7.362  1.00 92.71  ? 94  ARG A NH2   1 
ATOM   701  N N     . GLY A 1 89  ? -15.889 18.500  -9.267  1.00 44.29  ? 95  GLY A N     1 
ATOM   702  C CA    . GLY A 1 89  ? -14.763 17.652  -8.924  1.00 44.29  ? 95  GLY A CA    1 
ATOM   703  C C     . GLY A 1 89  ? -14.426 16.570  -9.924  1.00 44.29  ? 95  GLY A C     1 
ATOM   704  O O     . GLY A 1 89  ? -15.078 16.424  -10.961 1.00 44.29  ? 95  GLY A O     1 
ATOM   705  N N     . VAL A 1 90  ? -13.391 15.803  -9.606  1.00 40.14  ? 96  VAL A N     1 
ATOM   706  C CA    . VAL A 1 90  ? -12.950 14.732  -10.481 1.00 40.14  ? 96  VAL A CA    1 
ATOM   707  C C     . VAL A 1 90  ? -12.640 13.485  -9.694  1.00 40.14  ? 96  VAL A C     1 
ATOM   708  O O     . VAL A 1 90  ? -12.603 13.499  -8.459  1.00 40.14  ? 96  VAL A O     1 
ATOM   709  C CB    . VAL A 1 90  ? -11.670 15.110  -11.265 1.00 35.66  ? 96  VAL A CB    1 
ATOM   710  C CG1   . VAL A 1 90  ? -11.938 16.311  -12.132 1.00 35.66  ? 96  VAL A CG1   1 
ATOM   711  C CG2   . VAL A 1 90  ? -10.517 15.372  -10.309 1.00 35.66  ? 96  VAL A CG2   1 
ATOM   712  N N     . LEU A 1 91  ? -12.422 12.402  -10.424 1.00 30.82  ? 97  LEU A N     1 
ATOM   713  C CA    . LEU A 1 91  ? -12.093 11.129  -9.820  1.00 30.82  ? 97  LEU A CA    1 
ATOM   714  C C     . LEU A 1 91  ? -10.775 10.781  -10.474 1.00 30.82  ? 97  LEU A C     1 
ATOM   715  O O     . LEU A 1 91  ? -10.426 11.326  -11.525 1.00 30.82  ? 97  LEU A O     1 
ATOM   716  C CB    . LEU A 1 91  ? -13.132 10.045  -10.179 1.00 43.64  ? 97  LEU A CB    1 
ATOM   717  C CG    . LEU A 1 91  ? -14.593 10.124  -9.694  1.00 43.64  ? 97  LEU A CG    1 
ATOM   718  C CD1   . LEU A 1 91  ? -15.442 9.219   -10.560 1.00 43.64  ? 97  LEU A CD1   1 
ATOM   719  C CD2   . LEU A 1 91  ? -14.723 9.712   -8.224  1.00 43.64  ? 97  LEU A CD2   1 
ATOM   720  N N     . VAL A 1 92  ? -10.031 9.890   -9.847  1.00 40.02  ? 98  VAL A N     1 
ATOM   721  C CA    . VAL A 1 92  ? -8.789  9.462   -10.434 1.00 40.02  ? 98  VAL A CA    1 
ATOM   722  C C     . VAL A 1 92  ? -8.883  7.960   -10.451 1.00 40.02  ? 98  VAL A C     1 
ATOM   723  O O     . VAL A 1 92  ? -9.397  7.351   -9.509  1.00 40.02  ? 98  VAL A O     1 
ATOM   724  C CB    . VAL A 1 92  ? -7.560  9.906   -9.607  1.00 33.09  ? 98  VAL A CB    1 
ATOM   725  C CG1   . VAL A 1 92  ? -7.451  11.452  -9.606  1.00 33.09  ? 98  VAL A CG1   1 
ATOM   726  C CG2   . VAL A 1 92  ? -7.663  9.365   -8.191  1.00 33.09  ? 98  VAL A CG2   1 
ATOM   727  N N     . LYS A 1 93  ? -8.428  7.367   -11.545 1.00 35.95  ? 99  LYS A N     1 
ATOM   728  C CA    . LYS A 1 93  ? -8.433  5.922   -11.678 1.00 35.95  ? 99  LYS A CA    1 
ATOM   729  C C     . LYS A 1 93  ? -7.135  5.580   -12.374 1.00 35.95  ? 99  LYS A C     1 
ATOM   730  O O     . LYS A 1 93  ? -6.467  6.458   -12.936 1.00 35.95  ? 99  LYS A O     1 
ATOM   731  C CB    . LYS A 1 93  ? -9.623  5.473   -12.524 1.00 43.93  ? 99  LYS A CB    1 
ATOM   732  C CG    . LYS A 1 93  ? -9.528  5.850   -13.992 1.00 43.93  ? 99  LYS A CG    1 
ATOM   733  C CD    . LYS A 1 93  ? -10.836 5.570   -14.701 1.00 43.93  ? 99  LYS A CD    1 
ATOM   734  C CE    . LYS A 1 93  ? -10.611 4.795   -15.975 1.00 43.93  ? 99  LYS A CE    1 
ATOM   735  N NZ    . LYS A 1 93  ? -9.972  3.470   -15.709 1.00 43.93  ? 99  LYS A NZ    1 
ATOM   736  N N     . LEU A 1 94  ? -6.773  4.308   -12.344 1.00 44.66  ? 100 LEU A N     1 
ATOM   737  C CA    . LEU A 1 94  ? -5.556  3.872   -12.990 1.00 44.66  ? 100 LEU A CA    1 
ATOM   738  C C     . LEU A 1 94  ? -5.771  3.720   -14.481 1.00 44.66  ? 100 LEU A C     1 
ATOM   739  O O     . LEU A 1 94  ? -6.863  3.381   -14.927 1.00 44.66  ? 100 LEU A O     1 
ATOM   740  C CB    . LEU A 1 94  ? -5.114  2.527   -12.431 1.00 32.99  ? 100 LEU A CB    1 
ATOM   741  C CG    . LEU A 1 94  ? -4.860  2.422   -10.921 1.00 32.99  ? 100 LEU A CG    1 
ATOM   742  C CD1   . LEU A 1 94  ? -4.113  1.107   -10.667 1.00 32.99  ? 100 LEU A CD1   1 
ATOM   743  C CD2   . LEU A 1 94  ? -4.026  3.629   -10.416 1.00 32.99  ? 100 LEU A CD2   1 
ATOM   744  N N     . THR A 1 95  ? -4.732  3.991   -15.257 1.00 38.68  ? 101 THR A N     1 
ATOM   745  C CA    . THR A 1 95  ? -4.815  3.801   -16.693 1.00 38.68  ? 101 THR A CA    1 
ATOM   746  C C     . THR A 1 95  ? -4.461  2.312   -16.849 1.00 38.68  ? 101 THR A C     1 
ATOM   747  O O     . THR A 1 95  ? -4.010  1.684   -15.878 1.00 38.68  ? 101 THR A O     1 
ATOM   748  C CB    . THR A 1 95  ? -3.774  4.660   -17.412 1.00 35.09  ? 101 THR A CB    1 
ATOM   749  O OG1   . THR A 1 95  ? -2.472  4.347   -16.894 1.00 35.09  ? 101 THR A OG1   1 
ATOM   750  C CG2   . THR A 1 95  ? -4.056  6.139   -17.201 1.00 35.09  ? 101 THR A CG2   1 
ATOM   751  N N     . THR A 1 96  ? -4.653  1.741   -18.037 1.00 50.83  ? 102 THR A N     1 
ATOM   752  C CA    . THR A 1 96  ? -4.333  0.319   -18.245 1.00 50.83  ? 102 THR A CA    1 
ATOM   753  C C     . THR A 1 96  ? -2.896  0.023   -17.833 1.00 50.83  ? 102 THR A C     1 
ATOM   754  O O     . THR A 1 96  ? -2.635  -0.924  -17.097 1.00 50.83  ? 102 THR A O     1 
ATOM   755  C CB    . THR A 1 96  ? -4.491  -0.114  -19.725 1.00 38.42  ? 102 THR A CB    1 
ATOM   756  O OG1   . THR A 1 96  ? -5.806  0.208   -20.187 1.00 38.42  ? 102 THR A OG1   1 
ATOM   757  C CG2   . THR A 1 96  ? -4.273  -1.626  -19.858 1.00 38.42  ? 102 THR A CG2   1 
ATOM   758  N N     . GLY A 1 97  ? -1.963  0.828   -18.327 1.00 42.94  ? 103 GLY A N     1 
ATOM   759  C CA    . GLY A 1 97  ? -0.575  0.632   -17.963 1.00 42.94  ? 103 GLY A CA    1 
ATOM   760  C C     . GLY A 1 97  ? -0.373  0.739   -16.457 1.00 42.94  ? 103 GLY A C     1 
ATOM   761  O O     . GLY A 1 97  ? 0.341   -0.071  -15.860 1.00 42.94  ? 103 GLY A O     1 
ATOM   762  N N     . GLY A 1 98  ? -1.000  1.743   -15.842 1.00 38.70  ? 104 GLY A N     1 
ATOM   763  C CA    . GLY A 1 98  ? -0.876  1.917   -14.406 1.00 38.70  ? 104 GLY A CA    1 
ATOM   764  C C     . GLY A 1 98  ? -1.316  0.649   -13.700 1.00 38.70  ? 104 GLY A C     1 
ATOM   765  O O     . GLY A 1 98  ? -0.665  0.195   -12.756 1.00 38.70  ? 104 GLY A O     1 
ATOM   766  N N     . ALA A 1 99  ? -2.421  0.078   -14.177 1.00 47.24  ? 105 ALA A N     1 
ATOM   767  C CA    . ALA A 1 99  ? -2.973  -1.151  -13.612 1.00 47.24  ? 105 ALA A CA    1 
ATOM   768  C C     . ALA A 1 99  ? -1.965  -2.287  -13.680 1.00 47.24  ? 105 ALA A C     1 
ATOM   769  O O     . ALA A 1 99  ? -1.787  -3.023  -12.712 1.00 47.24  ? 105 ALA A O     1 
ATOM   770  C CB    . ALA A 1 99  ? -4.256  -1.543  -14.357 1.00 42.30  ? 105 ALA A CB    1 
ATOM   771  N N     . ALA A 1 100 ? -1.304  -2.422  -14.827 1.00 52.11  ? 106 ALA A N     1 
ATOM   772  C CA    . ALA A 1 100 ? -0.315  -3.470  -15.021 1.00 52.11  ? 106 ALA A CA    1 
ATOM   773  C C     . ALA A 1 100 ? 0.854   -3.257  -14.059 1.00 52.11  ? 106 ALA A C     1 
ATOM   774  O O     . ALA A 1 100 ? 1.267   -4.175  -13.344 1.00 52.11  ? 106 ALA A O     1 
ATOM   775  C CB    . ALA A 1 100 ? 0.173   -3.463  -16.467 1.00 50.48  ? 106 ALA A CB    1 
ATOM   776  N N     . ILE A 1 101 ? 1.391   -2.045  -14.041 1.00 47.20  ? 107 ILE A N     1 
ATOM   777  C CA    . ILE A 1 101 ? 2.491   -1.741  -13.140 1.00 47.20  ? 107 ILE A CA    1 
ATOM   778  C C     . ILE A 1 101 ? 2.111   -2.157  -11.701 1.00 47.20  ? 107 ILE A C     1 
ATOM   779  O O     . ILE A 1 101 ? 2.878   -2.831  -11.006 1.00 47.20  ? 107 ILE A O     1 
ATOM   780  C CB    . ILE A 1 101 ? 2.801   -0.225  -13.144 1.00 46.42  ? 107 ILE A CB    1 
ATOM   781  C CG1   . ILE A 1 101 ? 3.261   0.222   -14.535 1.00 46.42  ? 107 ILE A CG1   1 
ATOM   782  C CG2   . ILE A 1 101 ? 3.839   0.091   -12.085 1.00 46.42  ? 107 ILE A CG2   1 
ATOM   783  C CD1   . ILE A 1 101 ? 4.516   -0.451  -15.020 1.00 46.42  ? 107 ILE A CD1   1 
ATOM   784  N N     . CYS A 1 102 ? 0.922   -1.749  -11.265 1.00 55.20  ? 108 CYS A N     1 
ATOM   785  C CA    . CYS A 1 102 ? 0.453   -2.060  -9.918  1.00 55.20  ? 108 CYS A CA    1 
ATOM   786  C C     . CYS A 1 102 ? 0.329   -3.551  -9.656  1.00 55.20  ? 108 CYS A C     1 
ATOM   787  O O     . CYS A 1 102 ? 0.429   -3.989  -8.506  1.00 55.20  ? 108 CYS A O     1 
ATOM   788  C CB    . CYS A 1 102 ? -0.895  -1.392  -9.648  1.00 50.25  ? 108 CYS A CB    1 
ATOM   789  S SG    . CYS A 1 102 ? -1.655  -1.891  -8.083  1.00 50.25  ? 108 CYS A SG    1 
ATOM   790  N N     . GLU A 1 103 ? 0.108   -4.328  -10.715 1.00 53.61  ? 109 GLU A N     1 
ATOM   791  C CA    . GLU A 1 103 ? -0.022  -5.774  -10.571 1.00 53.61  ? 109 GLU A CA    1 
ATOM   792  C C     . GLU A 1 103 ? 1.355   -6.439  -10.618 1.00 53.61  ? 109 GLU A C     1 
ATOM   793  O O     . GLU A 1 103 ? 1.606   -7.400  -9.894  1.00 53.61  ? 109 GLU A O     1 
ATOM   794  C CB    . GLU A 1 103 ? -0.928  -6.346  -11.663 1.00 109.75 ? 109 GLU A CB    1 
ATOM   795  C CG    . GLU A 1 103 ? -1.351  -7.790  -11.416 1.00 109.75 ? 109 GLU A CG    1 
ATOM   796  C CD    . GLU A 1 103 ? -2.011  -7.979  -10.058 1.00 109.75 ? 109 GLU A CD    1 
ATOM   797  O OE1   . GLU A 1 103 ? -3.018  -7.295  -9.785  1.00 109.75 ? 109 GLU A OE1   1 
ATOM   798  O OE2   . GLU A 1 103 ? -1.525  -8.812  -9.262  1.00 109.75 ? 109 GLU A OE2   1 
ATOM   799  N N     . GLN A 1 104 ? 2.248   -5.940  -11.463 1.00 70.78  ? 110 GLN A N     1 
ATOM   800  C CA    . GLN A 1 104 ? 3.588   -6.512  -11.521 1.00 70.78  ? 110 GLN A CA    1 
ATOM   801  C C     . GLN A 1 104 ? 4.208   -6.374  -10.136 1.00 70.78  ? 110 GLN A C     1 
ATOM   802  O O     . GLN A 1 104 ? 4.794   -7.320  -9.609  1.00 70.78  ? 110 GLN A O     1 
ATOM   803  C CB    . GLN A 1 104 ? 4.474   -5.765  -12.512 1.00 56.91  ? 110 GLN A CB    1 
ATOM   804  C CG    . GLN A 1 104 ? 4.297   -6.114  -13.972 1.00 56.91  ? 110 GLN A CG    1 
ATOM   805  C CD    . GLN A 1 104 ? 5.048   -5.133  -14.870 1.00 56.91  ? 110 GLN A CD    1 
ATOM   806  O OE1   . GLN A 1 104 ? 6.233   -4.848  -14.650 1.00 56.91  ? 110 GLN A OE1   1 
ATOM   807  N NE2   . GLN A 1 104 ? 4.359   -4.609  -15.880 1.00 56.91  ? 110 GLN A NE2   1 
ATOM   808  N N     . CYS A 1 105 ? 4.074   -5.180  -9.561  1.00 60.37  ? 111 CYS A N     1 
ATOM   809  C CA    . CYS A 1 105 ? 4.620   -4.880  -8.244  1.00 60.37  ? 111 CYS A CA    1 
ATOM   810  C C     . CYS A 1 105 ? 3.940   -5.654  -7.128  1.00 60.37  ? 111 CYS A C     1 
ATOM   811  O O     . CYS A 1 105 ? 4.610   -6.271  -6.297  1.00 60.37  ? 111 CYS A O     1 
ATOM   812  C CB    . CYS A 1 105 ? 4.489   -3.387  -7.933  1.00 52.09  ? 111 CYS A CB    1 
ATOM   813  S SG    . CYS A 1 105 ? 5.545   -2.271  -8.876  1.00 52.09  ? 111 CYS A SG    1 
ATOM   814  N N     . HIS A 1 106 ? 2.612   -5.603  -7.099  1.00 61.76  ? 112 HIS A N     1 
ATOM   815  C CA    . HIS A 1 106 ? 1.839   -6.285  -6.063  1.00 61.76  ? 112 HIS A CA    1 
ATOM   816  C C     . HIS A 1 106 ? 2.184   -7.767  -5.962  1.00 61.76  ? 112 HIS A C     1 
ATOM   817  O O     . HIS A 1 106 ? 2.267   -8.325  -4.864  1.00 61.76  ? 112 HIS A O     1 
ATOM   818  C CB    . HIS A 1 106 ? 0.345   -6.114  -6.334  1.00 68.17  ? 112 HIS A CB    1 
ATOM   819  C CG    . HIS A 1 106 ? -0.529  -6.576  -5.211  1.00 68.17  ? 112 HIS A CG    1 
ATOM   820  N ND1   . HIS A 1 106 ? -0.725  -7.909  -4.918  1.00 68.17  ? 112 HIS A ND1   1 
ATOM   821  C CD2   . HIS A 1 106 ? -1.255  -5.882  -4.304  1.00 68.17  ? 112 HIS A CD2   1 
ATOM   822  C CE1   . HIS A 1 106 ? -1.536  -8.015  -3.881  1.00 68.17  ? 112 HIS A CE1   1 
ATOM   823  N NE2   . HIS A 1 106 ? -1.872  -6.798  -3.490  1.00 68.17  ? 112 HIS A NE2   1 
ATOM   824  N N     . GLN A 1 107 ? 2.400   -8.394  -7.112  1.00 60.30  ? 113 GLN A N     1 
ATOM   825  C CA    . GLN A 1 107 ? 2.742   -9.805  -7.153  1.00 60.30  ? 113 GLN A CA    1 
ATOM   826  C C     . GLN A 1 107 ? 4.146   -10.073 -6.640  1.00 60.30  ? 113 GLN A C     1 
ATOM   827  O O     . GLN A 1 107 ? 4.341   -10.962 -5.816  1.00 60.30  ? 113 GLN A O     1 
ATOM   828  C CB    . GLN A 1 107 ? 2.605   -10.348 -8.576  1.00 102.85 ? 113 GLN A CB    1 
ATOM   829  C CG    . GLN A 1 107 ? 1.192   -10.276 -9.119  1.00 102.85 ? 113 GLN A CG    1 
ATOM   830  C CD    . GLN A 1 107 ? 1.043   -10.993 -10.441 1.00 102.85 ? 113 GLN A CD    1 
ATOM   831  O OE1   . GLN A 1 107 ? 1.809   -10.758 -11.373 1.00 102.85 ? 113 GLN A OE1   1 
ATOM   832  N NE2   . GLN A 1 107 ? 0.048   -11.869 -10.531 1.00 102.85 ? 113 GLN A NE2   1 
ATOM   833  N N     . LEU A 1 108 ? 5.122   -9.306  -7.121  1.00 64.71  ? 114 LEU A N     1 
ATOM   834  C CA    . LEU A 1 108 ? 6.512   -9.494  -6.705  1.00 64.71  ? 114 LEU A CA    1 
ATOM   835  C C     . LEU A 1 108 ? 6.724   -9.241  -5.212  1.00 64.71  ? 114 LEU A C     1 
ATOM   836  O O     . LEU A 1 108 ? 7.190   -10.116 -4.486  1.00 64.71  ? 114 LEU A O     1 
ATOM   837  C CB    . LEU A 1 108 ? 7.439   -8.585  -7.520  1.00 66.45  ? 114 LEU A CB    1 
ATOM   838  C CG    . LEU A 1 108 ? 7.223   -8.606  -9.038  1.00 66.45  ? 114 LEU A CG    1 
ATOM   839  C CD1   . LEU A 1 108 ? 8.382   -7.870  -9.728  1.00 66.45  ? 114 LEU A CD1   1 
ATOM   840  C CD2   . LEU A 1 108 ? 7.115   -10.046 -9.539  1.00 66.45  ? 114 LEU A CD2   1 
ATOM   841  N N     . VAL A 1 109 ? 6.387   -8.044  -4.751  1.00 115.02 ? 115 VAL A N     1 
ATOM   842  C CA    . VAL A 1 109 ? 6.557   -7.722  -3.344  1.00 115.02 ? 115 VAL A CA    1 
ATOM   843  C C     . VAL A 1 109 ? 5.797   -8.714  -2.470  1.00 115.02 ? 115 VAL A C     1 
ATOM   844  O O     . VAL A 1 109 ? 6.293   -9.146  -1.428  1.00 115.02 ? 115 VAL A O     1 
ATOM   845  C CB    . VAL A 1 109 ? 6.080   -6.288  -3.044  1.00 64.88  ? 115 VAL A CB    1 
ATOM   846  C CG1   . VAL A 1 109 ? 6.032   -6.053  -1.538  1.00 64.88  ? 115 VAL A CG1   1 
ATOM   847  C CG2   . VAL A 1 109 ? 7.019   -5.290  -3.713  1.00 64.88  ? 115 VAL A CG2   1 
ATOM   848  N N     . GLY A 1 110 ? 4.593   -9.079  -2.902  1.00 119.74 ? 116 GLY A N     1 
ATOM   849  C CA    . GLY A 1 110 ? 3.796   -10.023 -2.143  1.00 119.74 ? 116 GLY A CA    1 
ATOM   850  C C     . GLY A 1 110 ? 4.466   -11.381 -2.043  1.00 119.74 ? 116 GLY A C     1 
ATOM   851  O O     . GLY A 1 110 ? 4.207   -12.136 -1.108  1.00 119.74 ? 116 GLY A O     1 
ATOM   852  N N     . GLN A 1 111 ? 5.333   -11.688 -3.003  1.00 73.12  ? 117 GLN A N     1 
ATOM   853  C CA    . GLN A 1 111 ? 6.047   -12.966 -3.031  1.00 73.12  ? 117 GLN A CA    1 
ATOM   854  C C     . GLN A 1 111 ? 7.353   -12.946 -2.236  1.00 73.12  ? 117 GLN A C     1 
ATOM   855  O O     . GLN A 1 111 ? 7.852   -13.999 -1.842  1.00 73.12  ? 117 GLN A O     1 
ATOM   856  C CB    . GLN A 1 111 ? 6.342   -13.371 -4.478  1.00 96.60  ? 117 GLN A CB    1 
ATOM   857  C CG    . GLN A 1 111 ? 5.106   -13.701 -5.295  1.00 96.60  ? 117 GLN A CG    1 
ATOM   858  C CD    . GLN A 1 111 ? 5.399   -13.847 -6.780  1.00 96.60  ? 117 GLN A CD    1 
ATOM   859  O OE1   . GLN A 1 111 ? 4.503   -14.135 -7.576  1.00 96.60  ? 117 GLN A OE1   1 
ATOM   860  N NE2   . GLN A 1 111 ? 6.657   -13.644 -7.161  1.00 96.60  ? 117 GLN A NE2   1 
ATOM   861  N N     . ASP A 1 112 ? 7.906   -11.756 -2.013  1.00 69.89  ? 118 ASP A N     1 
ATOM   862  C CA    . ASP A 1 112 ? 9.151   -11.620 -1.261  1.00 69.89  ? 118 ASP A CA    1 
ATOM   863  C C     . ASP A 1 112 ? 8.888   -11.395 0.220   1.00 69.89  ? 118 ASP A C     1 
ATOM   864  O O     . ASP A 1 112 ? 9.644   -11.867 1.070   1.00 69.89  ? 118 ASP A O     1 
ATOM   865  C CB    . ASP A 1 112 ? 9.985   -10.453 -1.793  1.00 86.01  ? 118 ASP A CB    1 
ATOM   866  C CG    . ASP A 1 112 ? 10.548  -10.716 -3.171  1.00 86.01  ? 118 ASP A CG    1 
ATOM   867  O OD1   . ASP A 1 112 ? 11.314  -9.860  -3.661  1.00 86.01  ? 118 ASP A OD1   1 
ATOM   868  O OD2   . ASP A 1 112 ? 10.230  -11.769 -3.764  1.00 86.01  ? 118 ASP A OD2   1 
ATOM   869  N N     . LEU A 1 113 ? 7.824   -10.659 0.521   1.00 80.62  ? 119 LEU A N     1 
ATOM   870  C CA    . LEU A 1 113 ? 7.465   -10.378 1.904   1.00 80.62  ? 119 LEU A CA    1 
ATOM   871  C C     . LEU A 1 113 ? 7.056   -11.657 2.605   1.00 80.62  ? 119 LEU A C     1 
ATOM   872  O O     . LEU A 1 113 ? 7.602   -12.010 3.647   1.00 80.62  ? 119 LEU A O     1 
ATOM   873  C CB    . LEU A 1 113 ? 6.310   -9.376  1.969   1.00 80.69  ? 119 LEU A CB    1 
ATOM   874  C CG    . LEU A 1 113 ? 6.640   -7.894  1.795   1.00 80.69  ? 119 LEU A CG    1 
ATOM   875  C CD1   . LEU A 1 113 ? 5.348   -7.082  1.750   1.00 80.69  ? 119 LEU A CD1   1 
ATOM   876  C CD2   . LEU A 1 113 ? 7.517   -7.433  2.950   1.00 80.69  ? 119 LEU A CD2   1 
ATOM   877  N N     . HIS A 1 114 ? 6.086   -12.350 2.021   1.00 76.91  ? 120 HIS A N     1 
ATOM   878  C CA    . HIS A 1 114 ? 5.594   -13.593 2.586   1.00 76.91  ? 120 HIS A CA    1 
ATOM   879  C C     . HIS A 1 114 ? 6.775   -14.423 3.055   1.00 76.91  ? 120 HIS A C     1 
ATOM   880  O O     . HIS A 1 114 ? 6.806   -14.884 4.196   1.00 76.91  ? 120 HIS A O     1 
ATOM   881  C CB    . HIS A 1 114 ? 4.801   -14.375 1.536   1.00 119.42 ? 120 HIS A CB    1 
ATOM   882  C CG    . HIS A 1 114 ? 4.072   -15.560 2.089   1.00 119.42 ? 120 HIS A CG    1 
ATOM   883  N ND1   . HIS A 1 114 ? 4.698   -16.547 2.819   1.00 119.42 ? 120 HIS A ND1   1 
ATOM   884  C CD2   . HIS A 1 114 ? 2.769   -15.920 2.009   1.00 119.42 ? 120 HIS A CD2   1 
ATOM   885  C CE1   . HIS A 1 114 ? 3.813   -17.464 3.166   1.00 119.42 ? 120 HIS A CE1   1 
ATOM   886  N NE2   . HIS A 1 114 ? 2.635   -17.108 2.686   1.00 119.42 ? 120 HIS A NE2   1 
ATOM   887  N N     . GLN A 1 115 ? 7.752   -14.599 2.170   1.00 79.07  ? 121 GLN A N     1 
ATOM   888  C CA    . GLN A 1 115 ? 8.944   -15.375 2.488   1.00 79.07  ? 121 GLN A CA    1 
ATOM   889  C C     . GLN A 1 115 ? 9.717   -14.737 3.634   1.00 79.07  ? 121 GLN A C     1 
ATOM   890  O O     . GLN A 1 115 ? 9.860   -15.333 4.700   1.00 79.07  ? 121 GLN A O     1 
ATOM   891  C CB    . GLN A 1 115 ? 9.853   -15.479 1.263   1.00 96.87  ? 121 GLN A CB    1 
ATOM   892  C CG    . GLN A 1 115 ? 9.155   -15.994 0.019   1.00 96.87  ? 121 GLN A CG    1 
ATOM   893  C CD    . GLN A 1 115 ? 8.452   -17.319 0.247   1.00 96.87  ? 121 GLN A CD    1 
ATOM   894  O OE1   . GLN A 1 115 ? 9.070   -18.295 0.676   1.00 96.87  ? 121 GLN A OE1   1 
ATOM   895  N NE2   . GLN A 1 115 ? 7.155   -17.363 -0.044  1.00 96.87  ? 121 GLN A NE2   1 
ATOM   896  N N     . GLU A 1 116 ? 10.206  -13.521 3.413   1.00 53.54  ? 122 GLU A N     1 
ATOM   897  C CA    . GLU A 1 116 ? 10.979  -12.821 4.433   1.00 53.54  ? 122 GLU A CA    1 
ATOM   898  C C     . GLU A 1 116 ? 10.322  -12.748 5.802   1.00 53.54  ? 122 GLU A C     1 
ATOM   899  O O     . GLU A 1 116 ? 10.977  -12.996 6.817   1.00 53.54  ? 122 GLU A O     1 
ATOM   900  C CB    . GLU A 1 116 ? 11.327  -11.408 3.964   1.00 88.00  ? 122 GLU A CB    1 
ATOM   901  C CG    . GLU A 1 116 ? 12.524  -11.343 3.029   1.00 88.00  ? 122 GLU A CG    1 
ATOM   902  C CD    . GLU A 1 116 ? 13.720  -12.095 3.576   1.00 88.00  ? 122 GLU A CD    1 
ATOM   903  O OE1   . GLU A 1 116 ? 13.794  -13.325 3.365   1.00 88.00  ? 122 GLU A OE1   1 
ATOM   904  O OE2   . GLU A 1 116 ? 14.576  -11.458 4.227   1.00 88.00  ? 122 GLU A OE2   1 
ATOM   905  N N     . LEU A 1 117 ? 9.036   -12.407 5.834   1.00 72.38  ? 123 LEU A N     1 
ATOM   906  C CA    . LEU A 1 117 ? 8.298   -12.300 7.091   1.00 72.38  ? 123 LEU A CA    1 
ATOM   907  C C     . LEU A 1 117 ? 8.139   -13.656 7.760   1.00 72.38  ? 123 LEU A C     1 
ATOM   908  O O     . LEU A 1 117 ? 8.221   -13.782 8.985   1.00 72.38  ? 123 LEU A O     1 
ATOM   909  C CB    . LEU A 1 117 ? 6.900   -11.717 6.847   1.00 59.40  ? 123 LEU A CB    1 
ATOM   910  C CG    . LEU A 1 117 ? 6.776   -10.279 6.351   1.00 59.40  ? 123 LEU A CG    1 
ATOM   911  C CD1   . LEU A 1 117 ? 5.309   -9.935  6.133   1.00 59.40  ? 123 LEU A CD1   1 
ATOM   912  C CD2   . LEU A 1 117 ? 7.410   -9.347  7.374   1.00 59.40  ? 123 LEU A CD2   1 
ATOM   913  N N     . THR A 1 118 ? 7.904   -14.666 6.933   1.00 64.43  ? 124 THR A N     1 
ATOM   914  C CA    . THR A 1 118 ? 7.694   -16.032 7.391   1.00 64.43  ? 124 THR A CA    1 
ATOM   915  C C     . THR A 1 118 ? 8.991   -16.831 7.468   1.00 64.43  ? 124 THR A C     1 
ATOM   916  O O     . THR A 1 118 ? 8.988   -17.966 7.928   1.00 64.43  ? 124 THR A O     1 
ATOM   917  C CB    . THR A 1 118 ? 6.689   -16.742 6.436   1.00 67.40  ? 124 THR A CB    1 
ATOM   918  O OG1   . THR A 1 118 ? 5.355   -16.339 6.766   1.00 67.40  ? 124 THR A OG1   1 
ATOM   919  C CG2   . THR A 1 118 ? 6.804   -18.248 6.515   1.00 67.40  ? 124 THR A CG2   1 
ATOM   920  N N     . LYS A 1 119 ? 10.099  -16.227 7.042   1.00 52.23  ? 125 LYS A N     1 
ATOM   921  C CA    . LYS A 1 119 ? 11.396  -16.905 7.019   1.00 52.23  ? 125 LYS A CA    1 
ATOM   922  C C     . LYS A 1 119 ? 11.758  -17.702 8.271   1.00 52.23  ? 125 LYS A C     1 
ATOM   923  O O     . LYS A 1 119 ? 12.369  -18.766 8.170   1.00 52.23  ? 125 LYS A O     1 
ATOM   924  C CB    . LYS A 1 119 ? 12.525  -15.906 6.736   1.00 85.46  ? 125 LYS A CB    1 
ATOM   925  C CG    . LYS A 1 119 ? 12.881  -14.991 7.907   1.00 85.46  ? 125 LYS A CG    1 
ATOM   926  C CD    . LYS A 1 119 ? 14.141  -14.182 7.601   1.00 85.46  ? 125 LYS A CD    1 
ATOM   927  C CE    . LYS A 1 119 ? 14.505  -13.220 8.726   1.00 85.46  ? 125 LYS A CE    1 
ATOM   928  N NZ    . LYS A 1 119 ? 15.735  -12.444 8.395   1.00 85.46  ? 125 LYS A NZ    1 
ATOM   929  N N     . ASN A 1 120 ? 11.390  -17.200 9.448   1.00 50.93  ? 126 ASN A N     1 
ATOM   930  C CA    . ASN A 1 120 ? 11.729  -17.902 10.674  1.00 50.93  ? 126 ASN A CA    1 
ATOM   931  C C     . ASN A 1 120 ? 10.607  -18.343 11.602  1.00 50.93  ? 126 ASN A C     1 
ATOM   932  O O     . ASN A 1 120 ? 10.849  -19.111 12.526  1.00 50.93  ? 126 ASN A O     1 
ATOM   933  C CB    . ASN A 1 120 ? 12.771  -17.095 11.468  1.00 72.05  ? 126 ASN A CB    1 
ATOM   934  C CG    . ASN A 1 120 ? 12.463  -15.610 11.515  1.00 72.05  ? 126 ASN A CG    1 
ATOM   935  O OD1   . ASN A 1 120 ? 13.276  -14.813 11.993  1.00 72.05  ? 126 ASN A OD1   1 
ATOM   936  N ND2   . ASN A 1 120 ? 11.287  -15.228 11.021  1.00 72.05  ? 126 ASN A ND2   1 
ATOM   937  N N     . LEU A 1 121 ? 9.379   -17.902 11.385  1.00 113.27 ? 127 LEU A N     1 
ATOM   938  C CA    . LEU A 1 121 ? 8.340   -18.360 12.292  1.00 113.27 ? 127 LEU A CA    1 
ATOM   939  C C     . LEU A 1 121 ? 7.593   -19.562 11.714  1.00 113.27 ? 127 LEU A C     1 
ATOM   940  O O     . LEU A 1 121 ? 6.844   -20.230 12.427  1.00 113.27 ? 127 LEU A O     1 
ATOM   941  C CB    . LEU A 1 121 ? 7.370   -17.218 12.632  1.00 65.66  ? 127 LEU A CB    1 
ATOM   942  C CG    . LEU A 1 121 ? 6.199   -16.875 11.716  1.00 65.66  ? 127 LEU A CG    1 
ATOM   943  C CD1   . LEU A 1 121 ? 5.188   -18.022 11.674  1.00 65.66  ? 127 LEU A CD1   1 
ATOM   944  C CD2   . LEU A 1 121 ? 5.521   -15.625 12.248  1.00 65.66  ? 127 LEU A CD2   1 
ATOM   945  N N     . THR A 1 122 ? 7.822   -19.842 10.431  1.00 81.99  ? 128 THR A N     1 
ATOM   946  C CA    . THR A 1 122 ? 7.168   -20.952 9.728   1.00 81.99  ? 128 THR A CA    1 
ATOM   947  C C     . THR A 1 122 ? 6.879   -22.185 10.591  1.00 81.99  ? 128 THR A C     1 
ATOM   948  O O     . THR A 1 122 ? 5.810   -22.795 10.480  1.00 81.99  ? 128 THR A O     1 
ATOM   949  C CB    . THR A 1 122 ? 7.995   -21.416 8.505   1.00 99.66  ? 128 THR A CB    1 
ATOM   950  O OG1   . THR A 1 122 ? 8.272   -20.295 7.655   1.00 99.66  ? 128 THR A OG1   1 
ATOM   951  C CG2   . THR A 1 122 ? 7.217   -22.455 7.702   1.00 99.66  ? 128 THR A CG2   1 
ATOM   952  N N     . ALA A 1 123 ? 7.834   -22.561 11.434  1.00 102.35 ? 129 ALA A N     1 
ATOM   953  C CA    . ALA A 1 123 ? 7.653   -23.709 12.309  1.00 102.35 ? 129 ALA A CA    1 
ATOM   954  C C     . ALA A 1 123 ? 6.407   -23.460 13.150  1.00 102.35 ? 129 ALA A C     1 
ATOM   955  O O     . ALA A 1 123 ? 5.449   -24.235 13.103  1.00 102.35 ? 129 ALA A O     1 
ATOM   956  C CB    . ALA A 1 123 ? 8.868   -23.881 13.211  1.00 76.05  ? 129 ALA A CB    1 
ATOM   957  N N     . ASP A 1 124 ? 6.443   -22.388 13.948  1.00 89.67  ? 130 ASP A N     1 
ATOM   958  C CA    . ASP A 1 124 ? 5.299   -21.985 14.763  1.00 89.67  ? 130 ASP A CA    1 
ATOM   959  C C     . ASP A 1 124 ? 4.072   -21.876 13.879  1.00 89.67  ? 130 ASP A C     1 
ATOM   960  O O     . ASP A 1 124 ? 2.926   -21.944 14.353  1.00 89.67  ? 130 ASP A O     1 
ATOM   961  C CB    . ASP A 1 124 ? 5.560   -20.633 15.437  1.00 103.50 ? 130 ASP A CB    1 
ATOM   962  C CG    . ASP A 1 124 ? 6.929   -20.615 16.098  1.00 103.50 ? 130 ASP A CG    1 
ATOM   963  O OD1   . ASP A 1 124 ? 7.944   -20.821 15.399  1.00 103.50 ? 130 ASP A OD1   1 
ATOM   964  O OD2   . ASP A 1 124 ? 6.969   -20.393 17.326  1.00 103.50 ? 130 ASP A OD2   1 
ATOM   965  N N     . GLU A 1 125 ? 4.307   -21.674 12.559  1.00 61.61  ? 131 GLU A N     1 
ATOM   966  C CA    . GLU A 1 125 ? 3.267   -21.712 11.474  1.00 61.61  ? 131 GLU A CA    1 
ATOM   967  C C     . GLU A 1 125 ? 2.444   -20.474 11.142  1.00 61.61  ? 131 GLU A C     1 
ATOM   968  O O     . GLU A 1 125 ? 1.481   -20.168 11.851  1.00 61.61  ? 131 GLU A O     1 
ATOM   969  C CB    . GLU A 1 125 ? 2.294   -22.815 11.818  1.00 59.54  ? 131 GLU A CB    1 
ATOM   970  C CG    . GLU A 1 125 ? 1.486   -23.134 10.594  1.00 59.54  ? 131 GLU A CG    1 
ATOM   971  C CD    . GLU A 1 125 ? 2.418   -23.373 9.438   1.00 59.54  ? 131 GLU A CD    1 
ATOM   972  O OE1   . GLU A 1 125 ? 2.231   -22.757 8.360   1.00 59.54  ? 131 GLU A OE1   1 
ATOM   973  O OE2   . GLU A 1 125 ? 3.360   -24.169 9.593   1.00 59.54  ? 131 GLU A OE2   1 
ATOM   974  N N     . VAL A 1 126 ? 2.767   -19.710 10.078  1.00 61.80  ? 132 VAL A N     1 
ATOM   975  C CA    . VAL A 1 126 ? 2.083   -18.425 9.730   1.00 61.80  ? 132 VAL A CA    1 
ATOM   976  C C     . VAL A 1 126 ? 0.559   -18.416 9.925   1.00 61.80  ? 132 VAL A C     1 
ATOM   977  O O     . VAL A 1 126 ? -0.046  -17.385 10.167  1.00 61.80  ? 132 VAL A O     1 
ATOM   978  C CB    . VAL A 1 126 ? 2.464   -18.036 8.295   1.00 77.83  ? 132 VAL A CB    1 
ATOM   979  C CG1   . VAL A 1 126 ? 2.169   -16.568 8.025   1.00 77.83  ? 132 VAL A CG1   1 
ATOM   980  C CG2   . VAL A 1 126 ? 3.930   -18.333 8.042   1.00 77.83  ? 132 VAL A CG2   1 
ATOM   981  N N     . ALA A 1 127 ? 0.000   -19.602 9.778   1.00 74.99  ? 133 ALA A N     1 
ATOM   982  C CA    . ALA A 1 127 ? -1.434  -19.829 9.916   1.00 74.99  ? 133 ALA A CA    1 
ATOM   983  C C     . ALA A 1 127 ? -1.927  -19.491 11.326  1.00 74.99  ? 133 ALA A C     1 
ATOM   984  O O     . ALA A 1 127 ? -3.037  -18.995 11.491  1.00 74.99  ? 133 ALA A O     1 
ATOM   985  C CB    . ALA A 1 127 ? -1.793  -21.264 9.568   1.00 70.55  ? 133 ALA A CB    1 
ATOM   986  N N     . THR A 1 128 ? -1.112  -19.767 12.340  1.00 59.60  ? 134 THR A N     1 
ATOM   987  C CA    . THR A 1 128 ? -1.486  -19.467 13.720  1.00 59.60  ? 134 THR A CA    1 
ATOM   988  C C     . THR A 1 128 ? -1.450  -17.953 13.972  1.00 59.60  ? 134 THR A C     1 
ATOM   989  O O     . THR A 1 128 ? -2.380  -17.385 14.546  1.00 59.60  ? 134 THR A O     1 
ATOM   990  C CB    . THR A 1 128 ? -0.528  -20.161 14.697  1.00 48.57  ? 134 THR A CB    1 
ATOM   991  O OG1   . THR A 1 128 ? -0.471  -21.557 14.373  1.00 48.57  ? 134 THR A OG1   1 
ATOM   992  C CG2   . THR A 1 128 ? -0.994  -19.990 16.145  1.00 48.57  ? 134 THR A CG2   1 
ATOM   993  N N     . LEU A 1 129 ? -0.370  -17.303 13.551  1.00 52.11  ? 135 LEU A N     1 
ATOM   994  C CA    . LEU A 1 129 ? -0.251  -15.865 13.720  1.00 52.11  ? 135 LEU A CA    1 
ATOM   995  C C     . LEU A 1 129 ? -1.400  -15.218 12.962  1.00 52.11  ? 135 LEU A C     1 
ATOM   996  O O     . LEU A 1 129 ? -2.061  -14.310 13.468  1.00 52.11  ? 135 LEU A O     1 
ATOM   997  C CB    . LEU A 1 129 ? 1.079   -15.368 13.158  1.00 28.91  ? 135 LEU A CB    1 
ATOM   998  C CG    . LEU A 1 129 ? 1.336   -13.842 13.206  1.00 28.91  ? 135 LEU A CG    1 
ATOM   999  C CD1   . LEU A 1 129 ? 1.188   -13.314 14.629  1.00 28.91  ? 135 LEU A CD1   1 
ATOM   1000 C CD2   . LEU A 1 129 ? 2.741   -13.557 12.668  1.00 28.91  ? 135 LEU A CD2   1 
ATOM   1001 N N     . GLU A 1 130 ? -1.649  -15.706 11.752  1.00 51.30  ? 136 GLU A N     1 
ATOM   1002 C CA    . GLU A 1 130 ? -2.723  -15.164 10.933  1.00 51.30  ? 136 GLU A CA    1 
ATOM   1003 C C     . GLU A 1 130 ? -4.057  -15.335 11.652  1.00 51.30  ? 136 GLU A C     1 
ATOM   1004 O O     . GLU A 1 130 ? -4.881  -14.429 11.677  1.00 51.30  ? 136 GLU A O     1 
ATOM   1005 C CB    . GLU A 1 130 ? -2.754  -15.872 9.578   1.00 50.36  ? 136 GLU A CB    1 
ATOM   1006 C CG    . GLU A 1 130 ? -1.388  -15.976 8.928   1.00 50.36  ? 136 GLU A CG    1 
ATOM   1007 C CD    . GLU A 1 130 ? -1.438  -16.456 7.487   1.00 50.36  ? 136 GLU A CD    1 
ATOM   1008 O OE1   . GLU A 1 130 ? -2.182  -17.420 7.187   1.00 50.36  ? 136 GLU A OE1   1 
ATOM   1009 O OE2   . GLU A 1 130 ? -0.711  -15.872 6.652   1.00 50.36  ? 136 GLU A OE2   1 
ATOM   1010 N N     . TYR A 1 131 ? -4.253  -16.499 12.253  1.00 48.14  ? 137 TYR A N     1 
ATOM   1011 C CA    . TYR A 1 131 ? -5.477  -16.785 12.972  1.00 48.14  ? 137 TYR A CA    1 
ATOM   1012 C C     . TYR A 1 131 ? -5.694  -15.763 14.077  1.00 48.14  ? 137 TYR A C     1 
ATOM   1013 O O     . TYR A 1 131 ? -6.722  -15.086 14.109  1.00 48.14  ? 137 TYR A O     1 
ATOM   1014 C CB    . TYR A 1 131 ? -5.414  -18.186 13.580  1.00 62.08  ? 137 TYR A CB    1 
ATOM   1015 C CG    . TYR A 1 131 ? -6.613  -18.519 14.428  1.00 62.08  ? 137 TYR A CG    1 
ATOM   1016 C CD1   . TYR A 1 131 ? -7.842  -18.803 13.844  1.00 62.08  ? 137 TYR A CD1   1 
ATOM   1017 C CD2   . TYR A 1 131 ? -6.527  -18.507 15.819  1.00 62.08  ? 137 TYR A CD2   1 
ATOM   1018 C CE1   . TYR A 1 131 ? -8.965  -19.068 14.620  1.00 62.08  ? 137 TYR A CE1   1 
ATOM   1019 C CE2   . TYR A 1 131 ? -7.642  -18.769 16.613  1.00 62.08  ? 137 TYR A CE2   1 
ATOM   1020 C CZ    . TYR A 1 131 ? -8.860  -19.048 16.003  1.00 62.08  ? 137 TYR A CZ    1 
ATOM   1021 O OH    . TYR A 1 131 ? -9.976  -19.288 16.776  1.00 62.08  ? 137 TYR A OH    1 
ATOM   1022 N N     . LEU A 1 132 ? -4.733  -15.664 14.992  1.00 37.88  ? 138 LEU A N     1 
ATOM   1023 C CA    . LEU A 1 132 ? -4.829  -14.711 16.096  1.00 37.88  ? 138 LEU A CA    1 
ATOM   1024 C C     . LEU A 1 132 ? -4.971  -13.262 15.606  1.00 37.88  ? 138 LEU A C     1 
ATOM   1025 O O     . LEU A 1 132 ? -5.721  -12.482 16.188  1.00 37.88  ? 138 LEU A O     1 
ATOM   1026 C CB    . LEU A 1 132 ? -3.608  -14.833 17.013  1.00 65.29  ? 138 LEU A CB    1 
ATOM   1027 C CG    . LEU A 1 132 ? -3.501  -16.117 17.847  1.00 65.29  ? 138 LEU A CG    1 
ATOM   1028 C CD1   . LEU A 1 132 ? -2.250  -16.086 18.707  1.00 65.29  ? 138 LEU A CD1   1 
ATOM   1029 C CD2   . LEU A 1 132 ? -4.729  -16.242 18.725  1.00 65.29  ? 138 LEU A CD2   1 
ATOM   1030 N N     . LEU A 1 133 ? -4.263  -12.902 14.538  1.00 37.74  ? 139 LEU A N     1 
ATOM   1031 C CA    . LEU A 1 133 ? -4.350  -11.544 14.016  1.00 37.74  ? 139 LEU A CA    1 
ATOM   1032 C C     . LEU A 1 133 ? -5.757  -11.246 13.520  1.00 37.74  ? 139 LEU A C     1 
ATOM   1033 O O     . LEU A 1 133 ? -6.181  -10.092 13.494  1.00 37.74  ? 139 LEU A O     1 
ATOM   1034 C CB    . LEU A 1 133 ? -3.347  -11.331 12.877  1.00 35.40  ? 139 LEU A CB    1 
ATOM   1035 C CG    . LEU A 1 133 ? -1.890  -11.045 13.263  1.00 35.40  ? 139 LEU A CG    1 
ATOM   1036 C CD1   . LEU A 1 133 ? -1.045  -10.951 11.994  1.00 35.40  ? 139 LEU A CD1   1 
ATOM   1037 C CD2   . LEU A 1 133 ? -1.802  -9.751  14.062  1.00 35.40  ? 139 LEU A CD2   1 
ATOM   1038 N N     . LYS A 1 134 ? -6.478  -12.284 13.112  1.00 53.22  ? 140 LYS A N     1 
ATOM   1039 C CA    . LYS A 1 134 ? -7.845  -12.093 12.634  1.00 53.22  ? 140 LYS A CA    1 
ATOM   1040 C C     . LYS A 1 134 ? -8.749  -11.803 13.816  1.00 53.22  ? 140 LYS A C     1 
ATOM   1041 O O     . LYS A 1 134 ? -9.633  -10.952 13.729  1.00 53.22  ? 140 LYS A O     1 
ATOM   1042 C CB    . LYS A 1 134 ? -8.350  -13.331 11.886  1.00 43.83  ? 140 LYS A CB    1 
ATOM   1043 C CG    . LYS A 1 134 ? -7.707  -13.536 10.520  1.00 43.83  ? 140 LYS A CG    1 
ATOM   1044 C CD    . LYS A 1 134 ? -8.280  -14.751 9.804   1.00 43.83  ? 140 LYS A CD    1 
ATOM   1045 C CE    . LYS A 1 134 ? -7.704  -14.896 8.405   1.00 43.83  ? 140 LYS A CE    1 
ATOM   1046 N NZ    . LYS A 1 134 ? -8.373  -15.998 7.645   1.00 43.83  ? 140 LYS A NZ    1 
ATOM   1047 N N     . LYS A 1 135 ? -8.514  -12.502 14.925  1.00 43.02  ? 141 LYS A N     1 
ATOM   1048 C CA    . LYS A 1 135 ? -9.315  -12.315 16.130  1.00 43.02  ? 141 LYS A CA    1 
ATOM   1049 C C     . LYS A 1 135 ? -9.194  -10.902 16.685  1.00 43.02  ? 141 LYS A C     1 
ATOM   1050 O O     . LYS A 1 135 ? -9.905  -10.533 17.621  1.00 43.02  ? 141 LYS A O     1 
ATOM   1051 C CB    . LYS A 1 135 ? -8.922  -13.330 17.214  1.00 56.38  ? 141 LYS A CB    1 
ATOM   1052 C CG    . LYS A 1 135 ? -9.208  -14.777 16.849  1.00 56.38  ? 141 LYS A CG    1 
ATOM   1053 C CD    . LYS A 1 135 ? -9.316  -15.662 18.087  1.00 56.38  ? 141 LYS A CD    1 
ATOM   1054 C CE    . LYS A 1 135 ? -10.607 -15.375 18.865  1.00 56.38  ? 141 LYS A CE    1 
ATOM   1055 N NZ    . LYS A 1 135 ? -10.770 -16.196 20.117  1.00 56.38  ? 141 LYS A NZ    1 
ATOM   1056 N N     . VAL A 1 136 ? -8.297  -10.110 16.109  1.00 64.66  ? 142 VAL A N     1 
ATOM   1057 C CA    . VAL A 1 136 ? -8.107  -8.730  16.536  1.00 64.66  ? 142 VAL A CA    1 
ATOM   1058 C C     . VAL A 1 136 ? -8.970  -7.764  15.710  1.00 64.66  ? 142 VAL A C     1 
ATOM   1059 O O     . VAL A 1 136 ? -9.348  -6.696  16.193  1.00 64.66  ? 142 VAL A O     1 
ATOM   1060 C CB    . VAL A 1 136 ? -6.621  -8.298  16.392  1.00 36.71  ? 142 VAL A CB    1 
ATOM   1061 C CG1   . VAL A 1 136 ? -6.486  -6.806  16.644  1.00 36.71  ? 142 VAL A CG1   1 
ATOM   1062 C CG2   . VAL A 1 136 ? -5.745  -9.080  17.363  1.00 36.71  ? 142 VAL A CG2   1 
ATOM   1063 N N     . LEU A 1 137 ? -9.295  -8.148  14.479  1.00 55.78  ? 143 LEU A N     1 
ATOM   1064 C CA    . LEU A 1 137 ? -10.072 -7.289  13.583  1.00 55.78  ? 143 LEU A CA    1 
ATOM   1065 C C     . LEU A 1 137 ? -11.561 -7.027  13.876  1.00 55.78  ? 143 LEU A C     1 
ATOM   1066 O O     . LEU A 1 137 ? -12.011 -5.874  13.869  1.00 55.78  ? 143 LEU A O     1 
ATOM   1067 C CB    . LEU A 1 137 ? -9.915  -7.790  12.141  1.00 39.23  ? 143 LEU A CB    1 
ATOM   1068 C CG    . LEU A 1 137 ? -8.502  -7.571  11.603  1.00 39.23  ? 143 LEU A CG    1 
ATOM   1069 C CD1   . LEU A 1 137 ? -8.401  -8.025  10.173  1.00 39.23  ? 143 LEU A CD1   1 
ATOM   1070 C CD2   . LEU A 1 137 ? -8.156  -6.102  11.724  1.00 39.23  ? 143 LEU A CD2   1 
ATOM   1071 N N     . PRO A 1 138 ? -12.347 -8.080  14.131  1.00 58.86  ? 144 PRO A N     1 
ATOM   1072 C CA    . PRO A 1 138 ? -13.763 -7.819  14.406  1.00 58.86  ? 144 PRO A CA    1 
ATOM   1073 C C     . PRO A 1 138 ? -14.013 -6.962  15.658  1.00 58.86  ? 144 PRO A C     1 
ATOM   1074 O O     . PRO A 1 138 ? -13.106 -6.853  16.509  1.00 58.86  ? 144 PRO A O     1 
ATOM   1075 C CB    . PRO A 1 138 ? -14.351 -9.227  14.527  1.00 69.58  ? 144 PRO A CB    1 
ATOM   1076 C CG    . PRO A 1 138 ? -13.203 -10.018 15.080  1.00 69.58  ? 144 PRO A CG    1 
ATOM   1077 C CD    . PRO A 1 138 ? -12.032 -9.512  14.274  1.00 69.58  ? 144 PRO A CD    1 
ATOM   1078 O OXT   . PRO A 1 138 ? -15.126 -6.412  15.775  1.00 69.58  ? 144 PRO A OXT   1 
HETATM 1079 C "C1'" . SAL B 2 .   ? -6.462  17.006  -7.866  1.00 44.77  ? 256 SAL A "C1'" 1 
HETATM 1080 O "O1'" . SAL B 2 .   ? -7.158  17.072  -8.996  1.00 44.77  ? 256 SAL A "O1'" 1 
HETATM 1081 O "O2'" . SAL B 2 .   ? -5.278  16.641  -7.870  1.00 44.77  ? 256 SAL A "O2'" 1 
HETATM 1082 C C1    . SAL B 2 .   ? -7.176  17.388  -6.629  1.00 44.77  ? 256 SAL A C1    1 
HETATM 1083 C C2    . SAL B 2 .   ? -6.489  17.341  -5.347  1.00 44.77  ? 256 SAL A C2    1 
HETATM 1084 C C3    . SAL B 2 .   ? -7.149  17.697  -4.146  1.00 44.77  ? 256 SAL A C3    1 
HETATM 1085 C C4    . SAL B 2 .   ? -8.481  18.103  -4.158  1.00 44.77  ? 256 SAL A C4    1 
HETATM 1086 C C5    . SAL B 2 .   ? -9.250  18.166  -5.535  1.00 44.77  ? 256 SAL A C5    1 
HETATM 1087 C C6    . SAL B 2 .   ? -8.555  17.804  -6.685  1.00 44.77  ? 256 SAL A C6    1 
HETATM 1088 O O2    . SAL B 2 .   ? -5.191  16.958  -5.227  1.00 44.77  ? 256 SAL A O2    1 
HETATM 1089 C "C1'" . SAL C 2 .   ? 6.247   11.347  -5.474  1.00 42.17  ? 257 SAL A "C1'" 1 
HETATM 1090 O "O1'" . SAL C 2 .   ? 6.772   10.488  -6.339  1.00 42.17  ? 257 SAL A "O1'" 1 
HETATM 1091 O "O2'" . SAL C 2 .   ? 5.701   12.419  -5.861  1.00 42.17  ? 257 SAL A "O2'" 1 
HETATM 1092 C C1    . SAL C 2 .   ? 6.352   10.954  -4.052  1.00 42.17  ? 257 SAL A C1    1 
HETATM 1093 C C2    . SAL C 2 .   ? 5.806   11.818  -3.001  1.00 42.17  ? 257 SAL A C2    1 
HETATM 1094 C C3    . SAL C 2 .   ? 5.901   11.452  -1.624  1.00 42.17  ? 257 SAL A C3    1 
HETATM 1095 C C4    . SAL C 2 .   ? 6.527   10.252  -1.241  1.00 42.17  ? 257 SAL A C4    1 
HETATM 1096 C C5    . SAL C 2 .   ? 7.124   9.311   -2.377  1.00 42.17  ? 257 SAL A C5    1 
HETATM 1097 C C6    . SAL C 2 .   ? 6.995   9.721   -3.701  1.00 42.17  ? 257 SAL A C6    1 
HETATM 1098 O O2    . SAL C 2 .   ? 5.179   13.014  -3.272  1.00 42.17  ? 257 SAL A O2    1 
# 
